data_8R1M
#
_entry.id   8R1M
#
_cell.length_a   54.975
_cell.length_b   165.149
_cell.length_c   178.921
_cell.angle_alpha   90
_cell.angle_beta   90
_cell.angle_gamma   90
#
_symmetry.space_group_name_H-M   'P 21 21 21'
#
loop_
_entity.id
_entity.type
_entity.pdbx_description
1 polymer Glucosylceramidase
2 non-polymer 'CALCIUM ION'
3 non-polymer 'CHLORIDE ION'
4 non-polymer 'SULFATE ION'
5 non-polymer (1R,2R,3R,4S)-4-[8-(azanyldiazenyl)octylamino]-3-(hydroxymethyl)cyclopentane-1,2-diol
6 water water
#
_entity_poly.entity_id   1
_entity_poly.type   'polypeptide(L)'
_entity_poly.pdbx_seq_one_letter_code
;AMALTGCSEKININEDKISHKIDIPDSAWTIGIGEKFKNAGHPNVKYPMIDDSYVQGAPLGGFGAGTIGRTYNGGFSRWH
LEIGKNKYTTVYANQFSVFQKVEGNKDGVAQVLYAGEPENGYLSSWKWDYPKESGMYYALYPNSWYTYTNKDLPVQLAVK
QFSPIIPYNYKETSYPVAVFKWTAYNPTNKNVDVSIMFTWQNMIGFFGKQVNVNSGNFNKIIKDKSKDSEIVAAVMGNIS
NDNEEWNGEYSIGVKKVPGVDISYKAKFVTTGDGSDLWHEFSKNGILDNKDDETPTKQDGIGSAIAVNFKLQPGQTIEVP
FALSWDLPIMKFGGGDKWYKMYTKYFGKNGKNSFAILKEALNNYQKWEKMIDDWQKPILSNKSKPDWYKTALFNELYYLA
DGGTAWENGKVGEKDKRTNNMFGLLECFDYNYYETLDVRFYGSFPLVMLWPDIEKQVMRQFADTINVQDSSEFKVGSNGA
MAVKKVQGMIPHDLGSSYALPWIKINAYDWQNPNIWKDLNSKYVLLVYRDYVLTGKTDKEFLKYTWKSVKTALDKLKEMD
KDNDGIPDNEGIPDQTYDTWSMKGTSAYCGSLWLAALKAAQEIGKVLKDNEAYIKYNEWYKIAQQNFEKELWNGEYYNFD
TESDHKDSIMADQLAGQWYADILRLGDILPKDHVQKALKKIYEFNVMKFENGKMGAVNGMRPDGIVDESDIQAQEVWTGV
TYALASFMKYRGMTEEAYNTAYGVYKMTYDKSGKGYWFRTPEAWTKDGNYRASMYMRPLSIWSMEVNYNEVLEHHHHHH
;
_entity_poly.pdbx_strand_id   A,B
#
loop_
_chem_comp.id
_chem_comp.type
_chem_comp.name
_chem_comp.formula
CA non-polymer 'CALCIUM ION' 'Ca 2'
CL non-polymer 'CHLORIDE ION' 'Cl -1'
SO4 non-polymer 'SULFATE ION' 'O4 S -2'
XHR non-polymer (1R,2R,3R,4S)-4-[8-(azanyldiazenyl)octylamino]-3-(hydroxymethyl)cyclopentane-1,2-diol 'C14 H30 N4 O3'
#
# COMPACT_ATOMS: atom_id res chain seq x y z
N ASP A 16 -7.30 -22.90 0.13
CA ASP A 16 -6.12 -22.36 0.86
C ASP A 16 -6.49 -22.14 2.33
N LYS A 17 -6.42 -23.21 3.14
CA LYS A 17 -6.61 -23.16 4.59
C LYS A 17 -5.27 -22.98 5.31
N ILE A 18 -4.15 -23.18 4.58
CA ILE A 18 -2.79 -23.18 5.13
C ILE A 18 -2.25 -21.77 5.35
N SER A 19 -2.69 -20.78 4.54
CA SER A 19 -2.37 -19.37 4.75
C SER A 19 -2.86 -18.87 6.11
N HIS A 20 -4.02 -19.35 6.56
CA HIS A 20 -4.43 -19.15 7.95
C HIS A 20 -3.30 -19.55 8.90
N LYS A 21 -2.68 -20.73 8.67
CA LYS A 21 -1.84 -21.39 9.66
C LYS A 21 -0.41 -20.87 9.65
N ILE A 22 -0.07 -19.97 8.72
CA ILE A 22 1.27 -19.41 8.70
C ILE A 22 1.16 -17.90 8.55
N ASP A 23 2.27 -17.18 8.76
CA ASP A 23 2.27 -15.73 8.71
C ASP A 23 3.15 -15.27 7.55
N ILE A 24 2.54 -15.11 6.39
CA ILE A 24 3.18 -14.50 5.25
C ILE A 24 2.82 -13.01 5.22
N PRO A 25 3.80 -12.10 5.16
CA PRO A 25 3.48 -10.69 5.08
C PRO A 25 2.77 -10.40 3.76
N ASP A 26 1.80 -9.49 3.82
CA ASP A 26 1.06 -9.03 2.68
C ASP A 26 1.98 -8.51 1.58
N SER A 27 3.12 -7.90 1.95
CA SER A 27 4.00 -7.30 0.96
C SER A 27 4.95 -8.30 0.30
N ALA A 28 4.81 -9.62 0.56
CA ALA A 28 5.62 -10.60 -0.12
C ALA A 28 5.31 -10.58 -1.62
N TRP A 29 6.35 -10.60 -2.47
CA TRP A 29 6.19 -10.89 -3.88
C TRP A 29 5.54 -12.26 -4.01
N THR A 30 4.56 -12.40 -4.90
CA THR A 30 3.86 -13.67 -4.97
C THR A 30 3.63 -14.07 -6.42
N ILE A 31 3.66 -15.38 -6.69
CA ILE A 31 3.37 -15.90 -8.04
C ILE A 31 2.90 -17.34 -7.85
N GLY A 32 2.14 -17.85 -8.83
CA GLY A 32 1.65 -19.22 -8.76
C GLY A 32 2.78 -20.20 -9.09
N ILE A 33 2.82 -21.33 -8.36
CA ILE A 33 3.74 -22.40 -8.69
C ILE A 33 3.34 -22.90 -10.06
N GLY A 34 4.31 -22.99 -10.98
CA GLY A 34 4.07 -23.40 -12.35
C GLY A 34 3.54 -22.27 -13.25
N GLU A 35 3.40 -21.04 -12.73
CA GLU A 35 2.92 -19.95 -13.58
C GLU A 35 3.88 -19.76 -14.75
N LYS A 36 3.29 -19.60 -15.94
CA LYS A 36 4.00 -19.18 -17.13
C LYS A 36 3.84 -17.66 -17.22
N PHE A 37 4.94 -16.96 -17.48
CA PHE A 37 4.88 -15.53 -17.64
C PHE A 37 5.09 -15.24 -19.12
N LYS A 38 4.26 -14.37 -19.70
CA LYS A 38 4.30 -14.15 -21.14
C LYS A 38 5.16 -12.95 -21.52
N ASN A 39 5.34 -11.99 -20.62
CA ASN A 39 5.84 -10.70 -21.07
C ASN A 39 7.37 -10.58 -21.01
N ALA A 40 8.18 -11.66 -20.93
CA ALA A 40 9.52 -11.53 -20.34
C ALA A 40 10.49 -10.79 -21.25
N GLY A 41 11.28 -9.87 -20.68
CA GLY A 41 12.29 -9.19 -21.44
C GLY A 41 13.52 -10.06 -21.65
N HIS A 42 14.36 -9.64 -22.60
CA HIS A 42 15.58 -10.31 -22.97
C HIS A 42 16.65 -9.25 -23.23
N PRO A 43 17.95 -9.64 -23.32
CA PRO A 43 19.02 -8.67 -23.49
C PRO A 43 18.81 -7.86 -24.77
N ASN A 44 19.20 -6.59 -24.78
CA ASN A 44 19.04 -5.75 -25.96
C ASN A 44 20.39 -5.41 -26.59
N VAL A 45 21.41 -6.22 -26.32
CA VAL A 45 22.76 -5.98 -26.83
C VAL A 45 23.05 -7.05 -27.88
N LYS A 46 24.10 -6.85 -28.67
CA LYS A 46 24.40 -7.79 -29.75
C LYS A 46 25.38 -8.86 -29.26
N TYR A 47 26.15 -8.57 -28.20
CA TYR A 47 27.12 -9.51 -27.65
C TYR A 47 26.40 -10.48 -26.72
N PRO A 48 26.94 -11.69 -26.47
CA PRO A 48 26.29 -12.66 -25.59
C PRO A 48 26.10 -12.04 -24.22
N MET A 49 24.94 -12.34 -23.60
CA MET A 49 24.58 -11.76 -22.33
C MET A 49 23.67 -12.75 -21.60
N ILE A 50 23.90 -12.87 -20.30
CA ILE A 50 23.13 -13.83 -19.51
C ILE A 50 21.64 -13.52 -19.64
N ASP A 51 20.87 -14.59 -19.86
CA ASP A 51 19.43 -14.56 -19.72
C ASP A 51 18.98 -15.93 -19.25
N ASP A 52 18.78 -16.04 -17.95
CA ASP A 52 18.39 -17.31 -17.36
C ASP A 52 16.87 -17.48 -17.33
N SER A 53 16.09 -16.59 -17.95
N SER A 53 16.15 -16.51 -17.93
CA SER A 53 14.65 -16.74 -17.90
CA SER A 53 14.69 -16.47 -17.99
C SER A 53 14.10 -16.17 -16.60
C SER A 53 14.10 -16.15 -16.60
N TYR A 54 12.77 -16.14 -16.53
CA TYR A 54 12.04 -15.57 -15.42
C TYR A 54 11.77 -16.61 -14.32
N VAL A 55 12.20 -17.87 -14.50
CA VAL A 55 12.03 -18.85 -13.46
C VAL A 55 13.15 -18.68 -12.43
N GLN A 56 12.90 -17.80 -11.47
CA GLN A 56 13.84 -17.49 -10.42
C GLN A 56 13.17 -17.54 -9.05
N GLY A 57 13.98 -17.41 -8.00
CA GLY A 57 13.44 -17.21 -6.67
C GLY A 57 14.44 -16.50 -5.77
N ALA A 58 14.00 -16.22 -4.55
CA ALA A 58 14.87 -15.71 -3.51
C ALA A 58 16.00 -16.69 -3.23
N PRO A 59 17.28 -16.23 -3.19
CA PRO A 59 18.43 -17.11 -2.89
C PRO A 59 18.54 -17.55 -1.43
N LEU A 60 19.21 -18.68 -1.26
CA LEU A 60 19.58 -19.21 0.03
C LEU A 60 21.10 -19.16 0.14
N GLY A 61 21.61 -18.89 1.35
CA GLY A 61 23.03 -18.84 1.60
C GLY A 61 23.48 -17.47 2.10
N GLY A 62 24.50 -17.49 2.95
CA GLY A 62 25.04 -16.30 3.58
C GLY A 62 26.05 -15.59 2.69
N PHE A 63 26.52 -14.45 3.19
CA PHE A 63 27.50 -13.62 2.50
C PHE A 63 28.81 -14.39 2.42
N GLY A 64 29.33 -14.57 1.20
CA GLY A 64 30.61 -15.23 0.99
C GLY A 64 30.52 -16.75 1.06
N ALA A 65 29.31 -17.30 1.29
CA ALA A 65 29.12 -18.73 1.44
C ALA A 65 28.94 -19.41 0.09
N GLY A 66 28.73 -18.63 -0.98
CA GLY A 66 28.08 -19.15 -2.17
C GLY A 66 26.57 -19.31 -1.94
N THR A 67 25.76 -18.97 -2.96
CA THR A 67 24.31 -18.99 -2.81
C THR A 67 23.69 -20.00 -3.78
N ILE A 68 22.46 -20.40 -3.43
CA ILE A 68 21.65 -21.32 -4.22
C ILE A 68 20.26 -20.71 -4.47
N GLY A 69 19.91 -20.55 -5.74
CA GLY A 69 18.64 -20.00 -6.18
C GLY A 69 17.64 -21.13 -6.37
N ARG A 70 16.66 -21.23 -5.47
CA ARG A 70 15.55 -22.17 -5.59
C ARG A 70 14.41 -21.32 -6.13
N THR A 71 13.88 -21.73 -7.29
CA THR A 71 12.92 -20.96 -8.06
C THR A 71 11.51 -21.19 -7.49
N TYR A 72 10.57 -20.40 -8.01
CA TYR A 72 9.19 -20.47 -7.57
C TYR A 72 8.57 -21.78 -8.03
N ASN A 73 9.20 -22.49 -8.95
CA ASN A 73 8.66 -23.77 -9.43
C ASN A 73 9.14 -24.92 -8.55
N GLY A 74 10.05 -24.61 -7.60
CA GLY A 74 10.57 -25.58 -6.64
C GLY A 74 11.99 -26.08 -6.93
N GLY A 75 12.55 -25.84 -8.13
CA GLY A 75 13.85 -26.42 -8.47
C GLY A 75 15.02 -25.64 -7.90
N PHE A 76 16.05 -26.38 -7.45
CA PHE A 76 17.35 -25.81 -7.11
C PHE A 76 18.11 -25.60 -8.42
N SER A 77 18.07 -24.35 -8.94
CA SER A 77 18.35 -24.06 -10.33
C SER A 77 19.47 -23.03 -10.55
N ARG A 78 19.57 -21.98 -9.72
CA ARG A 78 20.57 -20.95 -9.96
C ARG A 78 21.73 -21.07 -8.97
N TRP A 79 22.86 -21.63 -9.45
CA TRP A 79 23.97 -22.02 -8.61
C TRP A 79 25.06 -20.95 -8.61
N HIS A 80 25.27 -20.35 -7.44
CA HIS A 80 26.34 -19.38 -7.23
C HIS A 80 27.36 -19.94 -6.23
N LEU A 81 27.52 -21.27 -6.22
CA LEU A 81 28.36 -21.95 -5.23
C LEU A 81 29.82 -21.75 -5.57
N GLU A 82 30.15 -21.58 -6.86
CA GLU A 82 31.46 -21.20 -7.32
C GLU A 82 31.52 -19.67 -7.36
N ILE A 83 32.35 -19.12 -6.46
CA ILE A 83 32.24 -17.70 -6.13
C ILE A 83 32.59 -16.85 -7.35
N GLY A 84 31.63 -16.06 -7.81
CA GLY A 84 31.83 -15.17 -8.92
C GLY A 84 31.25 -15.72 -10.22
N LYS A 85 30.69 -16.94 -10.17
CA LYS A 85 30.08 -17.52 -11.35
C LYS A 85 28.57 -17.71 -11.16
N ASN A 86 27.85 -17.63 -12.29
CA ASN A 86 26.42 -17.91 -12.38
C ASN A 86 26.23 -19.15 -13.26
N LYS A 87 25.68 -20.23 -12.70
CA LYS A 87 25.36 -21.43 -13.47
C LYS A 87 23.90 -21.81 -13.23
N TYR A 88 23.10 -21.70 -14.28
CA TYR A 88 21.68 -21.95 -14.18
C TYR A 88 21.40 -23.34 -14.76
N THR A 89 21.13 -24.28 -13.87
CA THR A 89 20.78 -25.64 -14.27
C THR A 89 20.11 -26.35 -13.07
N THR A 90 18.96 -26.96 -13.34
CA THR A 90 18.18 -27.60 -12.31
C THR A 90 18.83 -28.95 -12.00
N VAL A 91 19.19 -29.15 -10.74
CA VAL A 91 19.62 -30.47 -10.31
C VAL A 91 18.37 -31.21 -9.86
N TYR A 92 17.84 -32.06 -10.74
CA TYR A 92 16.51 -32.61 -10.57
C TYR A 92 16.37 -33.47 -9.30
N ALA A 93 17.45 -34.14 -8.89
CA ALA A 93 17.37 -34.97 -7.71
C ALA A 93 17.10 -34.14 -6.43
N ASN A 94 17.29 -32.81 -6.49
CA ASN A 94 17.18 -31.93 -5.32
C ASN A 94 15.74 -31.42 -5.20
N GLN A 95 14.95 -32.01 -4.28
CA GLN A 95 13.53 -31.72 -4.22
C GLN A 95 12.97 -31.97 -2.83
N PHE A 96 11.80 -31.39 -2.56
CA PHE A 96 10.89 -31.94 -1.56
C PHE A 96 9.74 -32.66 -2.27
N SER A 97 9.32 -33.78 -1.72
CA SER A 97 8.26 -34.63 -2.24
C SER A 97 7.32 -34.93 -1.09
N VAL A 98 6.05 -35.23 -1.41
CA VAL A 98 5.08 -35.53 -0.37
C VAL A 98 4.37 -36.84 -0.72
N PHE A 99 4.04 -37.58 0.33
CA PHE A 99 3.16 -38.74 0.26
C PHE A 99 1.98 -38.49 1.19
N GLN A 100 0.76 -38.84 0.73
CA GLN A 100 -0.43 -38.75 1.58
C GLN A 100 -1.36 -39.92 1.32
N LYS A 101 -1.88 -40.51 2.41
CA LYS A 101 -2.87 -41.57 2.32
C LYS A 101 -3.97 -41.33 3.36
N VAL A 102 -5.19 -41.19 2.84
CA VAL A 102 -6.38 -41.05 3.67
C VAL A 102 -6.63 -42.38 4.37
N GLU A 103 -6.85 -42.32 5.69
CA GLU A 103 -7.19 -43.53 6.43
C GLU A 103 -8.40 -44.15 5.76
N GLY A 104 -8.34 -45.47 5.49
CA GLY A 104 -9.44 -46.18 4.87
C GLY A 104 -9.19 -46.50 3.40
N ASN A 105 -8.35 -45.73 2.70
CA ASN A 105 -8.13 -45.98 1.28
C ASN A 105 -7.04 -47.03 1.08
N LYS A 106 -7.04 -47.66 -0.10
CA LYS A 106 -6.11 -48.73 -0.42
C LYS A 106 -4.71 -48.14 -0.66
N ASP A 107 -4.62 -47.09 -1.49
CA ASP A 107 -3.35 -46.55 -1.92
C ASP A 107 -3.22 -45.07 -1.55
N GLY A 108 -2.01 -44.64 -1.25
CA GLY A 108 -1.71 -43.22 -1.10
C GLY A 108 -1.29 -42.64 -2.44
N VAL A 109 -0.90 -41.36 -2.43
CA VAL A 109 -0.37 -40.71 -3.60
C VAL A 109 0.93 -40.00 -3.22
N ALA A 110 1.84 -39.96 -4.19
CA ALA A 110 3.16 -39.39 -3.99
C ALA A 110 3.39 -38.35 -5.09
N GLN A 111 4.04 -37.24 -4.73
CA GLN A 111 4.22 -36.17 -5.70
C GLN A 111 5.50 -35.41 -5.39
N VAL A 112 6.31 -35.18 -6.41
CA VAL A 112 7.44 -34.28 -6.29
C VAL A 112 6.90 -32.86 -6.34
N LEU A 113 7.38 -32.01 -5.43
CA LEU A 113 6.91 -30.64 -5.36
C LEU A 113 7.77 -29.78 -6.26
N TYR A 114 7.69 -30.09 -7.56
CA TYR A 114 8.43 -29.40 -8.60
C TYR A 114 7.53 -29.33 -9.82
N ALA A 115 7.34 -28.12 -10.36
CA ALA A 115 6.42 -27.92 -11.48
C ALA A 115 7.20 -28.02 -12.79
N GLY A 116 7.50 -29.27 -13.16
CA GLY A 116 8.31 -29.60 -14.31
C GLY A 116 8.77 -31.05 -14.21
N GLU A 117 9.68 -31.45 -15.11
CA GLU A 117 10.23 -32.80 -15.10
CA GLU A 117 10.20 -32.79 -15.15
C GLU A 117 11.66 -32.74 -15.63
N PRO A 118 12.48 -33.79 -15.41
CA PRO A 118 13.86 -33.79 -15.93
C PRO A 118 13.92 -33.78 -17.45
N GLU A 119 15.00 -33.20 -17.98
CA GLU A 119 15.27 -33.11 -19.41
C GLU A 119 16.30 -34.18 -19.81
N ASN A 120 16.81 -34.99 -18.85
CA ASN A 120 17.97 -35.85 -19.07
C ASN A 120 17.67 -37.34 -18.88
N GLY A 121 16.39 -37.75 -18.88
CA GLY A 121 16.01 -39.16 -18.85
C GLY A 121 16.00 -39.80 -17.46
N TYR A 122 16.67 -39.19 -16.48
CA TYR A 122 16.85 -39.84 -15.18
C TYR A 122 15.64 -39.58 -14.29
N LEU A 123 15.48 -40.43 -13.27
CA LEU A 123 14.46 -40.26 -12.23
C LEU A 123 13.06 -40.42 -12.83
N SER A 124 12.93 -41.27 -13.84
CA SER A 124 11.66 -41.47 -14.53
C SER A 124 10.61 -42.05 -13.59
N SER A 125 11.03 -42.75 -12.53
CA SER A 125 10.07 -43.40 -11.66
C SER A 125 9.34 -42.39 -10.78
N TRP A 126 9.93 -41.21 -10.54
CA TRP A 126 9.35 -40.25 -9.63
C TRP A 126 8.12 -39.58 -10.30
N LYS A 127 7.20 -39.05 -9.49
CA LYS A 127 6.01 -38.35 -9.97
CA LYS A 127 6.02 -38.36 -10.00
C LYS A 127 6.33 -36.85 -10.12
N TRP A 128 6.56 -36.42 -11.35
CA TRP A 128 6.87 -35.04 -11.70
C TRP A 128 5.62 -34.23 -11.99
N ASP A 129 5.81 -33.00 -12.50
CA ASP A 129 4.72 -32.19 -13.05
C ASP A 129 3.71 -31.81 -11.97
N TYR A 130 4.19 -31.20 -10.88
CA TYR A 130 3.33 -30.60 -9.90
C TYR A 130 2.29 -29.78 -10.65
N PRO A 131 0.97 -30.02 -10.46
CA PRO A 131 -0.05 -29.35 -11.28
C PRO A 131 -0.11 -27.84 -11.06
N LYS A 132 -0.58 -27.14 -12.11
CA LYS A 132 -0.82 -25.71 -12.07
C LYS A 132 -1.95 -25.39 -11.09
N GLU A 133 -2.02 -24.10 -10.71
N GLU A 133 -2.04 -24.10 -10.70
CA GLU A 133 -3.12 -23.57 -9.90
CA GLU A 133 -3.14 -23.59 -9.91
C GLU A 133 -3.30 -24.40 -8.64
C GLU A 133 -3.30 -24.39 -8.61
N SER A 134 -2.19 -24.90 -8.07
CA SER A 134 -2.26 -25.79 -6.90
C SER A 134 -1.33 -25.32 -5.82
N GLY A 135 -0.92 -24.04 -5.85
CA GLY A 135 -0.14 -23.48 -4.76
C GLY A 135 0.59 -22.23 -5.19
N MET A 136 1.22 -21.55 -4.24
CA MET A 136 1.80 -20.24 -4.48
C MET A 136 3.21 -20.17 -3.92
N TYR A 137 3.99 -19.26 -4.51
CA TYR A 137 5.30 -18.91 -4.01
C TYR A 137 5.24 -17.47 -3.52
N TYR A 138 5.94 -17.22 -2.42
CA TYR A 138 5.99 -15.90 -1.80
C TYR A 138 7.43 -15.60 -1.41
N ALA A 139 7.85 -14.32 -1.53
CA ALA A 139 9.18 -13.96 -1.11
C ALA A 139 9.22 -12.58 -0.50
N LEU A 140 9.85 -12.48 0.66
CA LEU A 140 10.25 -11.24 1.26
C LEU A 140 11.62 -11.47 1.88
N TYR A 141 12.64 -11.25 1.05
CA TYR A 141 13.99 -11.70 1.34
C TYR A 141 14.37 -11.20 2.73
N PRO A 142 15.02 -12.00 3.61
CA PRO A 142 15.58 -13.32 3.27
C PRO A 142 14.67 -14.53 3.33
N ASN A 143 13.37 -14.30 3.52
CA ASN A 143 12.38 -15.35 3.68
C ASN A 143 11.72 -15.62 2.32
N SER A 144 11.35 -16.88 2.11
CA SER A 144 10.42 -17.22 1.06
C SER A 144 9.56 -18.39 1.54
N TRP A 145 8.43 -18.59 0.87
CA TRP A 145 7.43 -19.60 1.25
C TRP A 145 6.87 -20.26 0.00
N TYR A 146 6.48 -21.52 0.14
CA TYR A 146 5.62 -22.23 -0.80
C TYR A 146 4.36 -22.72 -0.07
N THR A 147 3.19 -22.59 -0.70
CA THR A 147 1.96 -23.18 -0.20
C THR A 147 1.50 -24.23 -1.20
N TYR A 148 0.97 -25.34 -0.70
CA TYR A 148 0.54 -26.42 -1.57
C TYR A 148 -0.93 -26.70 -1.25
N THR A 149 -1.78 -26.40 -2.23
CA THR A 149 -3.23 -26.43 -2.09
C THR A 149 -3.73 -27.18 -3.31
N ASN A 150 -3.74 -28.51 -3.18
CA ASN A 150 -3.83 -29.41 -4.31
C ASN A 150 -5.03 -30.30 -4.05
N LYS A 151 -5.93 -30.41 -5.05
CA LYS A 151 -7.18 -31.11 -4.87
C LYS A 151 -6.91 -32.58 -4.54
N ASP A 152 -5.69 -33.06 -4.82
CA ASP A 152 -5.36 -34.46 -4.55
C ASP A 152 -4.46 -34.61 -3.33
N LEU A 153 -4.31 -33.54 -2.53
CA LEU A 153 -3.57 -33.58 -1.28
C LEU A 153 -4.47 -33.03 -0.18
N PRO A 154 -5.22 -33.92 0.51
CA PRO A 154 -6.16 -33.47 1.53
C PRO A 154 -5.49 -32.72 2.67
N VAL A 155 -4.27 -33.11 3.06
CA VAL A 155 -3.53 -32.33 4.04
C VAL A 155 -2.81 -31.20 3.29
N GLN A 156 -2.97 -29.98 3.81
CA GLN A 156 -2.41 -28.82 3.17
C GLN A 156 -1.07 -28.51 3.81
N LEU A 157 -0.16 -27.96 3.01
CA LEU A 157 1.25 -27.88 3.36
C LEU A 157 1.77 -26.51 2.98
N ALA A 158 2.66 -26.03 3.84
CA ALA A 158 3.42 -24.84 3.54
C ALA A 158 4.83 -25.01 4.08
N VAL A 159 5.78 -24.34 3.43
CA VAL A 159 7.12 -24.25 3.95
C VAL A 159 7.58 -22.80 3.91
N LYS A 160 8.25 -22.43 5.00
CA LYS A 160 9.02 -21.21 5.05
C LYS A 160 10.52 -21.57 5.00
N GLN A 161 11.23 -20.98 4.04
CA GLN A 161 12.65 -21.22 3.86
C GLN A 161 13.42 -19.90 3.95
N PHE A 162 14.60 -19.97 4.57
CA PHE A 162 15.44 -18.79 4.73
C PHE A 162 16.86 -19.15 5.15
N SER A 163 17.70 -18.13 5.07
CA SER A 163 19.03 -18.11 5.64
C SER A 163 19.09 -16.93 6.61
N PRO A 164 19.87 -17.06 7.69
CA PRO A 164 19.89 -16.04 8.73
C PRO A 164 20.70 -14.82 8.31
N ILE A 165 20.14 -14.08 7.34
CA ILE A 165 20.70 -12.80 6.95
C ILE A 165 20.22 -11.76 7.96
N ILE A 166 21.11 -11.22 8.79
CA ILE A 166 20.72 -10.41 9.93
C ILE A 166 21.59 -9.16 10.05
N PRO A 167 21.05 -7.95 9.84
CA PRO A 167 21.86 -6.73 10.01
C PRO A 167 22.62 -6.67 11.32
N TYR A 168 23.80 -6.07 11.30
CA TYR A 168 24.66 -5.88 12.46
C TYR A 168 25.14 -7.22 13.02
N ASN A 169 24.95 -8.30 12.25
CA ASN A 169 25.43 -9.62 12.60
C ASN A 169 26.33 -10.08 11.43
N TYR A 170 27.58 -10.40 11.77
CA TYR A 170 28.58 -10.80 10.79
C TYR A 170 28.88 -12.28 10.92
N LYS A 171 28.15 -13.00 11.78
CA LYS A 171 28.42 -14.39 12.02
C LYS A 171 27.44 -15.26 11.24
N GLU A 172 26.22 -15.41 11.77
CA GLU A 172 25.19 -16.24 11.15
C GLU A 172 24.96 -15.80 9.70
N THR A 173 25.10 -14.50 9.45
CA THR A 173 24.90 -13.92 8.13
C THR A 173 25.87 -14.51 7.11
N SER A 174 27.01 -15.07 7.58
CA SER A 174 27.99 -15.72 6.74
C SER A 174 27.67 -17.20 6.47
N TYR A 175 26.68 -17.80 7.16
CA TYR A 175 26.55 -19.25 7.18
C TYR A 175 26.08 -19.81 5.84
N PRO A 176 26.65 -20.93 5.36
CA PRO A 176 26.16 -21.66 4.19
C PRO A 176 25.10 -22.66 4.63
N VAL A 177 23.93 -22.11 4.93
CA VAL A 177 22.86 -22.90 5.52
C VAL A 177 21.53 -22.31 5.12
N ALA A 178 20.53 -23.21 5.05
CA ALA A 178 19.14 -22.87 4.85
C ALA A 178 18.26 -23.74 5.74
N VAL A 179 17.21 -23.13 6.27
CA VAL A 179 16.19 -23.84 7.01
C VAL A 179 14.89 -23.90 6.19
N PHE A 180 14.23 -25.06 6.27
CA PHE A 180 12.96 -25.32 5.62
C PHE A 180 11.96 -25.74 6.70
N LYS A 181 11.17 -24.77 7.16
CA LYS A 181 10.20 -24.94 8.24
C LYS A 181 8.83 -25.25 7.67
N TRP A 182 8.41 -26.49 7.84
CA TRP A 182 7.21 -27.04 7.21
C TRP A 182 6.05 -26.97 8.20
N THR A 183 4.88 -26.61 7.68
CA THR A 183 3.63 -26.59 8.41
C THR A 183 2.65 -27.45 7.65
N ALA A 184 1.99 -28.36 8.36
CA ALA A 184 1.00 -29.24 7.74
C ALA A 184 -0.29 -29.23 8.57
N TYR A 185 -1.43 -29.18 7.89
CA TYR A 185 -2.71 -28.99 8.55
C TYR A 185 -3.77 -29.86 7.87
N ASN A 186 -4.58 -30.55 8.68
CA ASN A 186 -5.60 -31.44 8.14
C ASN A 186 -6.96 -30.77 8.25
N PRO A 187 -7.51 -30.18 7.16
CA PRO A 187 -8.84 -29.56 7.25
C PRO A 187 -10.01 -30.53 7.10
N THR A 188 -9.71 -31.83 6.93
CA THR A 188 -10.71 -32.81 6.53
C THR A 188 -11.19 -33.56 7.75
N ASN A 189 -12.18 -34.44 7.50
CA ASN A 189 -12.92 -35.12 8.55
C ASN A 189 -12.34 -36.50 8.83
N LYS A 190 -11.26 -36.90 8.14
CA LYS A 190 -10.61 -38.20 8.36
C LYS A 190 -9.11 -38.03 8.59
N ASN A 191 -8.51 -39.02 9.29
CA ASN A 191 -7.08 -39.04 9.55
C ASN A 191 -6.33 -39.24 8.23
N VAL A 192 -5.17 -38.58 8.14
CA VAL A 192 -4.35 -38.66 6.95
C VAL A 192 -2.89 -38.90 7.35
N ASP A 193 -2.29 -39.91 6.71
CA ASP A 193 -0.87 -40.18 6.90
C ASP A 193 -0.12 -39.33 5.90
N VAL A 194 0.89 -38.62 6.40
CA VAL A 194 1.65 -37.68 5.58
C VAL A 194 3.12 -38.01 5.69
N SER A 195 3.84 -37.92 4.55
CA SER A 195 5.29 -37.90 4.56
C SER A 195 5.78 -36.72 3.73
N ILE A 196 6.83 -36.07 4.26
CA ILE A 196 7.62 -35.07 3.57
C ILE A 196 9.05 -35.62 3.46
N MET A 197 9.62 -35.63 2.25
CA MET A 197 10.93 -36.18 1.98
C MET A 197 11.80 -35.14 1.25
N PHE A 198 12.99 -34.89 1.81
CA PHE A 198 14.00 -34.05 1.17
C PHE A 198 15.06 -34.93 0.53
N THR A 199 15.25 -34.77 -0.77
CA THR A 199 16.29 -35.51 -1.48
C THR A 199 17.35 -34.49 -1.89
N TRP A 200 18.61 -34.94 -1.89
CA TRP A 200 19.71 -34.13 -2.35
C TRP A 200 20.77 -34.99 -3.04
N GLN A 201 21.30 -34.48 -4.15
CA GLN A 201 22.43 -35.10 -4.83
C GLN A 201 23.72 -34.73 -4.11
N ASN A 202 24.58 -35.72 -3.91
CA ASN A 202 25.94 -35.46 -3.51
C ASN A 202 26.60 -34.72 -4.65
N MET A 203 26.70 -33.41 -4.48
CA MET A 203 27.09 -32.51 -5.56
C MET A 203 28.60 -32.21 -5.50
N ILE A 204 29.36 -32.97 -4.70
CA ILE A 204 30.81 -32.85 -4.77
C ILE A 204 31.25 -33.28 -6.18
N GLY A 205 32.07 -32.43 -6.79
CA GLY A 205 32.47 -32.63 -8.17
C GLY A 205 31.59 -31.88 -9.19
N PHE A 206 30.50 -31.24 -8.76
CA PHE A 206 29.63 -30.56 -9.70
C PHE A 206 30.31 -29.33 -10.30
N PHE A 207 31.19 -28.69 -9.53
CA PHE A 207 31.97 -27.52 -9.96
C PHE A 207 33.45 -27.80 -9.71
N GLY A 208 34.30 -27.45 -10.68
CA GLY A 208 35.73 -27.29 -10.44
C GLY A 208 36.50 -28.61 -10.39
N LYS A 209 35.93 -29.67 -10.94
CA LYS A 209 36.60 -30.95 -11.05
C LYS A 209 36.60 -31.35 -12.52
N GLN A 210 37.79 -31.54 -13.09
N GLN A 210 37.80 -31.53 -13.09
CA GLN A 210 37.96 -31.72 -14.52
CA GLN A 210 37.97 -31.72 -14.53
C GLN A 210 37.58 -33.13 -14.95
C GLN A 210 37.62 -33.14 -14.95
N VAL A 211 37.90 -34.13 -14.10
CA VAL A 211 37.73 -35.53 -14.47
C VAL A 211 37.01 -36.30 -13.37
N ASN A 212 36.33 -37.37 -13.78
CA ASN A 212 35.70 -38.33 -12.89
C ASN A 212 34.96 -37.57 -11.78
N VAL A 213 33.94 -36.81 -12.18
CA VAL A 213 33.32 -35.80 -11.32
C VAL A 213 32.67 -36.41 -10.07
N ASN A 214 32.18 -37.65 -10.14
CA ASN A 214 31.57 -38.29 -8.97
C ASN A 214 32.54 -39.16 -8.16
N SER A 215 33.77 -39.35 -8.64
CA SER A 215 34.65 -40.38 -8.11
C SER A 215 34.99 -40.11 -6.66
N GLY A 216 34.74 -41.12 -5.80
CA GLY A 216 35.07 -41.02 -4.39
C GLY A 216 33.96 -40.40 -3.53
N ASN A 217 32.89 -39.94 -4.19
CA ASN A 217 31.74 -39.45 -3.46
C ASN A 217 31.14 -40.59 -2.65
N PHE A 218 30.78 -40.28 -1.40
CA PHE A 218 30.09 -41.21 -0.53
C PHE A 218 29.21 -40.42 0.44
N ASN A 219 28.22 -41.12 0.98
CA ASN A 219 27.17 -40.56 1.83
C ASN A 219 27.16 -41.31 3.15
N LYS A 220 26.89 -40.59 4.23
CA LYS A 220 26.81 -41.18 5.55
CA LYS A 220 26.82 -41.16 5.56
C LYS A 220 25.65 -40.54 6.32
N ILE A 221 25.02 -41.33 7.19
CA ILE A 221 23.93 -40.85 8.02
C ILE A 221 24.44 -40.58 9.43
N ILE A 222 24.16 -39.38 9.94
CA ILE A 222 24.43 -38.99 11.31
C ILE A 222 23.12 -38.99 12.13
N LYS A 223 23.09 -39.72 13.23
CA LYS A 223 21.98 -39.66 14.16
C LYS A 223 22.49 -39.02 15.45
N ASP A 224 22.11 -37.77 15.68
CA ASP A 224 22.41 -37.07 16.90
C ASP A 224 21.28 -37.35 17.89
N LYS A 225 21.56 -38.09 18.96
CA LYS A 225 20.52 -38.55 19.88
C LYS A 225 20.55 -37.75 21.17
N SER A 226 21.22 -36.59 21.20
CA SER A 226 21.09 -35.69 22.33
C SER A 226 19.63 -35.65 22.78
N LYS A 227 19.35 -35.89 24.08
CA LYS A 227 17.98 -35.94 24.58
C LYS A 227 17.24 -34.62 24.27
N ASP A 228 16.01 -34.79 23.75
CA ASP A 228 15.10 -33.70 23.41
C ASP A 228 15.62 -32.84 22.25
N SER A 229 16.62 -33.33 21.51
CA SER A 229 17.14 -32.54 20.41
C SER A 229 17.73 -33.48 19.36
N GLU A 230 16.95 -34.53 19.04
CA GLU A 230 17.34 -35.61 18.15
C GLU A 230 17.33 -35.10 16.71
N ILE A 231 18.43 -35.36 15.99
CA ILE A 231 18.57 -34.96 14.59
C ILE A 231 19.03 -36.17 13.78
N VAL A 232 18.48 -36.29 12.57
CA VAL A 232 18.97 -37.26 11.61
C VAL A 232 19.34 -36.51 10.34
N ALA A 233 20.55 -36.74 9.86
CA ALA A 233 21.09 -36.01 8.72
C ALA A 233 21.85 -36.95 7.81
N ALA A 234 21.91 -36.58 6.53
CA ALA A 234 22.81 -37.16 5.56
C ALA A 234 23.98 -36.20 5.36
N VAL A 235 25.20 -36.75 5.35
CA VAL A 235 26.39 -36.02 4.97
C VAL A 235 27.01 -36.64 3.71
N MET A 236 27.06 -35.79 2.67
CA MET A 236 27.40 -36.17 1.32
C MET A 236 28.75 -35.54 1.00
N GLY A 237 29.80 -36.36 0.94
CA GLY A 237 31.15 -35.87 0.76
C GLY A 237 31.96 -36.78 -0.14
N ASN A 238 33.27 -36.77 0.08
CA ASN A 238 34.21 -37.47 -0.78
C ASN A 238 35.32 -38.05 0.10
N ILE A 239 35.86 -39.21 -0.28
CA ILE A 239 36.84 -39.90 0.56
C ILE A 239 38.14 -39.11 0.66
N SER A 240 38.44 -38.26 -0.32
CA SER A 240 39.64 -37.45 -0.26
C SER A 240 39.63 -36.57 1.00
N ASN A 241 40.78 -36.51 1.68
CA ASN A 241 40.97 -35.58 2.79
C ASN A 241 41.89 -34.45 2.31
N ASP A 242 42.09 -34.37 1.00
CA ASP A 242 42.83 -33.26 0.39
C ASP A 242 41.96 -32.03 0.47
N ASN A 243 42.57 -30.88 0.12
N ASN A 243 42.52 -30.88 0.12
CA ASN A 243 41.95 -29.58 0.29
CA ASN A 243 41.82 -29.63 0.31
C ASN A 243 41.71 -28.96 -1.09
C ASN A 243 41.69 -28.98 -1.06
N GLU A 244 41.26 -29.78 -2.04
CA GLU A 244 40.88 -29.28 -3.36
C GLU A 244 39.72 -28.27 -3.22
N GLU A 245 39.63 -27.28 -4.12
CA GLU A 245 38.58 -26.27 -4.03
C GLU A 245 37.21 -26.89 -4.33
N TRP A 246 37.17 -28.09 -4.94
CA TRP A 246 35.91 -28.77 -5.22
C TRP A 246 35.45 -29.65 -4.06
N ASN A 247 36.34 -29.88 -3.08
CA ASN A 247 36.08 -30.83 -2.01
C ASN A 247 35.37 -30.14 -0.86
N GLY A 248 34.53 -30.91 -0.18
CA GLY A 248 33.79 -30.47 1.00
C GLY A 248 32.65 -31.43 1.26
N GLU A 249 31.54 -30.92 1.81
CA GLU A 249 30.36 -31.71 2.09
C GLU A 249 29.09 -30.90 1.91
N TYR A 250 28.02 -31.62 1.56
CA TYR A 250 26.63 -31.18 1.66
C TYR A 250 25.97 -31.97 2.78
N SER A 251 25.04 -31.33 3.48
CA SER A 251 24.23 -32.03 4.45
C SER A 251 22.78 -31.60 4.31
N ILE A 252 21.88 -32.59 4.40
CA ILE A 252 20.47 -32.31 4.62
C ILE A 252 20.05 -33.12 5.85
N GLY A 253 19.01 -32.66 6.54
CA GLY A 253 18.54 -33.36 7.72
C GLY A 253 17.28 -32.71 8.28
N VAL A 254 16.85 -33.25 9.41
CA VAL A 254 15.54 -32.97 9.96
C VAL A 254 15.68 -33.15 11.46
N LYS A 255 14.88 -32.38 12.19
CA LYS A 255 14.84 -32.50 13.63
C LYS A 255 13.55 -33.22 14.02
N LYS A 256 13.68 -34.22 14.89
CA LYS A 256 12.56 -34.95 15.46
C LYS A 256 11.66 -33.98 16.23
N VAL A 257 10.36 -34.00 15.94
CA VAL A 257 9.39 -33.31 16.77
C VAL A 257 8.35 -34.32 17.25
N PRO A 258 7.65 -34.05 18.38
CA PRO A 258 6.62 -34.97 18.86
C PRO A 258 5.62 -35.34 17.75
N GLY A 259 5.34 -36.63 17.61
CA GLY A 259 4.34 -37.09 16.66
C GLY A 259 4.88 -37.38 15.27
N VAL A 260 6.19 -37.22 15.05
CA VAL A 260 6.74 -37.51 13.72
C VAL A 260 7.81 -38.58 13.84
N ASP A 261 7.88 -39.45 12.84
CA ASP A 261 8.92 -40.45 12.77
C ASP A 261 9.84 -40.08 11.61
N ILE A 262 11.13 -40.38 11.76
CA ILE A 262 12.07 -40.06 10.72
C ILE A 262 12.46 -41.35 10.03
N SER A 263 12.62 -41.29 8.70
CA SER A 263 13.25 -42.37 7.96
C SER A 263 14.27 -41.75 6.99
N TYR A 264 15.16 -42.60 6.46
CA TYR A 264 16.22 -42.12 5.59
C TYR A 264 16.62 -43.19 4.58
N LYS A 265 17.30 -42.74 3.53
CA LYS A 265 18.04 -43.62 2.65
C LYS A 265 19.38 -42.96 2.37
N ALA A 266 20.49 -43.66 2.66
CA ALA A 266 21.80 -43.05 2.59
C ALA A 266 22.22 -42.81 1.15
N LYS A 267 21.85 -43.75 0.28
CA LYS A 267 22.40 -43.77 -1.07
C LYS A 267 21.38 -44.25 -2.08
N PHE A 268 20.94 -43.34 -2.94
CA PHE A 268 20.21 -43.69 -4.13
C PHE A 268 20.99 -43.15 -5.32
N VAL A 269 20.76 -43.74 -6.50
CA VAL A 269 21.49 -43.33 -7.68
C VAL A 269 20.72 -42.22 -8.41
N THR A 270 21.38 -41.07 -8.62
CA THR A 270 20.77 -39.93 -9.27
C THR A 270 20.83 -40.09 -10.78
N THR A 271 21.83 -40.85 -11.27
CA THR A 271 21.96 -41.10 -12.69
C THR A 271 21.32 -42.45 -13.00
N GLY A 272 20.14 -42.69 -12.43
CA GLY A 272 19.33 -43.84 -12.74
C GLY A 272 17.86 -43.45 -12.72
N ASP A 273 16.98 -44.45 -12.65
CA ASP A 273 15.56 -44.21 -12.82
C ASP A 273 14.92 -43.76 -11.53
N GLY A 274 15.64 -43.88 -10.40
CA GLY A 274 15.15 -43.33 -9.14
C GLY A 274 14.28 -44.30 -8.33
N SER A 275 14.01 -45.50 -8.87
CA SER A 275 13.02 -46.39 -8.27
C SER A 275 13.54 -47.01 -6.98
N ASP A 276 14.87 -47.19 -6.91
CA ASP A 276 15.55 -47.60 -5.69
C ASP A 276 14.99 -46.84 -4.47
N LEU A 277 14.75 -45.53 -4.63
CA LEU A 277 14.16 -44.70 -3.58
C LEU A 277 12.64 -44.69 -3.70
N TRP A 278 12.13 -44.43 -4.90
CA TRP A 278 10.73 -44.05 -5.03
C TRP A 278 9.80 -45.23 -4.76
N HIS A 279 10.21 -46.46 -5.04
CA HIS A 279 9.33 -47.60 -4.77
C HIS A 279 9.03 -47.65 -3.26
N GLU A 280 9.93 -47.14 -2.42
CA GLU A 280 9.73 -47.14 -0.98
C GLU A 280 8.79 -46.01 -0.57
N PHE A 281 9.10 -44.79 -1.06
CA PHE A 281 8.38 -43.58 -0.70
C PHE A 281 6.92 -43.63 -1.15
N SER A 282 6.69 -44.14 -2.36
CA SER A 282 5.37 -44.08 -2.98
C SER A 282 4.43 -45.13 -2.37
N LYS A 283 4.98 -46.10 -1.62
CA LYS A 283 4.18 -47.15 -1.03
C LYS A 283 3.49 -46.64 0.24
N ASN A 284 4.28 -46.18 1.21
CA ASN A 284 3.77 -45.75 2.49
C ASN A 284 4.50 -44.51 3.04
N GLY A 285 5.32 -43.83 2.22
CA GLY A 285 6.02 -42.63 2.68
C GLY A 285 7.12 -42.91 3.72
N ILE A 286 7.58 -44.17 3.77
CA ILE A 286 8.62 -44.57 4.71
C ILE A 286 9.76 -45.21 3.93
N LEU A 287 10.98 -44.77 4.24
CA LEU A 287 12.18 -45.22 3.55
C LEU A 287 12.82 -46.40 4.30
N ASP A 288 13.78 -47.06 3.64
CA ASP A 288 14.38 -48.31 4.11
C ASP A 288 15.33 -48.11 5.29
N ASN A 289 15.79 -46.87 5.55
CA ASN A 289 16.76 -46.63 6.61
C ASN A 289 18.06 -47.39 6.30
N LYS A 290 18.39 -47.55 5.03
CA LYS A 290 19.56 -48.30 4.61
C LYS A 290 20.78 -47.39 4.59
N ASP A 291 21.76 -47.69 5.46
CA ASP A 291 23.07 -47.07 5.45
C ASP A 291 24.01 -47.82 4.51
N ASP A 292 24.83 -47.06 3.76
CA ASP A 292 25.87 -47.62 2.91
C ASP A 292 26.89 -46.55 2.55
N GLU A 293 28.09 -46.68 3.11
CA GLU A 293 29.12 -45.67 2.93
C GLU A 293 30.03 -45.97 1.72
N THR A 294 29.63 -46.91 0.85
CA THR A 294 30.43 -47.31 -0.28
C THR A 294 30.56 -46.12 -1.23
N PRO A 295 31.79 -45.70 -1.55
CA PRO A 295 32.00 -44.62 -2.50
C PRO A 295 31.51 -45.01 -3.89
N THR A 296 31.14 -44.00 -4.67
CA THR A 296 30.75 -44.24 -6.05
C THR A 296 31.95 -44.03 -6.98
N LYS A 297 31.83 -44.50 -8.23
CA LYS A 297 32.84 -44.28 -9.26
C LYS A 297 32.28 -43.37 -10.37
N GLN A 298 31.40 -43.91 -11.23
CA GLN A 298 30.82 -43.13 -12.32
C GLN A 298 29.45 -42.58 -11.91
N ASP A 299 28.64 -43.39 -11.23
CA ASP A 299 27.27 -43.00 -10.93
C ASP A 299 27.21 -41.81 -9.98
N GLY A 300 26.22 -40.95 -10.22
CA GLY A 300 25.87 -39.89 -9.29
C GLY A 300 25.01 -40.48 -8.18
N ILE A 301 25.20 -39.98 -6.96
CA ILE A 301 24.52 -40.52 -5.81
C ILE A 301 23.91 -39.35 -5.05
N GLY A 302 22.89 -39.70 -4.26
CA GLY A 302 22.16 -38.76 -3.44
C GLY A 302 21.63 -39.48 -2.20
N SER A 303 21.11 -38.67 -1.26
CA SER A 303 20.59 -39.10 0.03
C SER A 303 19.16 -38.59 0.18
N ALA A 304 18.37 -39.22 1.05
CA ALA A 304 17.00 -38.80 1.27
C ALA A 304 16.71 -38.84 2.76
N ILE A 305 16.05 -37.76 3.25
CA ILE A 305 15.57 -37.67 4.61
C ILE A 305 14.07 -37.43 4.58
N ALA A 306 13.32 -38.27 5.31
CA ALA A 306 11.87 -38.16 5.34
C ALA A 306 11.35 -38.17 6.76
N VAL A 307 10.19 -37.55 6.93
CA VAL A 307 9.35 -37.67 8.13
C VAL A 307 7.98 -38.19 7.71
N ASN A 308 7.40 -39.05 8.57
CA ASN A 308 6.07 -39.59 8.42
CA ASN A 308 6.05 -39.59 8.41
C ASN A 308 5.28 -39.30 9.70
N PHE A 309 4.02 -38.89 9.54
CA PHE A 309 3.15 -38.54 10.67
C PHE A 309 1.68 -38.72 10.26
N LYS A 310 0.84 -38.99 11.27
CA LYS A 310 -0.59 -39.13 11.08
C LYS A 310 -1.26 -37.83 11.53
N LEU A 311 -1.97 -37.15 10.65
CA LEU A 311 -2.63 -35.93 11.09
C LEU A 311 -4.10 -36.23 11.34
N GLN A 312 -4.53 -35.99 12.57
CA GLN A 312 -5.95 -36.07 12.92
C GLN A 312 -6.67 -34.85 12.35
N PRO A 313 -8.01 -34.94 12.12
CA PRO A 313 -8.82 -33.78 11.73
C PRO A 313 -8.58 -32.54 12.59
N GLY A 314 -8.31 -31.43 11.90
CA GLY A 314 -8.05 -30.16 12.54
C GLY A 314 -6.69 -30.08 13.22
N GLN A 315 -5.80 -31.06 12.98
CA GLN A 315 -4.49 -31.04 13.63
C GLN A 315 -3.48 -30.28 12.75
N THR A 316 -2.59 -29.54 13.41
CA THR A 316 -1.46 -28.89 12.77
C THR A 316 -0.16 -29.51 13.30
N ILE A 317 0.82 -29.71 12.43
CA ILE A 317 2.17 -30.08 12.88
C ILE A 317 3.21 -29.24 12.14
N GLU A 318 4.33 -28.94 12.82
CA GLU A 318 5.43 -28.16 12.27
C GLU A 318 6.73 -28.97 12.41
N VAL A 319 7.52 -29.04 11.33
CA VAL A 319 8.73 -29.84 11.34
C VAL A 319 9.78 -29.11 10.51
N PRO A 320 10.97 -28.87 11.08
CA PRO A 320 12.05 -28.21 10.35
C PRO A 320 13.10 -29.14 9.73
N PHE A 321 13.37 -28.89 8.43
CA PHE A 321 14.52 -29.47 7.75
C PHE A 321 15.62 -28.43 7.56
N ALA A 322 16.82 -28.87 7.17
CA ALA A 322 17.89 -27.95 6.88
C ALA A 322 18.77 -28.51 5.77
N LEU A 323 19.50 -27.58 5.13
CA LEU A 323 20.52 -27.84 4.13
C LEU A 323 21.76 -27.01 4.46
N SER A 324 22.93 -27.64 4.40
CA SER A 324 24.19 -26.93 4.60
C SER A 324 25.16 -27.38 3.51
N TRP A 325 26.14 -26.52 3.27
CA TRP A 325 27.23 -26.83 2.38
C TRP A 325 28.53 -26.25 2.93
N ASP A 326 29.46 -27.16 3.22
CA ASP A 326 30.81 -26.84 3.65
C ASP A 326 31.75 -27.01 2.48
N LEU A 327 31.93 -25.93 1.71
CA LEU A 327 32.85 -25.84 0.58
C LEU A 327 33.85 -24.74 0.94
N PRO A 328 34.88 -25.04 1.77
CA PRO A 328 35.61 -23.99 2.48
C PRO A 328 36.47 -23.06 1.64
N ILE A 329 36.79 -23.46 0.40
CA ILE A 329 37.80 -22.76 -0.35
C ILE A 329 37.19 -22.17 -1.61
N MET A 330 37.52 -20.90 -1.88
CA MET A 330 37.15 -20.30 -3.15
C MET A 330 38.41 -20.07 -3.97
N LYS A 331 38.39 -20.50 -5.23
CA LYS A 331 39.53 -20.34 -6.12
C LYS A 331 39.14 -19.40 -7.25
N PHE A 332 39.96 -18.39 -7.50
CA PHE A 332 39.70 -17.49 -8.61
C PHE A 332 40.59 -17.89 -9.80
N GLY A 333 40.27 -17.34 -10.98
CA GLY A 333 40.85 -17.81 -12.22
C GLY A 333 42.35 -17.56 -12.31
N GLY A 334 42.82 -16.52 -11.61
CA GLY A 334 44.22 -16.15 -11.56
C GLY A 334 45.04 -17.08 -10.66
N GLY A 335 44.39 -17.98 -9.90
CA GLY A 335 45.11 -19.01 -9.17
C GLY A 335 44.98 -18.89 -7.66
N ASP A 336 44.61 -17.71 -7.13
CA ASP A 336 44.50 -17.54 -5.69
C ASP A 336 43.36 -18.40 -5.12
N LYS A 337 43.63 -18.94 -3.92
CA LYS A 337 42.73 -19.77 -3.15
C LYS A 337 42.54 -19.15 -1.79
N TRP A 338 41.27 -18.90 -1.44
CA TRP A 338 40.89 -18.25 -0.18
C TRP A 338 39.87 -19.10 0.56
N TYR A 339 39.95 -19.06 1.89
CA TYR A 339 38.90 -19.57 2.77
C TYR A 339 37.74 -18.59 2.82
N LYS A 340 36.53 -19.13 2.84
CA LYS A 340 35.32 -18.32 2.98
C LYS A 340 35.10 -17.93 4.44
N MET A 341 34.37 -16.81 4.64
CA MET A 341 34.18 -16.23 5.97
C MET A 341 33.67 -17.24 6.98
N TYR A 342 32.70 -18.10 6.63
CA TYR A 342 32.06 -18.91 7.66
C TYR A 342 33.06 -19.88 8.31
N THR A 343 34.20 -20.15 7.64
CA THR A 343 35.20 -21.07 8.18
C THR A 343 35.72 -20.59 9.53
N LYS A 344 35.63 -19.29 9.82
CA LYS A 344 35.99 -18.77 11.12
C LYS A 344 35.19 -19.44 12.24
N TYR A 345 33.95 -19.82 11.97
CA TYR A 345 33.04 -20.29 12.98
C TYR A 345 32.95 -21.82 12.97
N PHE A 346 33.35 -22.49 11.87
CA PHE A 346 33.16 -23.93 11.84
C PHE A 346 34.43 -24.71 11.53
N GLY A 347 35.52 -24.03 11.13
CA GLY A 347 36.74 -24.71 10.73
C GLY A 347 36.90 -24.71 9.20
N LYS A 348 38.09 -25.11 8.76
CA LYS A 348 38.54 -24.92 7.39
C LYS A 348 38.70 -26.24 6.64
N ASN A 349 38.47 -27.37 7.29
CA ASN A 349 38.88 -28.65 6.71
C ASN A 349 37.83 -29.25 5.80
N GLY A 350 36.65 -28.63 5.68
CA GLY A 350 35.68 -29.09 4.70
C GLY A 350 34.90 -30.33 5.13
N LYS A 351 34.92 -30.65 6.44
CA LYS A 351 34.26 -31.84 6.96
C LYS A 351 33.28 -31.45 8.08
N ASN A 352 32.65 -30.27 7.93
CA ASN A 352 31.90 -29.62 9.00
C ASN A 352 30.45 -29.34 8.62
N SER A 353 29.94 -30.02 7.60
CA SER A 353 28.58 -29.77 7.17
C SER A 353 27.60 -30.10 8.29
N PHE A 354 27.83 -31.21 9.00
CA PHE A 354 26.88 -31.60 10.03
C PHE A 354 26.81 -30.55 11.15
N ALA A 355 27.96 -30.01 11.56
CA ALA A 355 27.94 -29.00 12.60
C ALA A 355 27.13 -27.78 12.17
N ILE A 356 27.25 -27.37 10.91
CA ILE A 356 26.50 -26.21 10.44
C ILE A 356 24.99 -26.49 10.46
N LEU A 357 24.62 -27.66 9.95
CA LEU A 357 23.23 -28.06 9.90
C LEU A 357 22.60 -28.09 11.30
N LYS A 358 23.29 -28.75 12.23
CA LYS A 358 22.84 -28.87 13.61
C LYS A 358 22.64 -27.51 14.26
N GLU A 359 23.60 -26.58 14.12
CA GLU A 359 23.41 -25.24 14.65
CA GLU A 359 23.41 -25.24 14.65
C GLU A 359 22.09 -24.69 14.10
N ALA A 360 21.77 -24.98 12.83
CA ALA A 360 20.57 -24.36 12.24
C ALA A 360 19.32 -24.99 12.80
N LEU A 361 19.28 -26.33 12.85
CA LEU A 361 18.10 -27.03 13.34
C LEU A 361 17.80 -26.70 14.81
N ASN A 362 18.83 -26.37 15.58
CA ASN A 362 18.66 -26.10 17.00
C ASN A 362 18.43 -24.61 17.26
N ASN A 363 18.60 -23.72 16.25
CA ASN A 363 18.54 -22.29 16.52
C ASN A 363 17.67 -21.51 15.54
N TYR A 364 16.91 -22.20 14.69
CA TYR A 364 16.21 -21.54 13.60
C TYR A 364 15.13 -20.59 14.12
N GLN A 365 14.51 -20.92 15.26
CA GLN A 365 13.45 -20.09 15.81
C GLN A 365 14.02 -18.74 16.25
N LYS A 366 15.18 -18.79 16.91
CA LYS A 366 15.87 -17.57 17.29
C LYS A 366 16.20 -16.74 16.05
N TRP A 367 16.63 -17.41 14.97
CA TRP A 367 16.98 -16.70 13.75
C TRP A 367 15.76 -16.00 13.14
N GLU A 368 14.62 -16.71 13.11
CA GLU A 368 13.38 -16.15 12.59
C GLU A 368 13.01 -14.86 13.30
N LYS A 369 13.16 -14.86 14.63
CA LYS A 369 12.82 -13.71 15.46
C LYS A 369 13.80 -12.56 15.20
N MET A 370 15.07 -12.85 14.97
CA MET A 370 16.03 -11.82 14.67
C MET A 370 15.69 -11.18 13.32
N ILE A 371 15.19 -11.97 12.37
CA ILE A 371 14.83 -11.43 11.06
C ILE A 371 13.59 -10.55 11.21
N ASP A 372 12.61 -11.05 11.98
CA ASP A 372 11.39 -10.32 12.28
C ASP A 372 11.71 -8.98 12.95
N ASP A 373 12.66 -8.99 13.91
CA ASP A 373 12.98 -7.81 14.70
C ASP A 373 13.49 -6.73 13.78
N TRP A 374 14.19 -7.17 12.73
CA TRP A 374 14.78 -6.22 11.81
C TRP A 374 13.74 -5.74 10.79
N GLN A 375 12.87 -6.61 10.26
CA GLN A 375 11.93 -6.20 9.21
C GLN A 375 10.73 -5.41 9.77
N LYS A 376 10.35 -5.67 11.03
CA LYS A 376 9.08 -5.20 11.59
C LYS A 376 9.00 -3.66 11.62
N PRO A 377 10.02 -2.88 12.00
CA PRO A 377 9.91 -1.42 11.94
C PRO A 377 9.54 -0.86 10.56
N ILE A 378 9.91 -1.57 9.49
CA ILE A 378 9.56 -1.15 8.17
C ILE A 378 8.19 -1.71 7.78
N LEU A 379 7.94 -3.01 7.99
CA LEU A 379 6.68 -3.62 7.58
C LEU A 379 5.48 -3.01 8.32
N SER A 380 5.68 -2.59 9.56
CA SER A 380 4.61 -2.05 10.39
C SER A 380 4.37 -0.56 10.12
N ASN A 381 5.17 0.05 9.24
CA ASN A 381 5.00 1.45 8.90
C ASN A 381 3.86 1.57 7.89
N LYS A 382 2.67 1.96 8.36
CA LYS A 382 1.47 1.92 7.54
C LYS A 382 1.38 3.10 6.58
N SER A 383 2.35 4.02 6.63
CA SER A 383 2.40 5.13 5.66
C SER A 383 2.95 4.67 4.31
N LYS A 384 3.61 3.51 4.25
CA LYS A 384 4.32 3.11 3.04
C LYS A 384 3.50 2.04 2.34
N PRO A 385 3.37 2.11 1.01
CA PRO A 385 2.65 1.08 0.27
C PRO A 385 3.38 -0.26 0.27
N ASP A 386 2.63 -1.32 0.00
CA ASP A 386 3.15 -2.68 -0.01
C ASP A 386 4.22 -2.85 -1.10
N TRP A 387 3.99 -2.30 -2.30
CA TRP A 387 4.94 -2.52 -3.38
C TRP A 387 6.33 -2.03 -2.97
N TYR A 388 6.38 -0.94 -2.22
CA TYR A 388 7.65 -0.36 -1.83
C TYR A 388 8.43 -1.34 -0.94
N LYS A 389 7.69 -1.91 0.02
CA LYS A 389 8.25 -2.92 0.90
C LYS A 389 8.75 -4.14 0.11
N THR A 390 7.96 -4.59 -0.88
CA THR A 390 8.31 -5.74 -1.71
C THR A 390 9.69 -5.53 -2.34
N ALA A 391 9.89 -4.34 -2.91
CA ALA A 391 11.13 -4.00 -3.60
C ALA A 391 12.27 -3.82 -2.61
N LEU A 392 11.98 -3.13 -1.52
CA LEU A 392 13.01 -2.74 -0.59
C LEU A 392 13.70 -4.00 -0.06
N PHE A 393 12.91 -5.00 0.36
CA PHE A 393 13.48 -6.20 0.95
C PHE A 393 14.00 -7.12 -0.16
N ASN A 394 13.26 -7.29 -1.25
CA ASN A 394 13.65 -8.27 -2.24
C ASN A 394 14.88 -7.80 -3.04
N GLU A 395 15.14 -6.48 -3.11
CA GLU A 395 16.34 -6.02 -3.81
C GLU A 395 17.59 -6.51 -3.06
N LEU A 396 17.51 -6.71 -1.73
CA LEU A 396 18.68 -7.13 -0.98
C LEU A 396 19.19 -8.50 -1.38
N TYR A 397 18.40 -9.27 -2.15
CA TYR A 397 18.85 -10.57 -2.63
C TYR A 397 20.29 -10.44 -3.14
N TYR A 398 20.61 -9.32 -3.81
CA TYR A 398 21.87 -9.22 -4.51
C TYR A 398 23.06 -9.21 -3.55
N LEU A 399 22.86 -8.83 -2.29
CA LEU A 399 24.00 -8.74 -1.39
C LEU A 399 24.65 -10.11 -1.20
N ALA A 400 23.83 -11.15 -1.15
CA ALA A 400 24.35 -12.50 -1.00
C ALA A 400 24.57 -13.13 -2.37
N ASP A 401 23.75 -12.76 -3.35
CA ASP A 401 23.68 -13.43 -4.62
CA ASP A 401 23.70 -13.47 -4.62
C ASP A 401 24.70 -12.87 -5.61
N GLY A 402 25.31 -11.71 -5.29
CA GLY A 402 26.18 -11.02 -6.23
C GLY A 402 27.63 -11.51 -6.31
N GLY A 403 27.87 -12.82 -6.27
CA GLY A 403 29.20 -13.37 -6.42
C GLY A 403 30.09 -12.99 -5.25
N THR A 404 29.43 -12.84 -4.09
CA THR A 404 30.01 -12.16 -2.94
C THR A 404 31.17 -12.99 -2.39
N ALA A 405 32.29 -12.32 -2.18
CA ALA A 405 33.52 -12.94 -1.71
C ALA A 405 33.87 -12.33 -0.37
N TRP A 406 34.13 -13.18 0.60
CA TRP A 406 34.41 -12.69 1.94
C TRP A 406 35.43 -13.65 2.54
N GLU A 407 36.69 -13.21 2.61
CA GLU A 407 37.79 -14.14 2.89
C GLU A 407 38.16 -14.20 4.37
N ASN A 408 38.56 -15.41 4.80
CA ASN A 408 39.10 -15.67 6.13
C ASN A 408 40.49 -16.31 5.99
N GLY A 409 41.34 -15.70 5.14
CA GLY A 409 42.71 -16.15 4.92
C GLY A 409 42.94 -16.75 3.54
N LYS A 410 44.16 -16.52 3.01
N LYS A 410 44.17 -16.53 3.02
CA LYS A 410 44.64 -17.18 1.81
CA LYS A 410 44.64 -17.17 1.80
C LYS A 410 45.03 -18.60 2.21
C LYS A 410 45.08 -18.58 2.18
N VAL A 411 44.76 -19.57 1.33
CA VAL A 411 45.11 -20.95 1.63
C VAL A 411 46.64 -21.06 1.77
N GLY A 412 47.08 -21.79 2.81
CA GLY A 412 48.50 -21.88 3.12
C GLY A 412 49.14 -20.53 3.47
N GLU A 413 48.45 -19.71 4.27
CA GLU A 413 49.01 -18.47 4.80
C GLU A 413 49.45 -18.75 6.24
N LYS A 414 50.64 -18.30 6.63
CA LYS A 414 51.13 -18.51 7.98
C LYS A 414 50.49 -17.49 8.92
N ASP A 415 50.58 -16.21 8.53
CA ASP A 415 50.06 -15.08 9.30
C ASP A 415 48.55 -14.95 9.14
N LYS A 416 47.84 -14.86 10.28
CA LYS A 416 46.43 -14.45 10.31
C LYS A 416 46.38 -12.93 10.29
N ARG A 417 45.36 -12.37 9.63
CA ARG A 417 45.13 -10.92 9.63
C ARG A 417 43.94 -10.63 10.53
N THR A 418 43.85 -9.37 10.99
CA THR A 418 42.68 -8.89 11.71
C THR A 418 41.51 -8.71 10.74
N ASN A 419 41.78 -8.37 9.46
CA ASN A 419 40.74 -7.96 8.54
C ASN A 419 40.34 -9.10 7.59
N ASN A 420 39.08 -9.03 7.18
CA ASN A 420 38.48 -9.97 6.24
C ASN A 420 38.00 -9.19 5.02
N MET A 421 38.72 -9.36 3.91
N MET A 421 38.71 -9.37 3.91
CA MET A 421 38.42 -8.59 2.72
CA MET A 421 38.43 -8.63 2.70
C MET A 421 37.10 -9.09 2.11
C MET A 421 37.08 -9.09 2.13
N PHE A 422 36.38 -8.16 1.49
CA PHE A 422 35.06 -8.43 0.99
C PHE A 422 34.94 -7.85 -0.41
N GLY A 423 34.10 -8.48 -1.23
CA GLY A 423 33.73 -7.84 -2.48
C GLY A 423 32.42 -8.40 -3.03
N LEU A 424 31.64 -7.50 -3.64
CA LEU A 424 30.41 -7.82 -4.34
C LEU A 424 30.60 -7.41 -5.80
N LEU A 425 30.10 -8.21 -6.74
CA LEU A 425 30.29 -7.98 -8.17
C LEU A 425 29.37 -6.84 -8.62
N GLU A 426 29.88 -6.04 -9.58
CA GLU A 426 29.09 -5.21 -10.46
C GLU A 426 27.94 -6.04 -11.01
N CYS A 427 28.22 -7.17 -11.65
CA CYS A 427 27.25 -8.19 -12.05
C CYS A 427 28.04 -9.38 -12.55
N PHE A 428 27.39 -10.38 -13.16
CA PHE A 428 28.10 -11.53 -13.70
C PHE A 428 28.63 -11.27 -15.12
N ASP A 429 27.88 -10.51 -15.93
CA ASP A 429 28.32 -10.16 -17.28
C ASP A 429 29.55 -9.27 -17.26
N TYR A 430 29.60 -8.39 -16.25
CA TYR A 430 30.69 -7.44 -16.07
C TYR A 430 31.34 -7.78 -14.74
N ASN A 431 32.26 -8.75 -14.78
CA ASN A 431 32.64 -9.52 -13.60
C ASN A 431 33.74 -8.77 -12.86
N TYR A 432 33.40 -7.64 -12.22
CA TYR A 432 34.38 -6.84 -11.51
C TYR A 432 33.92 -6.60 -10.07
N TYR A 433 34.83 -6.72 -9.10
CA TYR A 433 34.47 -6.61 -7.69
C TYR A 433 34.49 -5.15 -7.27
N GLU A 434 33.40 -4.71 -6.63
CA GLU A 434 33.29 -3.41 -5.99
C GLU A 434 33.56 -2.24 -6.93
N THR A 435 33.03 -2.33 -8.15
N THR A 435 33.03 -2.32 -8.15
CA THR A 435 33.05 -1.18 -9.05
CA THR A 435 33.05 -1.19 -9.06
C THR A 435 32.58 0.06 -8.32
C THR A 435 32.57 0.07 -8.35
N LEU A 436 33.52 0.97 -8.05
CA LEU A 436 33.26 2.07 -7.13
C LEU A 436 32.23 3.06 -7.69
N ASP A 437 32.30 3.36 -8.98
CA ASP A 437 31.35 4.23 -9.65
C ASP A 437 29.92 3.69 -9.53
N VAL A 438 29.79 2.38 -9.32
CA VAL A 438 28.51 1.71 -9.15
C VAL A 438 28.16 1.59 -7.66
N ARG A 439 29.13 1.26 -6.81
CA ARG A 439 28.87 1.11 -5.38
C ARG A 439 28.47 2.44 -4.73
N PHE A 440 28.82 3.58 -5.35
CA PHE A 440 28.33 4.88 -4.92
C PHE A 440 26.81 4.85 -4.75
N TYR A 441 26.17 4.11 -5.66
CA TYR A 441 24.75 3.83 -5.62
C TYR A 441 24.45 2.58 -4.79
N GLY A 442 25.18 1.51 -5.05
CA GLY A 442 24.77 0.17 -4.66
C GLY A 442 25.16 -0.25 -3.25
N SER A 443 25.92 0.58 -2.51
CA SER A 443 26.44 0.17 -1.20
C SER A 443 25.61 0.68 -0.03
N PHE A 444 24.45 1.33 -0.24
CA PHE A 444 23.60 1.79 0.85
C PHE A 444 23.26 0.65 1.83
N PRO A 445 22.84 -0.55 1.38
CA PRO A 445 22.49 -1.57 2.36
C PRO A 445 23.66 -1.95 3.26
N LEU A 446 24.90 -1.91 2.75
CA LEU A 446 26.06 -2.29 3.55
C LEU A 446 26.35 -1.23 4.59
N VAL A 447 26.32 0.04 4.22
CA VAL A 447 26.60 1.07 5.22
C VAL A 447 25.50 1.06 6.28
N MET A 448 24.24 0.85 5.86
CA MET A 448 23.11 1.00 6.75
C MET A 448 22.91 -0.23 7.65
N LEU A 449 23.26 -1.42 7.14
CA LEU A 449 22.92 -2.68 7.83
C LEU A 449 24.15 -3.50 8.22
N TRP A 450 25.27 -3.43 7.46
CA TRP A 450 26.50 -4.16 7.80
C TRP A 450 27.71 -3.24 7.72
N PRO A 451 27.71 -2.13 8.49
CA PRO A 451 28.70 -1.06 8.30
C PRO A 451 30.16 -1.48 8.52
N ASP A 452 30.42 -2.50 9.35
CA ASP A 452 31.80 -2.95 9.52
C ASP A 452 32.35 -3.52 8.21
N ILE A 453 31.50 -4.19 7.41
CA ILE A 453 31.90 -4.61 6.09
C ILE A 453 32.16 -3.38 5.23
N GLU A 454 31.24 -2.43 5.27
CA GLU A 454 31.34 -1.25 4.42
C GLU A 454 32.67 -0.55 4.68
N LYS A 455 33.05 -0.36 5.95
CA LYS A 455 34.28 0.37 6.27
C LYS A 455 35.49 -0.42 5.78
N GLN A 456 35.44 -1.74 5.93
CA GLN A 456 36.46 -2.64 5.40
C GLN A 456 36.62 -2.40 3.89
N VAL A 457 35.52 -2.37 3.16
CA VAL A 457 35.62 -2.17 1.71
C VAL A 457 36.28 -0.82 1.42
N MET A 458 35.92 0.23 2.15
CA MET A 458 36.48 1.53 1.81
C MET A 458 37.95 1.65 2.22
N ARG A 459 38.37 0.97 3.28
CA ARG A 459 39.78 0.86 3.61
C ARG A 459 40.52 0.18 2.44
N GLN A 460 39.92 -0.87 1.87
CA GLN A 460 40.52 -1.55 0.74
C GLN A 460 40.78 -0.54 -0.38
N PHE A 461 39.82 0.35 -0.66
CA PHE A 461 40.02 1.39 -1.67
C PHE A 461 41.10 2.39 -1.25
N ALA A 462 41.10 2.83 0.00
CA ALA A 462 42.12 3.76 0.50
C ALA A 462 43.53 3.22 0.23
N ASP A 463 43.70 1.90 0.42
CA ASP A 463 45.00 1.25 0.32
C ASP A 463 45.48 1.18 -1.14
N THR A 464 44.60 1.40 -2.13
CA THR A 464 45.01 1.29 -3.52
C THR A 464 45.36 2.65 -4.12
N ILE A 465 45.12 3.74 -3.38
CA ILE A 465 45.13 5.08 -3.98
C ILE A 465 46.48 5.27 -4.71
N ASN A 466 47.57 5.00 -3.99
CA ASN A 466 48.91 5.35 -4.43
C ASN A 466 49.59 4.17 -5.13
N VAL A 467 48.90 3.03 -5.24
CA VAL A 467 49.40 1.96 -6.07
C VAL A 467 49.64 2.49 -7.49
N GLN A 468 50.77 2.05 -8.05
CA GLN A 468 51.22 2.42 -9.38
C GLN A 468 51.54 1.10 -10.07
N ASP A 469 50.87 0.81 -11.19
CA ASP A 469 51.17 -0.36 -11.99
C ASP A 469 51.36 0.13 -13.42
N SER A 470 52.64 0.14 -13.87
CA SER A 470 53.00 0.81 -15.12
C SER A 470 52.85 -0.11 -16.33
N SER A 471 52.48 -1.38 -16.11
CA SER A 471 52.15 -2.26 -17.22
C SER A 471 51.00 -1.67 -18.03
N GLU A 472 50.86 -2.11 -19.29
CA GLU A 472 49.95 -1.44 -20.22
C GLU A 472 48.79 -2.36 -20.55
N PHE A 473 47.68 -1.78 -21.06
CA PHE A 473 46.57 -2.57 -21.54
C PHE A 473 45.89 -1.86 -22.71
N LYS A 474 45.19 -2.65 -23.54
CA LYS A 474 44.44 -2.14 -24.67
C LYS A 474 43.03 -1.76 -24.19
N VAL A 475 42.70 -0.48 -24.34
CA VAL A 475 41.40 0.06 -24.01
C VAL A 475 40.40 -0.46 -25.02
N GLY A 476 39.32 -1.06 -24.54
CA GLY A 476 38.36 -1.73 -25.41
C GLY A 476 37.66 -0.76 -26.37
N SER A 477 37.32 0.45 -25.90
CA SER A 477 36.45 1.33 -26.66
C SER A 477 37.15 1.90 -27.89
N ASN A 478 38.47 2.10 -27.79
CA ASN A 478 39.18 2.90 -28.79
C ASN A 478 40.47 2.23 -29.30
N GLY A 479 40.92 1.14 -28.68
CA GLY A 479 42.12 0.45 -29.13
C GLY A 479 43.43 0.99 -28.55
N ALA A 480 43.43 2.21 -27.98
CA ALA A 480 44.67 2.83 -27.48
C ALA A 480 45.27 2.01 -26.34
N MET A 481 46.56 2.23 -26.10
CA MET A 481 47.27 1.60 -25.00
C MET A 481 47.21 2.57 -23.83
N ALA A 482 47.18 2.03 -22.61
CA ALA A 482 47.15 2.88 -21.43
C ALA A 482 47.77 2.17 -20.23
N VAL A 483 48.17 2.98 -19.24
CA VAL A 483 48.75 2.48 -18.01
C VAL A 483 47.62 1.93 -17.13
N LYS A 484 47.89 0.78 -16.52
CA LYS A 484 46.91 0.01 -15.78
C LYS A 484 46.41 0.75 -14.54
N LYS A 485 47.35 1.28 -13.72
CA LYS A 485 47.00 1.96 -12.48
C LYS A 485 47.96 3.13 -12.20
N VAL A 486 47.38 4.33 -12.02
CA VAL A 486 48.13 5.55 -11.79
C VAL A 486 48.04 5.96 -10.33
N GLN A 487 49.21 6.31 -9.75
CA GLN A 487 49.31 6.87 -8.41
C GLN A 487 48.35 8.04 -8.25
N GLY A 488 47.48 7.95 -7.23
CA GLY A 488 46.56 9.02 -6.87
C GLY A 488 45.17 8.88 -7.51
N MET A 489 44.99 7.95 -8.43
CA MET A 489 43.71 7.71 -9.07
C MET A 489 43.07 6.48 -8.47
N ILE A 490 41.83 6.63 -7.99
CA ILE A 490 41.11 5.51 -7.42
C ILE A 490 40.83 4.49 -8.53
N PRO A 491 40.93 3.18 -8.22
CA PRO A 491 40.60 2.13 -9.16
C PRO A 491 39.11 2.05 -9.46
N HIS A 492 38.79 1.62 -10.69
CA HIS A 492 37.44 1.29 -11.09
C HIS A 492 36.94 0.13 -10.23
N ASP A 493 37.80 -0.86 -9.97
CA ASP A 493 37.35 -2.09 -9.32
C ASP A 493 38.52 -2.80 -8.67
N LEU A 494 38.21 -3.82 -7.85
CA LEU A 494 39.20 -4.55 -7.08
C LEU A 494 39.46 -5.94 -7.68
N GLY A 495 39.34 -6.04 -9.02
CA GLY A 495 39.67 -7.25 -9.76
C GLY A 495 38.44 -8.01 -10.23
N SER A 496 38.68 -9.21 -10.77
CA SER A 496 37.64 -10.08 -11.33
C SER A 496 37.77 -11.48 -10.74
N SER A 497 36.64 -12.21 -10.60
CA SER A 497 36.71 -13.58 -10.14
C SER A 497 37.49 -14.45 -11.13
N TYR A 498 37.67 -13.97 -12.36
CA TYR A 498 38.38 -14.70 -13.40
C TYR A 498 39.88 -14.52 -13.26
N ALA A 499 40.29 -13.54 -12.45
CA ALA A 499 41.69 -13.17 -12.26
C ALA A 499 42.01 -13.22 -10.76
N LEU A 500 42.41 -12.07 -10.17
CA LEU A 500 42.87 -12.05 -8.80
C LEU A 500 42.17 -10.95 -8.00
N PRO A 501 40.95 -11.20 -7.48
CA PRO A 501 40.24 -10.28 -6.58
C PRO A 501 41.14 -9.77 -5.46
N TRP A 502 41.07 -8.44 -5.23
CA TRP A 502 41.80 -7.73 -4.20
C TRP A 502 43.29 -7.58 -4.52
N ILE A 503 43.86 -8.41 -5.41
CA ILE A 503 45.29 -8.40 -5.63
C ILE A 503 45.63 -7.60 -6.88
N LYS A 504 44.92 -7.90 -7.98
CA LYS A 504 45.05 -7.23 -9.25
C LYS A 504 43.80 -6.40 -9.51
N ILE A 505 43.94 -5.07 -9.31
CA ILE A 505 42.82 -4.15 -9.45
C ILE A 505 42.73 -3.68 -10.90
N ASN A 506 41.65 -2.95 -11.19
CA ASN A 506 41.30 -2.49 -12.53
C ASN A 506 41.30 -3.63 -13.55
N ALA A 507 40.51 -4.67 -13.28
CA ALA A 507 40.25 -5.70 -14.29
C ALA A 507 39.52 -5.11 -15.50
N TYR A 508 38.72 -4.06 -15.26
CA TYR A 508 37.94 -3.41 -16.28
C TYR A 508 38.86 -2.68 -17.26
N ASP A 509 38.57 -2.81 -18.55
CA ASP A 509 39.40 -2.21 -19.59
C ASP A 509 38.57 -1.58 -20.71
N TRP A 510 37.26 -1.42 -20.57
CA TRP A 510 36.47 -0.89 -21.68
C TRP A 510 36.82 0.58 -21.89
N GLN A 511 37.05 1.31 -20.79
CA GLN A 511 37.63 2.63 -20.82
C GLN A 511 38.79 2.64 -19.82
N ASN A 512 39.59 3.72 -19.86
CA ASN A 512 40.70 3.84 -18.94
C ASN A 512 40.22 4.56 -17.70
N PRO A 513 40.08 3.85 -16.55
CA PRO A 513 39.54 4.47 -15.35
C PRO A 513 40.49 5.48 -14.68
N ASN A 514 41.75 5.49 -15.14
CA ASN A 514 42.72 6.40 -14.56
C ASN A 514 42.45 7.83 -15.00
N ILE A 515 41.59 8.04 -16.00
CA ILE A 515 41.21 9.39 -16.39
C ILE A 515 39.72 9.65 -16.14
N TRP A 516 39.05 8.81 -15.34
CA TRP A 516 37.65 9.08 -14.99
C TRP A 516 37.55 10.26 -14.05
N LYS A 517 36.45 11.01 -14.21
CA LYS A 517 36.27 12.26 -13.48
C LYS A 517 35.29 12.09 -12.32
N ASP A 518 34.72 10.88 -12.14
CA ASP A 518 33.82 10.60 -11.03
C ASP A 518 34.42 9.71 -9.94
N LEU A 519 35.43 8.88 -10.22
CA LEU A 519 35.89 7.90 -9.23
C LEU A 519 36.48 8.60 -7.99
N ASN A 520 37.37 9.58 -8.17
CA ASN A 520 38.00 10.17 -7.00
C ASN A 520 37.01 10.95 -6.15
N SER A 521 36.06 11.68 -6.79
CA SER A 521 35.03 12.41 -6.08
CA SER A 521 35.03 12.41 -6.08
C SER A 521 34.12 11.45 -5.31
N LYS A 522 33.65 10.40 -5.97
CA LYS A 522 32.76 9.44 -5.34
C LYS A 522 33.46 8.72 -4.19
N TYR A 523 34.76 8.50 -4.31
CA TYR A 523 35.51 7.84 -3.24
C TYR A 523 35.38 8.69 -1.98
N VAL A 524 35.63 10.00 -2.12
CA VAL A 524 35.57 10.90 -0.99
C VAL A 524 34.16 10.95 -0.41
N LEU A 525 33.15 11.07 -1.30
CA LEU A 525 31.76 11.12 -0.87
C LEU A 525 31.38 9.85 -0.09
N LEU A 526 31.89 8.69 -0.51
CA LEU A 526 31.62 7.42 0.14
C LEU A 526 32.25 7.39 1.54
N VAL A 527 33.49 7.88 1.63
CA VAL A 527 34.17 7.98 2.91
C VAL A 527 33.33 8.82 3.88
N TYR A 528 32.91 10.01 3.44
CA TYR A 528 32.24 10.91 4.36
C TYR A 528 30.85 10.34 4.66
N ARG A 529 30.21 9.76 3.64
CA ARG A 529 28.92 9.10 3.86
C ARG A 529 28.99 8.08 4.99
N ASP A 530 30.06 7.27 4.98
CA ASP A 530 30.21 6.15 5.88
C ASP A 530 30.48 6.65 7.30
N TYR A 531 31.10 7.82 7.41
CA TYR A 531 31.23 8.46 8.71
C TYR A 531 29.88 9.00 9.20
N VAL A 532 29.15 9.72 8.34
CA VAL A 532 27.86 10.32 8.69
C VAL A 532 26.83 9.26 9.09
N LEU A 533 26.68 8.20 8.28
CA LEU A 533 25.60 7.25 8.45
C LEU A 533 25.98 6.19 9.47
N THR A 534 27.15 6.29 10.11
CA THR A 534 27.45 5.44 11.27
C THR A 534 27.54 6.29 12.52
N GLY A 535 26.92 7.48 12.52
CA GLY A 535 26.66 8.23 13.74
C GLY A 535 27.69 9.34 13.99
N LYS A 536 28.54 9.63 12.99
CA LYS A 536 29.59 10.65 13.07
C LYS A 536 30.45 10.48 14.31
N THR A 537 30.80 9.24 14.68
CA THR A 537 31.68 9.02 15.83
C THR A 537 33.01 8.40 15.44
N ASP A 538 33.12 7.87 14.21
CA ASP A 538 34.27 7.03 13.86
C ASP A 538 35.39 7.92 13.33
N LYS A 539 36.05 8.61 14.26
CA LYS A 539 37.14 9.50 13.89
C LYS A 539 38.32 8.69 13.36
N GLU A 540 38.50 7.46 13.86
CA GLU A 540 39.62 6.64 13.41
C GLU A 540 39.47 6.41 11.91
N PHE A 541 38.25 6.17 11.42
CA PHE A 541 38.05 5.90 9.99
C PHE A 541 38.45 7.13 9.16
N LEU A 542 38.03 8.30 9.63
CA LEU A 542 38.44 9.53 8.96
C LEU A 542 39.97 9.68 8.96
N LYS A 543 40.64 9.37 10.09
CA LYS A 543 42.09 9.49 10.15
C LYS A 543 42.74 8.50 9.17
N TYR A 544 42.21 7.27 9.14
CA TYR A 544 42.76 6.25 8.27
C TYR A 544 42.73 6.71 6.81
N THR A 545 41.66 7.42 6.41
CA THR A 545 41.38 7.70 5.01
C THR A 545 41.80 9.10 4.60
N TRP A 546 42.16 9.95 5.55
CA TRP A 546 42.34 11.38 5.28
C TRP A 546 43.35 11.64 4.17
N LYS A 547 44.52 11.00 4.22
CA LYS A 547 45.52 11.28 3.19
C LYS A 547 45.02 10.90 1.81
N SER A 548 44.31 9.76 1.69
CA SER A 548 43.83 9.31 0.38
C SER A 548 42.77 10.29 -0.14
N VAL A 549 41.99 10.88 0.78
CA VAL A 549 40.98 11.84 0.38
C VAL A 549 41.65 13.05 -0.26
N LYS A 550 42.73 13.56 0.36
CA LYS A 550 43.40 14.77 -0.12
C LYS A 550 44.12 14.48 -1.44
N THR A 551 44.78 13.31 -1.53
CA THR A 551 45.40 12.90 -2.79
C THR A 551 44.34 12.86 -3.89
N ALA A 552 43.21 12.22 -3.59
CA ALA A 552 42.19 11.99 -4.61
C ALA A 552 41.67 13.31 -5.19
N LEU A 553 41.35 14.27 -4.32
CA LEU A 553 40.89 15.58 -4.77
C LEU A 553 41.99 16.38 -5.45
N ASP A 554 43.24 16.26 -4.98
CA ASP A 554 44.32 17.04 -5.57
C ASP A 554 44.63 16.53 -6.97
N LYS A 555 44.48 15.22 -7.24
CA LYS A 555 44.75 14.71 -8.57
C LYS A 555 43.64 15.13 -9.53
N LEU A 556 42.42 15.18 -9.02
CA LEU A 556 41.29 15.57 -9.85
C LEU A 556 41.43 17.04 -10.23
N LYS A 557 41.93 17.88 -9.31
CA LYS A 557 42.08 19.30 -9.60
C LYS A 557 42.97 19.50 -10.84
N GLU A 558 43.97 18.64 -11.02
CA GLU A 558 44.91 18.79 -12.13
C GLU A 558 44.25 18.55 -13.47
N MET A 559 43.08 17.90 -13.50
CA MET A 559 42.42 17.63 -14.78
C MET A 559 41.53 18.80 -15.20
N ASP A 560 41.51 19.86 -14.39
CA ASP A 560 40.89 21.13 -14.76
C ASP A 560 41.76 21.85 -15.79
N LYS A 561 41.66 21.48 -17.07
CA LYS A 561 42.49 22.05 -18.11
C LYS A 561 42.14 23.53 -18.33
N ASP A 562 40.87 23.94 -18.21
CA ASP A 562 40.47 25.28 -18.61
C ASP A 562 40.38 26.26 -17.44
N ASN A 563 40.88 25.89 -16.26
CA ASN A 563 41.04 26.82 -15.14
C ASN A 563 39.72 27.45 -14.67
N ASP A 564 38.58 26.70 -14.77
CA ASP A 564 37.32 27.09 -14.14
C ASP A 564 37.13 26.47 -12.75
N GLY A 565 38.13 25.75 -12.25
CA GLY A 565 38.10 25.18 -10.90
C GLY A 565 37.49 23.77 -10.85
N ILE A 566 37.19 23.19 -12.01
CA ILE A 566 36.37 21.97 -12.12
C ILE A 566 37.05 21.00 -13.07
N PRO A 567 37.19 19.70 -12.75
CA PRO A 567 37.77 18.75 -13.69
C PRO A 567 37.03 18.86 -15.01
N ASP A 568 37.76 18.74 -16.12
CA ASP A 568 37.17 18.78 -17.45
C ASP A 568 36.88 17.36 -17.94
N ASN A 569 35.61 17.06 -18.27
CA ASN A 569 35.30 15.90 -19.08
C ASN A 569 35.95 16.10 -20.45
N GLU A 570 36.42 15.00 -21.06
CA GLU A 570 37.34 15.04 -22.17
C GLU A 570 36.70 14.55 -23.47
N GLY A 571 35.36 14.66 -23.59
CA GLY A 571 34.68 14.36 -24.84
C GLY A 571 34.69 12.87 -25.14
N ILE A 572 34.96 12.09 -24.10
CA ILE A 572 34.82 10.64 -24.14
C ILE A 572 34.04 10.24 -22.90
N PRO A 573 33.59 8.96 -22.82
CA PRO A 573 32.88 8.45 -21.64
C PRO A 573 33.84 8.21 -20.48
N ASP A 574 34.21 9.28 -19.77
CA ASP A 574 35.15 9.21 -18.67
C ASP A 574 34.45 9.24 -17.31
N GLN A 575 33.43 8.40 -17.14
CA GLN A 575 32.69 8.27 -15.88
C GLN A 575 31.73 7.09 -16.03
N THR A 576 30.90 6.82 -15.00
CA THR A 576 30.14 5.58 -14.89
C THR A 576 29.26 5.37 -16.13
N TYR A 577 28.84 6.44 -16.79
CA TYR A 577 28.07 6.31 -18.03
C TYR A 577 29.09 6.07 -19.15
N ASP A 578 29.58 4.84 -19.23
CA ASP A 578 30.85 4.54 -19.89
C ASP A 578 30.70 4.35 -21.40
N THR A 579 29.53 4.66 -21.97
CA THR A 579 29.44 4.87 -23.41
C THR A 579 28.90 6.27 -23.72
N TRP A 580 28.65 7.12 -22.70
CA TRP A 580 28.02 8.40 -22.92
C TRP A 580 29.03 9.52 -22.69
N SER A 581 29.45 10.17 -23.77
CA SER A 581 30.56 11.10 -23.71
CA SER A 581 30.56 11.10 -23.71
C SER A 581 30.12 12.40 -23.05
N MET A 582 30.98 12.92 -22.19
CA MET A 582 30.79 14.23 -21.59
C MET A 582 31.99 15.06 -21.99
N LYS A 583 31.82 16.38 -22.07
CA LYS A 583 32.87 17.26 -22.53
CA LYS A 583 32.87 17.26 -22.53
C LYS A 583 32.73 18.60 -21.84
N GLY A 584 33.80 19.03 -21.17
CA GLY A 584 33.83 20.30 -20.48
C GLY A 584 33.40 20.10 -19.04
N THR A 585 32.65 21.06 -18.51
CA THR A 585 32.03 20.86 -17.22
C THR A 585 30.71 20.14 -17.44
N SER A 586 30.51 19.03 -16.71
CA SER A 586 29.28 18.26 -16.76
C SER A 586 28.51 18.47 -15.46
N ALA A 587 27.17 18.44 -15.56
CA ALA A 587 26.37 18.51 -14.36
C ALA A 587 26.75 17.36 -13.44
N TYR A 588 26.89 16.17 -14.02
CA TYR A 588 27.13 14.95 -13.24
C TYR A 588 28.46 15.06 -12.48
N CYS A 589 29.57 15.18 -13.21
CA CYS A 589 30.88 15.13 -12.56
C CYS A 589 31.17 16.42 -11.81
N GLY A 590 30.65 17.53 -12.32
CA GLY A 590 30.77 18.83 -11.67
C GLY A 590 30.10 18.86 -10.29
N SER A 591 28.87 18.34 -10.19
CA SER A 591 28.18 18.36 -8.90
C SER A 591 28.84 17.40 -7.90
N LEU A 592 29.34 16.25 -8.37
CA LEU A 592 30.02 15.32 -7.48
C LEU A 592 31.28 15.99 -6.92
N TRP A 593 31.98 16.73 -7.78
CA TRP A 593 33.18 17.46 -7.40
C TRP A 593 32.86 18.51 -6.33
N LEU A 594 31.79 19.30 -6.52
CA LEU A 594 31.40 20.29 -5.52
C LEU A 594 31.15 19.61 -4.18
N ALA A 595 30.41 18.50 -4.23
CA ALA A 595 30.02 17.81 -3.02
C ALA A 595 31.25 17.21 -2.33
N ALA A 596 32.16 16.65 -3.11
CA ALA A 596 33.39 16.07 -2.58
C ALA A 596 34.26 17.14 -1.86
N LEU A 597 34.39 18.31 -2.49
CA LEU A 597 35.11 19.43 -1.89
C LEU A 597 34.48 19.82 -0.56
N LYS A 598 33.14 19.92 -0.52
CA LYS A 598 32.46 20.30 0.71
C LYS A 598 32.69 19.21 1.75
N ALA A 599 32.66 17.92 1.38
CA ALA A 599 32.85 16.86 2.36
C ALA A 599 34.28 16.93 2.95
N ALA A 600 35.28 17.18 2.09
CA ALA A 600 36.67 17.21 2.54
C ALA A 600 36.93 18.38 3.49
N GLN A 601 36.28 19.52 3.22
CA GLN A 601 36.32 20.65 4.13
C GLN A 601 35.83 20.24 5.52
N GLU A 602 34.72 19.49 5.54
CA GLU A 602 34.14 19.08 6.81
C GLU A 602 35.09 18.14 7.54
N ILE A 603 35.77 17.27 6.78
CA ILE A 603 36.67 16.32 7.39
C ILE A 603 37.84 17.12 7.96
N GLY A 604 38.27 18.13 7.20
CA GLY A 604 39.32 19.05 7.65
C GLY A 604 38.96 19.72 8.97
N LYS A 605 37.72 20.21 9.10
CA LYS A 605 37.28 20.81 10.35
C LYS A 605 37.34 19.76 11.45
N VAL A 606 36.79 18.56 11.19
CA VAL A 606 36.77 17.49 12.19
C VAL A 606 38.20 17.13 12.64
N LEU A 607 39.13 16.99 11.69
CA LEU A 607 40.50 16.58 12.02
C LEU A 607 41.42 17.77 12.38
N LYS A 608 40.85 18.99 12.50
CA LYS A 608 41.58 20.22 12.80
C LYS A 608 42.78 20.42 11.88
N ASP A 609 42.51 20.34 10.56
CA ASP A 609 43.52 20.56 9.54
C ASP A 609 43.17 21.84 8.81
N ASN A 610 43.66 22.96 9.34
CA ASN A 610 43.26 24.27 8.86
C ASN A 610 43.69 24.45 7.42
N GLU A 611 44.88 23.95 7.07
CA GLU A 611 45.41 24.08 5.73
C GLU A 611 44.45 23.46 4.71
N ALA A 612 43.90 22.28 5.02
CA ALA A 612 43.02 21.58 4.09
C ALA A 612 41.65 22.26 4.01
N TYR A 613 41.11 22.64 5.18
CA TYR A 613 39.85 23.35 5.25
C TYR A 613 39.91 24.55 4.31
N ILE A 614 40.98 25.35 4.42
CA ILE A 614 41.10 26.57 3.65
C ILE A 614 41.21 26.25 2.17
N LYS A 615 42.05 25.27 1.82
CA LYS A 615 42.25 24.98 0.42
C LYS A 615 40.96 24.51 -0.24
N TYR A 616 40.26 23.54 0.36
CA TYR A 616 39.10 22.95 -0.29
C TYR A 616 37.95 23.97 -0.27
N ASN A 617 37.87 24.77 0.78
CA ASN A 617 36.90 25.85 0.82
C ASN A 617 37.11 26.78 -0.38
N GLU A 618 38.35 27.20 -0.62
CA GLU A 618 38.63 28.13 -1.72
C GLU A 618 38.29 27.45 -3.05
N TRP A 619 38.70 26.19 -3.22
CA TRP A 619 38.41 25.47 -4.46
C TRP A 619 36.90 25.38 -4.70
N TYR A 620 36.14 25.16 -3.63
CA TYR A 620 34.70 24.98 -3.69
C TYR A 620 33.99 26.26 -4.14
N LYS A 621 34.43 27.41 -3.58
CA LYS A 621 33.81 28.70 -3.84
C LYS A 621 33.93 29.05 -5.33
N ILE A 622 35.11 28.85 -5.89
CA ILE A 622 35.32 29.12 -7.30
C ILE A 622 34.49 28.15 -8.15
N ALA A 623 34.60 26.86 -7.83
CA ALA A 623 33.94 25.84 -8.64
C ALA A 623 32.42 26.01 -8.65
N GLN A 624 31.85 26.32 -7.48
CA GLN A 624 30.42 26.49 -7.30
C GLN A 624 29.90 27.60 -8.22
N GLN A 625 30.56 28.76 -8.17
CA GLN A 625 30.15 29.93 -8.95
C GLN A 625 30.22 29.59 -10.43
N ASN A 626 31.30 28.91 -10.84
CA ASN A 626 31.52 28.60 -12.24
C ASN A 626 30.54 27.52 -12.69
N PHE A 627 30.29 26.53 -11.84
CA PHE A 627 29.29 25.52 -12.17
C PHE A 627 27.94 26.18 -12.44
N GLU A 628 27.53 27.04 -11.50
CA GLU A 628 26.25 27.74 -11.58
C GLU A 628 26.17 28.49 -12.89
N LYS A 629 27.20 29.30 -13.20
CA LYS A 629 27.16 30.17 -14.37
C LYS A 629 27.26 29.36 -15.65
N GLU A 630 27.94 28.21 -15.63
CA GLU A 630 28.19 27.47 -16.86
C GLU A 630 26.99 26.61 -17.26
N LEU A 631 26.15 26.18 -16.29
CA LEU A 631 25.20 25.10 -16.53
C LEU A 631 23.75 25.48 -16.19
N TRP A 632 23.50 26.41 -15.26
CA TRP A 632 22.13 26.74 -14.92
C TRP A 632 21.46 27.47 -16.07
N ASN A 633 20.39 26.89 -16.66
CA ASN A 633 19.72 27.50 -17.80
C ASN A 633 18.39 28.15 -17.40
N GLY A 634 18.03 28.16 -16.10
CA GLY A 634 16.79 28.75 -15.61
C GLY A 634 15.67 27.73 -15.39
N GLU A 635 15.79 26.54 -15.97
CA GLU A 635 14.89 25.42 -15.70
C GLU A 635 15.64 24.25 -15.04
N TYR A 636 16.77 23.85 -15.62
CA TYR A 636 17.56 22.75 -15.10
C TYR A 636 19.06 23.01 -15.34
N TYR A 637 19.91 22.09 -14.89
CA TYR A 637 21.33 22.17 -15.20
C TYR A 637 21.58 21.39 -16.49
N ASN A 638 22.25 22.04 -17.45
CA ASN A 638 22.60 21.40 -18.70
C ASN A 638 23.51 20.20 -18.43
N PHE A 639 23.49 19.25 -19.35
CA PHE A 639 24.25 18.03 -19.25
C PHE A 639 25.75 18.31 -19.21
N ASP A 640 26.26 19.17 -20.11
CA ASP A 640 27.65 19.60 -20.03
C ASP A 640 27.82 20.91 -20.79
N THR A 641 29.06 21.40 -20.92
CA THR A 641 29.29 22.68 -21.55
C THR A 641 29.59 22.55 -23.04
N GLU A 642 29.96 21.38 -23.55
CA GLU A 642 30.60 21.36 -24.87
C GLU A 642 30.13 20.25 -25.79
N SER A 643 29.22 19.34 -25.35
CA SER A 643 28.73 18.26 -26.21
C SER A 643 27.70 18.78 -27.21
N ASP A 644 27.55 18.04 -28.32
CA ASP A 644 26.47 18.23 -29.28
C ASP A 644 25.14 18.24 -28.53
N HIS A 645 25.06 17.41 -27.47
CA HIS A 645 23.86 17.14 -26.68
C HIS A 645 23.89 17.89 -25.34
N LYS A 646 24.52 19.07 -25.30
CA LYS A 646 24.87 19.72 -24.05
C LYS A 646 23.63 20.16 -23.27
N ASP A 647 22.49 20.37 -23.95
CA ASP A 647 21.28 20.88 -23.28
C ASP A 647 20.30 19.75 -22.91
N SER A 648 20.71 18.49 -23.07
CA SER A 648 19.88 17.39 -22.59
C SER A 648 19.59 17.54 -21.10
N ILE A 649 18.44 16.98 -20.70
CA ILE A 649 18.04 16.88 -19.31
C ILE A 649 18.48 15.49 -18.82
N MET A 650 19.44 15.49 -17.89
CA MET A 650 20.06 14.27 -17.41
C MET A 650 19.39 13.91 -16.09
N ALA A 651 18.88 12.68 -16.00
CA ALA A 651 18.18 12.29 -14.78
C ALA A 651 19.12 12.46 -13.60
N ASP A 652 20.40 12.16 -13.79
CA ASP A 652 21.34 12.12 -12.67
C ASP A 652 22.12 13.43 -12.54
N GLN A 653 21.62 14.52 -13.13
CA GLN A 653 22.39 15.75 -13.27
C GLN A 653 22.82 16.35 -11.92
N LEU A 654 22.10 16.09 -10.83
CA LEU A 654 22.45 16.69 -9.54
C LEU A 654 22.89 15.65 -8.49
N ALA A 655 23.56 14.60 -8.96
CA ALA A 655 24.04 13.54 -8.08
C ALA A 655 24.86 14.07 -6.89
N GLY A 656 25.67 15.10 -7.12
CA GLY A 656 26.40 15.69 -6.00
C GLY A 656 25.49 16.17 -4.88
N GLN A 657 24.40 16.85 -5.26
CA GLN A 657 23.49 17.42 -4.27
C GLN A 657 22.75 16.31 -3.55
N TRP A 658 22.46 15.22 -4.27
CA TRP A 658 21.78 14.07 -3.67
C TRP A 658 22.60 13.56 -2.49
N TYR A 659 23.89 13.34 -2.71
CA TYR A 659 24.80 12.89 -1.67
C TYR A 659 24.96 13.93 -0.57
N ALA A 660 25.05 15.21 -0.95
CA ALA A 660 25.20 16.26 0.03
C ALA A 660 24.00 16.26 1.00
N ASP A 661 22.80 15.94 0.51
CA ASP A 661 21.65 15.87 1.39
C ASP A 661 21.86 14.75 2.42
N ILE A 662 22.28 13.58 1.96
CA ILE A 662 22.51 12.42 2.81
C ILE A 662 23.63 12.73 3.81
N LEU A 663 24.66 13.45 3.37
CA LEU A 663 25.82 13.72 4.21
C LEU A 663 25.62 14.98 5.07
N ARG A 664 24.46 15.62 4.92
CA ARG A 664 24.12 16.80 5.71
C ARG A 664 25.13 17.92 5.48
N LEU A 665 25.53 18.13 4.21
CA LEU A 665 26.51 19.16 3.86
C LEU A 665 25.85 20.44 3.38
N GLY A 666 24.52 20.54 3.50
CA GLY A 666 23.78 21.73 3.12
C GLY A 666 23.63 21.86 1.60
N ASP A 667 23.34 23.09 1.15
CA ASP A 667 23.09 23.42 -0.23
C ASP A 667 24.41 23.65 -0.96
N ILE A 668 24.72 22.79 -1.91
CA ILE A 668 25.85 23.03 -2.80
C ILE A 668 25.32 23.78 -4.02
N LEU A 669 24.01 23.65 -4.25
CA LEU A 669 23.32 24.36 -5.31
C LEU A 669 22.10 25.00 -4.68
N PRO A 670 21.58 26.14 -5.18
CA PRO A 670 20.43 26.78 -4.56
C PRO A 670 19.17 25.90 -4.57
N LYS A 671 18.46 25.90 -3.43
CA LYS A 671 17.24 25.12 -3.21
C LYS A 671 16.26 25.31 -4.36
N ASP A 672 16.10 26.56 -4.80
CA ASP A 672 15.18 26.91 -5.88
C ASP A 672 15.56 26.15 -7.15
N HIS A 673 16.85 26.15 -7.48
CA HIS A 673 17.35 25.49 -8.68
C HIS A 673 17.20 23.97 -8.59
N VAL A 674 17.45 23.39 -7.40
CA VAL A 674 17.31 21.95 -7.23
C VAL A 674 15.84 21.56 -7.45
N GLN A 675 14.92 22.30 -6.80
CA GLN A 675 13.51 21.99 -6.88
CA GLN A 675 13.51 21.96 -6.89
C GLN A 675 13.10 22.00 -8.35
N LYS A 676 13.52 23.04 -9.08
CA LYS A 676 13.11 23.18 -10.47
C LYS A 676 13.67 22.06 -11.34
N ALA A 677 14.95 21.71 -11.10
CA ALA A 677 15.58 20.65 -11.87
C ALA A 677 14.86 19.33 -11.63
N LEU A 678 14.52 19.07 -10.37
CA LEU A 678 13.88 17.80 -10.03
C LEU A 678 12.49 17.70 -10.65
N LYS A 679 11.74 18.81 -10.58
CA LYS A 679 10.44 18.91 -11.23
C LYS A 679 10.59 18.68 -12.73
N LYS A 680 11.61 19.28 -13.34
CA LYS A 680 11.87 19.09 -14.76
C LYS A 680 12.11 17.61 -15.06
N ILE A 681 12.94 16.95 -14.26
CA ILE A 681 13.31 15.56 -14.51
C ILE A 681 12.05 14.66 -14.39
N TYR A 682 11.23 14.92 -13.38
CA TYR A 682 9.98 14.19 -13.21
C TYR A 682 9.05 14.43 -14.41
N GLU A 683 8.88 15.70 -14.80
CA GLU A 683 7.99 16.05 -15.90
C GLU A 683 8.46 15.43 -17.23
N PHE A 684 9.77 15.33 -17.43
CA PHE A 684 10.33 14.94 -18.72
C PHE A 684 10.79 13.50 -18.69
N ASN A 685 11.93 13.26 -18.03
CA ASN A 685 12.62 11.98 -18.01
C ASN A 685 11.70 10.87 -17.50
N VAL A 686 10.84 11.19 -16.53
CA VAL A 686 9.86 10.23 -16.03
C VAL A 686 8.57 10.31 -16.85
N MET A 687 7.79 11.39 -16.71
CA MET A 687 6.41 11.37 -17.18
C MET A 687 6.30 11.34 -18.72
N LYS A 688 7.33 11.76 -19.46
CA LYS A 688 7.27 11.73 -20.91
C LYS A 688 7.92 10.45 -21.46
N PHE A 689 8.32 9.53 -20.59
CA PHE A 689 8.88 8.26 -21.00
C PHE A 689 7.87 7.20 -20.63
N GLU A 690 7.11 6.74 -21.63
CA GLU A 690 6.15 5.67 -21.44
C GLU A 690 5.27 6.01 -20.24
N ASN A 691 4.85 7.28 -20.17
CA ASN A 691 3.85 7.74 -19.21
C ASN A 691 4.31 7.50 -17.77
N GLY A 692 5.62 7.47 -17.50
CA GLY A 692 6.10 7.44 -16.12
C GLY A 692 5.91 6.08 -15.48
N LYS A 693 5.70 5.05 -16.29
CA LYS A 693 5.49 3.69 -15.83
C LYS A 693 6.75 2.82 -15.81
N MET A 694 7.95 3.36 -16.11
CA MET A 694 9.14 2.52 -16.28
C MET A 694 10.43 3.19 -15.77
N GLY A 695 10.34 4.16 -14.87
CA GLY A 695 11.56 4.77 -14.35
C GLY A 695 11.86 6.09 -15.07
N ALA A 696 13.07 6.60 -14.85
CA ALA A 696 13.56 7.83 -15.43
C ALA A 696 14.55 7.46 -16.53
N VAL A 697 14.23 7.84 -17.78
CA VAL A 697 15.18 7.70 -18.85
C VAL A 697 16.31 8.70 -18.58
N ASN A 698 17.53 8.33 -18.97
CA ASN A 698 18.72 9.04 -18.52
C ASN A 698 18.83 10.42 -19.16
N GLY A 699 18.56 10.48 -20.47
CA GLY A 699 18.73 11.69 -21.26
C GLY A 699 17.48 11.99 -22.08
N MET A 700 16.85 13.12 -21.81
CA MET A 700 15.80 13.61 -22.70
C MET A 700 16.13 15.02 -23.20
N ARG A 701 15.90 15.23 -24.50
N ARG A 701 15.89 15.23 -24.48
CA ARG A 701 16.04 16.54 -25.10
CA ARG A 701 16.04 16.54 -25.09
C ARG A 701 14.97 17.47 -24.53
C ARG A 701 14.97 17.47 -24.55
N PRO A 702 15.17 18.80 -24.56
CA PRO A 702 14.19 19.75 -24.03
C PRO A 702 12.88 19.85 -24.81
N ASP A 703 12.86 19.34 -26.03
CA ASP A 703 11.63 19.22 -26.80
C ASP A 703 10.81 17.97 -26.42
N GLY A 704 11.31 17.15 -25.50
CA GLY A 704 10.51 16.07 -24.93
C GLY A 704 10.74 14.73 -25.63
N ILE A 705 11.75 14.66 -26.50
CA ILE A 705 12.09 13.40 -27.15
C ILE A 705 13.38 12.88 -26.53
N VAL A 706 13.49 11.55 -26.40
CA VAL A 706 14.63 10.94 -25.75
C VAL A 706 15.88 11.23 -26.60
N ASP A 707 16.98 11.47 -25.90
CA ASP A 707 18.28 11.76 -26.49
C ASP A 707 18.81 10.49 -27.17
N GLU A 708 19.22 10.61 -28.45
CA GLU A 708 19.67 9.48 -29.25
C GLU A 708 21.18 9.40 -29.38
N SER A 709 21.91 10.32 -28.74
CA SER A 709 23.34 10.47 -28.88
C SER A 709 24.07 9.18 -28.54
N ASP A 710 23.59 8.46 -27.50
CA ASP A 710 24.16 7.17 -27.14
C ASP A 710 23.09 6.29 -26.49
N ILE A 711 23.22 4.98 -26.64
CA ILE A 711 22.30 4.02 -26.04
C ILE A 711 22.06 4.32 -24.55
N GLN A 712 23.04 4.79 -23.80
CA GLN A 712 22.81 4.94 -22.37
C GLN A 712 21.85 6.09 -22.05
N ALA A 713 21.83 7.12 -22.90
CA ALA A 713 20.83 8.17 -22.77
C ALA A 713 19.42 7.65 -22.96
N GLN A 714 19.26 6.57 -23.73
CA GLN A 714 17.96 6.00 -24.05
C GLN A 714 17.58 4.90 -23.07
N GLU A 715 18.43 4.67 -22.07
CA GLU A 715 18.16 3.64 -21.09
C GLU A 715 17.62 4.28 -19.81
N VAL A 716 16.77 3.52 -19.13
CA VAL A 716 16.49 3.74 -17.73
C VAL A 716 17.50 2.95 -16.92
N TRP A 717 18.16 3.58 -15.95
CA TRP A 717 19.03 2.84 -15.04
C TRP A 717 18.34 2.67 -13.69
N THR A 718 18.11 1.41 -13.33
CA THR A 718 17.30 1.08 -12.16
C THR A 718 17.90 1.73 -10.91
N GLY A 719 19.22 1.66 -10.76
CA GLY A 719 19.87 2.17 -9.56
C GLY A 719 19.87 3.69 -9.54
N VAL A 720 19.88 4.29 -10.75
CA VAL A 720 19.87 5.73 -10.86
C VAL A 720 18.47 6.23 -10.51
N THR A 721 17.44 5.49 -10.91
CA THR A 721 16.07 5.91 -10.69
C THR A 721 15.71 5.76 -9.20
N TYR A 722 16.16 4.67 -8.54
CA TYR A 722 15.83 4.50 -7.14
C TYR A 722 16.52 5.62 -6.35
N ALA A 723 17.74 5.97 -6.74
CA ALA A 723 18.48 7.02 -6.06
C ALA A 723 17.80 8.36 -6.28
N LEU A 724 17.36 8.61 -7.52
CA LEU A 724 16.66 9.82 -7.86
C LEU A 724 15.40 9.95 -7.00
N ALA A 725 14.73 8.81 -6.80
CA ALA A 725 13.51 8.79 -6.02
C ALA A 725 13.84 9.18 -4.58
N SER A 726 14.96 8.70 -4.05
CA SER A 726 15.29 9.10 -2.69
C SER A 726 15.59 10.61 -2.66
N PHE A 727 16.23 11.16 -3.69
CA PHE A 727 16.52 12.60 -3.70
C PHE A 727 15.21 13.39 -3.68
N MET A 728 14.27 12.99 -4.54
CA MET A 728 12.96 13.59 -4.59
C MET A 728 12.32 13.57 -3.20
N LYS A 729 12.39 12.43 -2.53
CA LYS A 729 11.76 12.23 -1.25
C LYS A 729 12.37 13.17 -0.20
N TYR A 730 13.69 13.28 -0.18
CA TYR A 730 14.37 14.14 0.78
C TYR A 730 13.90 15.57 0.57
N ARG A 731 13.68 15.97 -0.69
CA ARG A 731 13.31 17.33 -1.04
C ARG A 731 11.80 17.56 -0.97
N GLY A 732 11.03 16.62 -0.41
CA GLY A 732 9.63 16.84 -0.13
C GLY A 732 8.74 16.57 -1.33
N MET A 733 9.28 15.99 -2.40
CA MET A 733 8.48 15.66 -3.57
C MET A 733 8.03 14.21 -3.46
N THR A 734 7.16 13.96 -2.48
CA THR A 734 6.80 12.62 -2.03
C THR A 734 6.10 11.85 -3.14
N GLU A 735 5.06 12.43 -3.73
CA GLU A 735 4.35 11.75 -4.80
C GLU A 735 5.31 11.42 -5.97
N GLU A 736 6.15 12.39 -6.36
CA GLU A 736 7.03 12.21 -7.50
C GLU A 736 8.03 11.09 -7.22
N ALA A 737 8.56 11.10 -6.00
CA ALA A 737 9.52 10.11 -5.54
C ALA A 737 8.98 8.68 -5.71
N TYR A 738 7.80 8.43 -5.14
CA TYR A 738 7.25 7.07 -5.17
C TYR A 738 6.73 6.71 -6.56
N ASN A 739 6.13 7.68 -7.26
CA ASN A 739 5.71 7.42 -8.63
C ASN A 739 6.92 7.01 -9.47
N THR A 740 8.06 7.69 -9.24
CA THR A 740 9.29 7.46 -9.99
C THR A 740 9.78 6.03 -9.71
N ALA A 741 9.94 5.69 -8.42
CA ALA A 741 10.33 4.35 -8.01
C ALA A 741 9.35 3.29 -8.47
N TYR A 742 8.05 3.63 -8.54
CA TYR A 742 7.01 2.64 -8.78
C TYR A 742 7.27 1.95 -10.10
N GLY A 743 7.70 2.72 -11.10
CA GLY A 743 7.97 2.17 -12.43
C GLY A 743 9.03 1.06 -12.41
N VAL A 744 10.03 1.22 -11.56
CA VAL A 744 11.12 0.27 -11.46
C VAL A 744 10.58 -0.99 -10.79
N TYR A 745 9.80 -0.81 -9.71
CA TYR A 745 9.13 -1.92 -9.05
C TYR A 745 8.27 -2.66 -10.06
N LYS A 746 7.50 -1.90 -10.85
CA LYS A 746 6.48 -2.49 -11.73
C LYS A 746 7.15 -3.37 -12.78
N MET A 747 8.19 -2.83 -13.42
CA MET A 747 8.96 -3.55 -14.43
C MET A 747 9.59 -4.81 -13.83
N THR A 748 10.02 -4.74 -12.58
CA THR A 748 10.79 -5.82 -12.00
C THR A 748 9.86 -6.95 -11.58
N TYR A 749 8.76 -6.62 -10.89
CA TYR A 749 8.02 -7.58 -10.07
C TYR A 749 6.60 -7.84 -10.55
N ASP A 750 5.97 -6.83 -11.14
CA ASP A 750 4.54 -6.87 -11.44
C ASP A 750 4.27 -7.80 -12.61
N LYS A 751 3.05 -8.35 -12.65
CA LYS A 751 2.65 -9.27 -13.70
C LYS A 751 2.63 -8.53 -15.03
N SER A 752 2.56 -7.20 -15.00
CA SER A 752 2.53 -6.42 -16.23
C SER A 752 3.94 -5.97 -16.64
N GLY A 753 4.95 -6.40 -15.87
CA GLY A 753 6.32 -5.97 -16.10
C GLY A 753 7.04 -6.94 -17.04
N LYS A 754 8.37 -7.05 -16.88
CA LYS A 754 9.17 -7.79 -17.85
C LYS A 754 9.84 -9.01 -17.23
N GLY A 755 9.58 -9.29 -15.94
CA GLY A 755 9.98 -10.55 -15.35
C GLY A 755 11.43 -10.60 -14.84
N TYR A 756 11.83 -9.59 -14.07
CA TYR A 756 13.21 -9.46 -13.65
C TYR A 756 13.38 -9.65 -12.14
N TRP A 757 12.36 -10.20 -11.46
CA TRP A 757 12.47 -10.50 -10.04
C TRP A 757 13.69 -11.39 -9.76
N PHE A 758 14.45 -11.00 -8.72
CA PHE A 758 15.70 -11.65 -8.30
C PHE A 758 16.75 -11.66 -9.43
N ARG A 759 16.68 -10.72 -10.37
CA ARG A 759 17.78 -10.46 -11.30
C ARG A 759 17.67 -9.04 -11.83
N THR A 760 17.36 -8.10 -10.95
CA THR A 760 17.16 -6.72 -11.38
C THR A 760 18.31 -6.30 -12.26
N PRO A 761 18.06 -5.78 -13.48
CA PRO A 761 19.17 -5.38 -14.35
C PRO A 761 19.64 -3.95 -14.13
N GLU A 762 20.77 -3.62 -14.76
CA GLU A 762 21.25 -2.25 -14.81
C GLU A 762 20.18 -1.39 -15.46
N ALA A 763 19.68 -1.84 -16.61
CA ALA A 763 19.02 -0.94 -17.52
C ALA A 763 18.00 -1.64 -18.38
N TRP A 764 16.98 -0.87 -18.77
CA TRP A 764 16.10 -1.25 -19.87
C TRP A 764 15.83 -0.06 -20.77
N THR A 765 15.41 -0.41 -22.00
CA THR A 765 14.96 0.55 -22.99
C THR A 765 13.42 0.60 -22.98
N LYS A 766 12.88 1.51 -23.80
CA LYS A 766 11.45 1.78 -23.91
C LYS A 766 10.66 0.49 -24.10
N ASP A 767 11.23 -0.46 -24.86
CA ASP A 767 10.55 -1.70 -25.20
C ASP A 767 10.55 -2.68 -24.01
N GLY A 768 11.25 -2.34 -22.91
CA GLY A 768 11.24 -3.20 -21.75
C GLY A 768 12.40 -4.21 -21.69
N ASN A 769 13.14 -4.38 -22.79
CA ASN A 769 14.25 -5.31 -22.83
C ASN A 769 15.44 -4.72 -22.07
N TYR A 770 16.37 -5.58 -21.66
CA TYR A 770 17.30 -5.17 -20.62
C TYR A 770 18.76 -5.30 -21.03
N ARG A 771 19.60 -4.74 -20.16
CA ARG A 771 21.04 -4.93 -20.20
C ARG A 771 21.54 -5.19 -18.78
N ALA A 772 22.31 -6.28 -18.63
CA ALA A 772 23.01 -6.66 -17.42
C ALA A 772 22.06 -7.03 -16.26
N SER A 773 21.50 -8.23 -16.32
CA SER A 773 20.71 -8.75 -15.21
C SER A 773 21.60 -9.03 -13.99
N MET A 774 20.94 -9.12 -12.83
CA MET A 774 21.63 -9.40 -11.56
C MET A 774 22.71 -8.34 -11.33
N TYR A 775 22.30 -7.13 -11.00
CA TYR A 775 23.14 -5.95 -11.05
C TYR A 775 23.22 -5.26 -9.68
N MET A 776 24.37 -4.67 -9.37
CA MET A 776 24.59 -4.09 -8.04
C MET A 776 23.85 -2.77 -7.85
N ARG A 777 23.72 -1.96 -8.91
CA ARG A 777 23.29 -0.56 -8.77
C ARG A 777 21.92 -0.40 -8.11
N PRO A 778 20.85 -1.20 -8.38
CA PRO A 778 19.57 -1.00 -7.71
C PRO A 778 19.47 -1.30 -6.22
N LEU A 779 20.53 -1.79 -5.62
CA LEU A 779 20.56 -1.85 -4.15
C LEU A 779 20.41 -0.44 -3.58
N SER A 780 20.53 0.57 -4.44
CA SER A 780 20.35 1.96 -4.05
C SER A 780 18.93 2.28 -3.55
N ILE A 781 17.95 1.38 -3.78
CA ILE A 781 16.64 1.55 -3.18
C ILE A 781 16.77 1.83 -1.68
N TRP A 782 17.78 1.27 -1.03
CA TRP A 782 17.96 1.52 0.40
C TRP A 782 18.31 2.96 0.72
N SER A 783 18.72 3.77 -0.27
CA SER A 783 18.88 5.19 0.02
C SER A 783 17.53 5.83 0.37
N MET A 784 16.44 5.19 -0.03
CA MET A 784 15.12 5.70 0.29
C MET A 784 14.79 5.57 1.78
N GLU A 785 15.53 4.74 2.51
CA GLU A 785 15.33 4.55 3.94
C GLU A 785 16.22 5.48 4.77
N VAL A 786 16.99 6.37 4.16
CA VAL A 786 17.95 7.14 4.95
C VAL A 786 17.25 7.99 6.00
N ASN A 787 17.80 7.94 7.23
CA ASN A 787 17.39 8.83 8.30
C ASN A 787 18.17 10.15 8.20
N ASP B 16 -12.76 -16.11 -12.72
CA ASP B 16 -12.95 -14.64 -12.88
C ASP B 16 -12.26 -14.14 -14.15
N LYS B 17 -12.97 -14.26 -15.30
CA LYS B 17 -12.53 -13.69 -16.56
C LYS B 17 -13.37 -12.47 -16.92
N ILE B 18 -14.04 -11.86 -15.92
CA ILE B 18 -14.81 -10.63 -16.16
C ILE B 18 -14.02 -9.43 -15.66
N SER B 19 -13.31 -9.58 -14.52
CA SER B 19 -12.45 -8.53 -13.94
C SER B 19 -11.63 -7.83 -15.00
N HIS B 20 -11.04 -8.62 -15.90
CA HIS B 20 -10.17 -8.13 -16.97
C HIS B 20 -10.99 -7.34 -17.99
N LYS B 21 -12.31 -7.61 -18.07
CA LYS B 21 -13.17 -6.92 -19.03
C LYS B 21 -13.74 -5.63 -18.46
N ILE B 22 -13.51 -5.35 -17.16
CA ILE B 22 -13.95 -4.10 -16.54
C ILE B 22 -12.77 -3.49 -15.80
N ASP B 23 -12.94 -2.32 -15.20
CA ASP B 23 -11.81 -1.72 -14.53
C ASP B 23 -12.21 -1.32 -13.11
N ILE B 24 -11.83 -2.18 -12.16
CA ILE B 24 -12.04 -1.92 -10.75
C ILE B 24 -10.72 -1.46 -10.15
N PRO B 25 -10.65 -0.35 -9.40
CA PRO B 25 -9.40 0.05 -8.77
C PRO B 25 -9.02 -0.91 -7.65
N ASP B 26 -7.70 -1.13 -7.47
CA ASP B 26 -7.13 -2.03 -6.48
C ASP B 26 -7.53 -1.62 -5.07
N SER B 27 -7.66 -0.31 -4.79
CA SER B 27 -8.05 0.17 -3.47
C SER B 27 -9.55 -0.02 -3.15
N ALA B 28 -10.35 -0.56 -4.08
CA ALA B 28 -11.75 -0.84 -3.77
C ALA B 28 -11.87 -1.73 -2.55
N TRP B 29 -12.83 -1.44 -1.66
CA TRP B 29 -13.15 -2.37 -0.59
C TRP B 29 -13.84 -3.58 -1.22
N THR B 30 -13.57 -4.79 -0.70
N THR B 30 -13.56 -4.80 -0.76
CA THR B 30 -14.05 -6.00 -1.36
CA THR B 30 -14.18 -5.95 -1.41
C THR B 30 -14.57 -6.99 -0.32
C THR B 30 -14.50 -7.05 -0.41
N ILE B 31 -15.56 -7.79 -0.75
CA ILE B 31 -16.05 -8.88 0.07
C ILE B 31 -16.76 -9.85 -0.86
N GLY B 32 -16.86 -11.10 -0.43
CA GLY B 32 -17.53 -12.13 -1.20
C GLY B 32 -19.05 -11.92 -1.17
N ILE B 33 -19.70 -12.02 -2.32
CA ILE B 33 -21.15 -12.06 -2.31
C ILE B 33 -21.58 -13.27 -1.51
N GLY B 34 -22.43 -13.02 -0.51
CA GLY B 34 -22.92 -14.06 0.37
C GLY B 34 -22.01 -14.33 1.57
N GLU B 35 -20.93 -13.57 1.71
CA GLU B 35 -19.97 -13.85 2.76
C GLU B 35 -20.63 -13.56 4.11
N LYS B 36 -20.40 -14.45 5.07
CA LYS B 36 -20.79 -14.19 6.44
C LYS B 36 -19.62 -13.48 7.09
N PHE B 37 -19.91 -12.71 8.12
CA PHE B 37 -18.87 -12.07 8.89
C PHE B 37 -19.11 -12.48 10.33
N LYS B 38 -18.06 -12.88 11.07
CA LYS B 38 -18.27 -13.49 12.37
C LYS B 38 -18.04 -12.48 13.51
N ASN B 39 -17.15 -11.52 13.35
CA ASN B 39 -16.68 -10.80 14.53
C ASN B 39 -17.51 -9.54 14.85
N ALA B 40 -18.79 -9.41 14.43
CA ALA B 40 -19.38 -8.08 14.26
C ALA B 40 -19.61 -7.37 15.60
N GLY B 41 -19.29 -6.07 15.66
CA GLY B 41 -19.59 -5.31 16.85
C GLY B 41 -21.07 -4.94 16.95
N HIS B 42 -21.48 -4.63 18.19
CA HIS B 42 -22.85 -4.25 18.54
C HIS B 42 -22.80 -3.03 19.46
N PRO B 43 -23.92 -2.29 19.64
CA PRO B 43 -23.94 -1.11 20.51
C PRO B 43 -23.60 -1.46 21.95
N ASN B 44 -22.94 -0.54 22.62
CA ASN B 44 -22.49 -0.76 23.98
C ASN B 44 -23.20 0.18 24.95
N VAL B 45 -24.36 0.75 24.59
CA VAL B 45 -25.02 1.74 25.44
C VAL B 45 -26.23 1.09 26.14
N LYS B 46 -26.82 1.83 27.10
CA LYS B 46 -27.97 1.40 27.88
C LYS B 46 -29.24 1.24 27.02
N TYR B 47 -29.62 2.30 26.31
CA TYR B 47 -30.89 2.31 25.60
C TYR B 47 -30.70 1.72 24.20
N PRO B 48 -31.75 1.17 23.57
CA PRO B 48 -31.63 0.58 22.24
C PRO B 48 -31.04 1.59 21.26
N MET B 49 -30.16 1.11 20.39
CA MET B 49 -29.43 1.94 19.45
C MET B 49 -29.37 1.17 18.14
N ILE B 50 -29.38 1.91 17.03
CA ILE B 50 -29.48 1.28 15.72
C ILE B 50 -28.33 0.30 15.52
N ASP B 51 -28.66 -0.91 15.07
CA ASP B 51 -27.69 -1.90 14.64
C ASP B 51 -28.28 -2.67 13.46
N ASP B 52 -27.96 -2.24 12.25
CA ASP B 52 -28.54 -2.84 11.06
C ASP B 52 -27.76 -4.05 10.56
N SER B 53 -26.71 -4.46 11.28
CA SER B 53 -25.90 -5.60 10.85
CA SER B 53 -25.80 -5.55 10.96
C SER B 53 -24.83 -5.14 9.86
N TYR B 54 -23.94 -6.08 9.50
CA TYR B 54 -22.81 -5.79 8.65
C TYR B 54 -23.20 -5.91 7.18
N VAL B 55 -24.44 -6.30 6.89
CA VAL B 55 -24.85 -6.48 5.49
C VAL B 55 -25.24 -5.10 4.98
N GLN B 56 -24.25 -4.42 4.37
CA GLN B 56 -24.40 -3.04 3.90
C GLN B 56 -23.63 -2.86 2.59
N GLY B 57 -23.79 -1.70 1.98
CA GLY B 57 -22.98 -1.37 0.81
C GLY B 57 -22.98 0.13 0.57
N ALA B 58 -22.22 0.52 -0.46
CA ALA B 58 -22.15 1.91 -0.86
C ALA B 58 -23.53 2.39 -1.30
N PRO B 59 -24.00 3.57 -0.79
CA PRO B 59 -25.31 4.09 -1.16
C PRO B 59 -25.37 4.61 -2.62
N LEU B 60 -26.60 4.70 -3.11
CA LEU B 60 -26.98 5.32 -4.37
C LEU B 60 -27.90 6.48 -4.07
N GLY B 61 -27.74 7.57 -4.84
CA GLY B 61 -28.58 8.73 -4.72
C GLY B 61 -27.74 9.96 -4.37
N GLY B 62 -28.20 11.12 -4.84
CA GLY B 62 -27.53 12.38 -4.64
C GLY B 62 -27.82 13.04 -3.30
N PHE B 63 -27.14 14.15 -3.09
CA PHE B 63 -27.32 14.96 -1.90
C PHE B 63 -28.74 15.54 -1.89
N GLY B 64 -29.45 15.32 -0.78
CA GLY B 64 -30.80 15.82 -0.65
C GLY B 64 -31.84 15.02 -1.43
N ALA B 65 -31.46 13.89 -2.03
CA ALA B 65 -32.39 13.15 -2.88
C ALA B 65 -33.06 11.99 -2.14
N GLY B 66 -32.57 11.69 -0.95
CA GLY B 66 -32.82 10.39 -0.34
C GLY B 66 -31.86 9.36 -0.95
N THR B 67 -31.37 8.43 -0.12
CA THR B 67 -30.46 7.43 -0.62
C THR B 67 -31.03 6.04 -0.39
N ILE B 68 -30.46 5.10 -1.15
CA ILE B 68 -30.78 3.68 -1.09
C ILE B 68 -29.50 2.89 -0.90
N GLY B 69 -29.41 2.12 0.19
CA GLY B 69 -28.28 1.25 0.42
C GLY B 69 -28.57 -0.13 -0.17
N ARG B 70 -27.92 -0.42 -1.29
CA ARG B 70 -27.89 -1.75 -1.87
C ARG B 70 -26.68 -2.49 -1.28
N THR B 71 -26.91 -3.67 -0.68
CA THR B 71 -25.88 -4.35 0.09
C THR B 71 -24.98 -5.19 -0.82
N TYR B 72 -23.89 -5.70 -0.25
CA TYR B 72 -22.98 -6.57 -0.96
C TYR B 72 -23.66 -7.89 -1.34
N ASN B 73 -24.78 -8.24 -0.70
CA ASN B 73 -25.53 -9.44 -1.05
C ASN B 73 -26.49 -9.18 -2.20
N GLY B 74 -26.67 -7.90 -2.56
CA GLY B 74 -27.42 -7.50 -3.75
C GLY B 74 -28.79 -6.89 -3.46
N GLY B 75 -29.28 -6.99 -2.22
CA GLY B 75 -30.61 -6.53 -1.89
C GLY B 75 -30.65 -5.03 -1.66
N PHE B 76 -31.79 -4.41 -2.01
CA PHE B 76 -32.01 -2.99 -1.73
C PHE B 76 -32.64 -2.93 -0.34
N SER B 77 -31.82 -2.52 0.65
CA SER B 77 -32.11 -2.82 2.04
C SER B 77 -32.05 -1.62 2.97
N ARG B 78 -31.17 -0.64 2.74
CA ARG B 78 -31.06 0.45 3.72
C ARG B 78 -31.65 1.73 3.12
N TRP B 79 -32.91 2.01 3.49
CA TRP B 79 -33.71 3.05 2.85
C TRP B 79 -33.61 4.36 3.63
N HIS B 80 -33.05 5.37 2.97
CA HIS B 80 -32.96 6.73 3.50
C HIS B 80 -33.80 7.66 2.62
N LEU B 81 -34.86 7.14 2.00
CA LEU B 81 -35.62 7.91 1.01
C LEU B 81 -36.55 8.91 1.69
N GLU B 82 -36.89 8.60 2.96
CA GLU B 82 -37.53 9.51 3.87
C GLU B 82 -36.45 10.28 4.60
N ILE B 83 -36.32 11.57 4.27
CA ILE B 83 -35.16 12.34 4.66
C ILE B 83 -35.09 12.43 6.17
N GLY B 84 -34.00 11.92 6.74
CA GLY B 84 -33.84 12.01 8.18
C GLY B 84 -34.08 10.67 8.87
N LYS B 85 -34.61 9.67 8.12
CA LYS B 85 -34.92 8.35 8.67
C LYS B 85 -34.03 7.27 8.05
N ASN B 86 -33.74 6.27 8.88
CA ASN B 86 -33.04 5.05 8.52
C ASN B 86 -34.01 3.87 8.68
N LYS B 87 -34.34 3.17 7.59
CA LYS B 87 -35.22 2.01 7.63
C LYS B 87 -34.55 0.85 6.92
N TYR B 88 -34.14 -0.15 7.69
CA TYR B 88 -33.41 -1.27 7.13
C TYR B 88 -34.41 -2.39 6.89
N THR B 89 -34.80 -2.59 5.65
CA THR B 89 -35.65 -3.72 5.28
C THR B 89 -35.46 -4.02 3.80
N THR B 90 -35.24 -5.31 3.50
CA THR B 90 -35.02 -5.74 2.13
C THR B 90 -36.38 -5.80 1.41
N VAL B 91 -36.47 -5.10 0.29
CA VAL B 91 -37.63 -5.17 -0.57
C VAL B 91 -37.29 -6.23 -1.60
N TYR B 92 -37.84 -7.43 -1.41
CA TYR B 92 -37.35 -8.60 -2.14
C TYR B 92 -37.61 -8.52 -3.64
N ALA B 93 -38.67 -7.82 -4.08
CA ALA B 93 -38.96 -7.69 -5.50
C ALA B 93 -37.90 -6.87 -6.24
N ASN B 94 -37.08 -6.08 -5.54
CA ASN B 94 -36.10 -5.22 -6.21
C ASN B 94 -34.79 -5.99 -6.42
N GLN B 95 -34.51 -6.36 -7.67
CA GLN B 95 -33.40 -7.25 -7.94
C GLN B 95 -32.98 -7.13 -9.39
N PHE B 96 -31.74 -7.58 -9.64
CA PHE B 96 -31.39 -8.09 -10.95
C PHE B 96 -31.38 -9.61 -10.95
N SER B 97 -31.88 -10.16 -12.07
CA SER B 97 -31.96 -11.59 -12.35
C SER B 97 -31.29 -11.88 -13.69
N VAL B 98 -30.77 -13.12 -13.83
CA VAL B 98 -30.10 -13.52 -15.06
C VAL B 98 -30.70 -14.82 -15.58
N PHE B 99 -30.82 -14.92 -16.91
CA PHE B 99 -31.16 -16.17 -17.56
C PHE B 99 -30.04 -16.48 -18.55
N GLN B 100 -29.62 -17.73 -18.61
CA GLN B 100 -28.60 -18.14 -19.56
C GLN B 100 -28.95 -19.52 -20.12
N LYS B 101 -28.81 -19.67 -21.42
CA LYS B 101 -28.98 -20.95 -22.08
C LYS B 101 -27.94 -21.09 -23.18
N VAL B 102 -27.16 -22.17 -23.06
CA VAL B 102 -26.13 -22.52 -24.01
C VAL B 102 -26.83 -23.05 -25.25
N GLU B 103 -26.46 -22.53 -26.42
CA GLU B 103 -27.06 -22.97 -27.67
C GLU B 103 -26.88 -24.48 -27.77
N GLY B 104 -27.97 -25.17 -28.14
CA GLY B 104 -27.96 -26.62 -28.28
C GLY B 104 -28.49 -27.36 -27.06
N ASN B 105 -28.68 -26.68 -25.90
CA ASN B 105 -29.24 -27.37 -24.74
C ASN B 105 -30.75 -27.12 -24.64
N LYS B 106 -31.47 -28.08 -24.05
CA LYS B 106 -32.92 -28.01 -23.92
C LYS B 106 -33.34 -26.88 -22.98
N ASP B 107 -32.64 -26.71 -21.85
CA ASP B 107 -33.05 -25.74 -20.82
C ASP B 107 -31.92 -24.79 -20.44
N GLY B 108 -32.30 -23.60 -19.98
CA GLY B 108 -31.37 -22.64 -19.40
C GLY B 108 -31.56 -22.57 -17.89
N VAL B 109 -30.85 -21.65 -17.23
CA VAL B 109 -31.05 -21.44 -15.81
C VAL B 109 -31.41 -19.98 -15.61
N ALA B 110 -32.32 -19.74 -14.67
CA ALA B 110 -32.73 -18.39 -14.30
C ALA B 110 -32.47 -18.25 -12.81
N GLN B 111 -31.77 -17.17 -12.42
CA GLN B 111 -31.29 -17.04 -11.04
C GLN B 111 -31.44 -15.58 -10.63
N VAL B 112 -32.02 -15.32 -9.46
CA VAL B 112 -32.00 -13.99 -8.89
C VAL B 112 -30.60 -13.74 -8.34
N LEU B 113 -30.06 -12.57 -8.64
CA LEU B 113 -28.74 -12.17 -8.15
C LEU B 113 -28.79 -11.58 -6.76
N TYR B 114 -29.24 -12.40 -5.82
CA TYR B 114 -29.35 -12.01 -4.42
C TYR B 114 -28.94 -13.18 -3.55
N ALA B 115 -28.03 -12.94 -2.60
CA ALA B 115 -27.51 -14.00 -1.74
C ALA B 115 -28.43 -14.18 -0.54
N GLY B 116 -29.66 -14.60 -0.79
CA GLY B 116 -30.61 -14.80 0.28
C GLY B 116 -31.95 -15.19 -0.30
N GLU B 117 -33.00 -15.07 0.52
CA GLU B 117 -34.35 -15.35 0.06
C GLU B 117 -35.33 -14.54 0.90
N PRO B 118 -36.58 -14.34 0.43
CA PRO B 118 -37.62 -13.67 1.22
C PRO B 118 -37.90 -14.43 2.51
N GLU B 119 -38.36 -13.71 3.54
CA GLU B 119 -38.79 -14.30 4.80
C GLU B 119 -40.21 -14.87 4.66
N ASN B 120 -41.13 -14.19 3.95
CA ASN B 120 -42.47 -14.75 3.72
C ASN B 120 -42.47 -15.65 2.48
N GLY B 121 -43.68 -16.06 2.08
CA GLY B 121 -43.86 -16.95 0.94
C GLY B 121 -44.06 -16.17 -0.36
N TYR B 122 -43.77 -14.85 -0.33
CA TYR B 122 -43.92 -14.06 -1.54
C TYR B 122 -42.72 -14.33 -2.45
N LEU B 123 -42.99 -14.37 -3.75
CA LEU B 123 -42.00 -14.61 -4.79
C LEU B 123 -41.35 -15.99 -4.61
N SER B 124 -42.09 -16.93 -4.03
CA SER B 124 -41.59 -18.31 -3.89
C SER B 124 -41.22 -18.95 -5.22
N SER B 125 -41.73 -18.41 -6.34
CA SER B 125 -41.49 -19.02 -7.64
C SER B 125 -40.11 -18.65 -8.15
N TRP B 126 -39.55 -17.54 -7.65
CA TRP B 126 -38.25 -17.08 -8.11
C TRP B 126 -37.15 -18.01 -7.56
N LYS B 127 -36.02 -18.07 -8.25
CA LYS B 127 -34.86 -18.81 -7.79
C LYS B 127 -33.96 -17.89 -6.97
N TRP B 128 -33.98 -18.14 -5.67
CA TRP B 128 -33.24 -17.37 -4.69
C TRP B 128 -31.90 -18.05 -4.38
N ASP B 129 -31.24 -17.52 -3.34
CA ASP B 129 -30.06 -18.11 -2.71
C ASP B 129 -28.93 -18.18 -3.71
N TYR B 130 -28.58 -17.02 -4.30
CA TYR B 130 -27.38 -16.92 -5.10
C TYR B 130 -26.23 -17.57 -4.30
N PRO B 131 -25.52 -18.55 -4.88
CA PRO B 131 -24.56 -19.35 -4.08
C PRO B 131 -23.33 -18.57 -3.63
N LYS B 132 -22.77 -19.03 -2.50
CA LYS B 132 -21.51 -18.49 -2.01
C LYS B 132 -20.38 -18.77 -2.99
N GLU B 133 -19.27 -18.03 -2.85
N GLU B 133 -19.29 -18.00 -2.87
CA GLU B 133 -18.02 -18.26 -3.57
CA GLU B 133 -18.03 -18.24 -3.56
C GLU B 133 -18.23 -18.20 -5.08
C GLU B 133 -18.21 -18.17 -5.07
N SER B 134 -19.20 -17.37 -5.51
CA SER B 134 -19.56 -17.27 -6.92
C SER B 134 -19.64 -15.81 -7.34
N GLY B 135 -18.85 -14.96 -6.67
CA GLY B 135 -18.74 -13.57 -7.08
C GLY B 135 -18.37 -12.68 -5.90
N MET B 136 -18.08 -11.42 -6.22
CA MET B 136 -17.52 -10.49 -5.26
C MET B 136 -18.17 -9.13 -5.42
N TYR B 137 -18.16 -8.36 -4.33
CA TYR B 137 -18.62 -6.99 -4.30
C TYR B 137 -17.43 -6.08 -4.05
N TYR B 138 -17.43 -4.92 -4.71
CA TYR B 138 -16.35 -3.94 -4.66
C TYR B 138 -16.97 -2.56 -4.53
N ALA B 139 -16.31 -1.66 -3.77
CA ALA B 139 -16.81 -0.33 -3.54
C ALA B 139 -15.66 0.65 -3.41
N LEU B 140 -15.72 1.71 -4.18
CA LEU B 140 -14.91 2.91 -3.97
C LEU B 140 -15.82 4.09 -4.27
N TYR B 141 -16.53 4.53 -3.22
CA TYR B 141 -17.61 5.49 -3.39
C TYR B 141 -17.17 6.67 -4.27
N PRO B 142 -17.96 7.16 -5.23
CA PRO B 142 -19.37 6.75 -5.41
C PRO B 142 -19.71 5.52 -6.23
N ASN B 143 -18.69 4.79 -6.69
CA ASN B 143 -18.84 3.57 -7.47
C ASN B 143 -18.88 2.34 -6.56
N SER B 144 -19.62 1.32 -7.04
CA SER B 144 -19.48 -0.02 -6.52
C SER B 144 -19.71 -1.00 -7.66
N TRP B 145 -19.32 -2.25 -7.42
CA TRP B 145 -19.38 -3.24 -8.47
C TRP B 145 -19.77 -4.58 -7.86
N TYR B 146 -20.39 -5.43 -8.68
CA TYR B 146 -20.57 -6.84 -8.39
C TYR B 146 -20.00 -7.65 -9.56
N THR B 147 -19.32 -8.77 -9.28
CA THR B 147 -18.90 -9.68 -10.34
C THR B 147 -19.57 -11.01 -10.07
N TYR B 148 -19.90 -11.72 -11.15
CA TYR B 148 -20.65 -12.97 -11.01
C TYR B 148 -19.88 -14.05 -11.77
N THR B 149 -19.33 -14.98 -11.01
CA THR B 149 -18.43 -16.02 -11.52
C THR B 149 -18.97 -17.35 -10.99
N ASN B 150 -19.85 -17.97 -11.75
CA ASN B 150 -20.71 -19.02 -11.23
C ASN B 150 -20.60 -20.20 -12.19
N LYS B 151 -20.40 -21.40 -11.64
CA LYS B 151 -20.21 -22.60 -12.46
C LYS B 151 -21.39 -22.77 -13.42
N ASP B 152 -22.57 -22.31 -13.03
CA ASP B 152 -23.78 -22.54 -13.79
C ASP B 152 -24.10 -21.36 -14.70
N LEU B 153 -23.25 -20.33 -14.69
CA LEU B 153 -23.44 -19.20 -15.56
C LEU B 153 -22.23 -19.15 -16.49
N PRO B 154 -22.28 -19.86 -17.63
CA PRO B 154 -21.15 -19.86 -18.56
C PRO B 154 -20.76 -18.44 -18.98
N VAL B 155 -21.71 -17.52 -19.09
CA VAL B 155 -21.37 -16.15 -19.42
C VAL B 155 -21.04 -15.41 -18.12
N GLN B 156 -19.88 -14.72 -18.13
CA GLN B 156 -19.44 -13.94 -16.99
C GLN B 156 -20.13 -12.56 -17.02
N LEU B 157 -20.63 -12.12 -15.85
CA LEU B 157 -21.30 -10.84 -15.74
C LEU B 157 -20.68 -10.02 -14.62
N ALA B 158 -20.63 -8.71 -14.86
CA ALA B 158 -20.34 -7.72 -13.84
C ALA B 158 -21.21 -6.51 -14.04
N VAL B 159 -21.41 -5.76 -12.95
CA VAL B 159 -22.09 -4.48 -13.05
C VAL B 159 -21.30 -3.42 -12.29
N LYS B 160 -21.23 -2.22 -12.88
CA LYS B 160 -20.77 -1.02 -12.19
C LYS B 160 -22.00 -0.17 -11.88
N GLN B 161 -22.23 0.10 -10.59
CA GLN B 161 -23.36 0.95 -10.17
C GLN B 161 -22.85 2.23 -9.51
N PHE B 162 -23.52 3.35 -9.78
CA PHE B 162 -23.09 4.62 -9.21
C PHE B 162 -24.17 5.68 -9.40
N SER B 163 -24.00 6.76 -8.63
CA SER B 163 -24.71 8.01 -8.79
C SER B 163 -23.68 9.09 -9.05
N PRO B 164 -24.02 10.16 -9.80
CA PRO B 164 -23.02 11.14 -10.21
C PRO B 164 -22.70 12.15 -9.11
N ILE B 165 -22.01 11.68 -8.07
CA ILE B 165 -21.47 12.52 -7.00
C ILE B 165 -20.14 13.10 -7.49
N ILE B 166 -20.08 14.42 -7.72
CA ILE B 166 -18.98 15.04 -8.45
C ILE B 166 -18.60 16.34 -7.75
N PRO B 167 -17.38 16.45 -7.21
CA PRO B 167 -16.94 17.71 -6.61
C PRO B 167 -17.10 18.88 -7.57
N TYR B 168 -17.43 20.03 -6.99
CA TYR B 168 -17.61 21.33 -7.64
C TYR B 168 -18.82 21.30 -8.58
N ASN B 169 -19.63 20.25 -8.47
CA ASN B 169 -20.85 20.08 -9.23
C ASN B 169 -22.02 19.99 -8.23
N TYR B 170 -23.01 20.88 -8.37
CA TYR B 170 -24.13 20.98 -7.44
C TYR B 170 -25.44 20.60 -8.14
N LYS B 171 -25.33 19.99 -9.32
CA LYS B 171 -26.49 19.70 -10.12
C LYS B 171 -26.73 18.19 -10.14
N GLU B 172 -25.98 17.50 -11.02
CA GLU B 172 -25.95 16.04 -11.04
C GLU B 172 -25.77 15.43 -9.65
N THR B 173 -24.94 16.07 -8.82
CA THR B 173 -24.70 15.64 -7.45
C THR B 173 -26.00 15.53 -6.66
N SER B 174 -27.04 16.32 -7.01
CA SER B 174 -28.34 16.32 -6.33
C SER B 174 -29.30 15.24 -6.84
N TYR B 175 -28.97 14.54 -7.93
CA TYR B 175 -29.96 13.74 -8.64
C TYR B 175 -30.36 12.47 -7.89
N PRO B 176 -31.68 12.17 -7.83
CA PRO B 176 -32.19 10.90 -7.33
C PRO B 176 -32.13 9.83 -8.40
N VAL B 177 -30.92 9.37 -8.70
CA VAL B 177 -30.73 8.46 -9.81
C VAL B 177 -29.52 7.56 -9.55
N ALA B 178 -29.58 6.39 -10.16
CA ALA B 178 -28.51 5.40 -10.14
C ALA B 178 -28.39 4.76 -11.51
N VAL B 179 -27.15 4.51 -11.93
CA VAL B 179 -26.85 3.82 -13.17
C VAL B 179 -26.27 2.45 -12.86
N PHE B 180 -26.68 1.44 -13.63
CA PHE B 180 -26.19 0.08 -13.52
C PHE B 180 -25.68 -0.32 -14.90
N LYS B 181 -24.35 -0.25 -15.04
CA LYS B 181 -23.65 -0.51 -16.30
C LYS B 181 -23.15 -1.94 -16.29
N TRP B 182 -23.85 -2.80 -17.05
CA TRP B 182 -23.55 -4.22 -17.13
C TRP B 182 -22.54 -4.53 -18.22
N THR B 183 -21.63 -5.47 -17.88
CA THR B 183 -20.68 -6.05 -18.83
C THR B 183 -20.91 -7.56 -18.84
N ALA B 184 -21.09 -8.11 -20.04
CA ALA B 184 -21.20 -9.55 -20.24
C ALA B 184 -20.15 -10.04 -21.22
N TYR B 185 -19.55 -11.20 -20.90
CA TYR B 185 -18.43 -11.78 -21.62
C TYR B 185 -18.58 -13.29 -21.67
N ASN B 186 -18.43 -13.86 -22.88
CA ASN B 186 -18.54 -15.30 -23.07
C ASN B 186 -17.15 -15.91 -23.25
N PRO B 187 -16.59 -16.59 -22.23
CA PRO B 187 -15.29 -17.23 -22.40
C PRO B 187 -15.36 -18.62 -23.03
N THR B 188 -16.57 -19.20 -23.17
CA THR B 188 -16.72 -20.56 -23.67
C THR B 188 -16.62 -20.55 -25.19
N ASN B 189 -16.79 -21.74 -25.78
CA ASN B 189 -16.65 -21.92 -27.22
C ASN B 189 -18.02 -22.13 -27.89
N LYS B 190 -19.13 -21.98 -27.15
CA LYS B 190 -20.46 -22.06 -27.73
C LYS B 190 -21.18 -20.72 -27.55
N ASN B 191 -22.14 -20.44 -28.45
CA ASN B 191 -23.05 -19.32 -28.31
C ASN B 191 -23.89 -19.50 -27.06
N VAL B 192 -24.12 -18.40 -26.32
CA VAL B 192 -24.94 -18.43 -25.13
C VAL B 192 -26.00 -17.33 -25.22
N ASP B 193 -27.25 -17.71 -24.98
CA ASP B 193 -28.34 -16.74 -24.89
C ASP B 193 -28.43 -16.25 -23.45
N VAL B 194 -28.48 -14.93 -23.29
CA VAL B 194 -28.40 -14.29 -21.98
C VAL B 194 -29.51 -13.25 -21.84
N SER B 195 -30.17 -13.25 -20.67
CA SER B 195 -31.03 -12.15 -20.28
C SER B 195 -30.63 -11.58 -18.91
N ILE B 196 -30.70 -10.26 -18.80
CA ILE B 196 -30.60 -9.53 -17.56
C ILE B 196 -31.92 -8.80 -17.37
N MET B 197 -32.53 -8.95 -16.19
CA MET B 197 -33.85 -8.40 -15.90
C MET B 197 -33.77 -7.61 -14.61
N PHE B 198 -34.28 -6.37 -14.63
CA PHE B 198 -34.37 -5.53 -13.44
C PHE B 198 -35.82 -5.52 -12.97
N THR B 199 -36.06 -5.93 -11.71
CA THR B 199 -37.40 -5.89 -11.16
C THR B 199 -37.40 -4.83 -10.10
N TRP B 200 -38.53 -4.11 -10.01
CA TRP B 200 -38.70 -3.09 -8.98
C TRP B 200 -40.17 -2.95 -8.59
N GLN B 201 -40.40 -2.92 -7.28
CA GLN B 201 -41.70 -2.75 -6.68
C GLN B 201 -42.11 -1.29 -6.76
N ASN B 202 -43.39 -1.07 -7.08
CA ASN B 202 -43.99 0.25 -6.96
C ASN B 202 -44.03 0.59 -5.48
N MET B 203 -43.08 1.43 -5.05
CA MET B 203 -42.90 1.66 -3.63
C MET B 203 -43.63 2.92 -3.19
N ILE B 204 -44.47 3.53 -4.04
CA ILE B 204 -45.31 4.60 -3.54
C ILE B 204 -46.16 4.06 -2.38
N GLY B 205 -46.07 4.75 -1.24
CA GLY B 205 -46.80 4.38 -0.03
C GLY B 205 -45.99 3.53 0.94
N PHE B 206 -44.82 3.07 0.51
CA PHE B 206 -43.96 2.32 1.40
C PHE B 206 -43.54 3.18 2.60
N PHE B 207 -43.39 4.49 2.39
CA PHE B 207 -43.06 5.42 3.45
C PHE B 207 -44.26 6.37 3.65
N GLY B 208 -44.53 6.72 4.91
CA GLY B 208 -45.31 7.91 5.23
C GLY B 208 -46.76 7.84 4.76
N LYS B 209 -47.36 6.63 4.85
CA LYS B 209 -48.76 6.41 4.54
C LYS B 209 -49.26 5.29 5.46
N GLN B 210 -50.26 5.58 6.30
CA GLN B 210 -50.60 4.65 7.39
C GLN B 210 -51.80 3.77 7.00
N VAL B 211 -52.49 4.06 5.88
CA VAL B 211 -53.56 3.17 5.42
C VAL B 211 -53.62 3.12 3.89
N ASN B 212 -54.18 2.02 3.38
CA ASN B 212 -54.36 1.82 1.94
C ASN B 212 -53.01 1.99 1.23
N VAL B 213 -51.98 1.29 1.69
CA VAL B 213 -50.60 1.65 1.33
C VAL B 213 -50.31 1.46 -0.16
N ASN B 214 -50.97 0.51 -0.80
CA ASN B 214 -50.75 0.31 -2.24
C ASN B 214 -51.87 0.92 -3.07
N SER B 215 -52.89 1.51 -2.45
CA SER B 215 -54.11 1.82 -3.20
C SER B 215 -53.86 2.93 -4.21
N GLY B 216 -54.16 2.61 -5.49
CA GLY B 216 -54.05 3.56 -6.59
C GLY B 216 -52.69 3.54 -7.27
N ASN B 217 -51.78 2.69 -6.78
CA ASN B 217 -50.49 2.51 -7.44
C ASN B 217 -50.75 1.94 -8.82
N PHE B 218 -50.00 2.42 -9.81
CA PHE B 218 -50.13 1.88 -11.15
C PHE B 218 -48.83 2.10 -11.90
N ASN B 219 -48.63 1.28 -12.94
CA ASN B 219 -47.36 1.24 -13.63
C ASN B 219 -47.60 1.53 -15.11
N LYS B 220 -46.73 2.37 -15.68
CA LYS B 220 -46.84 2.70 -17.10
C LYS B 220 -45.51 2.37 -17.79
N ILE B 221 -45.57 2.07 -19.09
CA ILE B 221 -44.37 1.78 -19.88
C ILE B 221 -44.13 2.93 -20.85
N ILE B 222 -42.88 3.42 -20.88
CA ILE B 222 -42.47 4.50 -21.76
C ILE B 222 -41.50 3.92 -22.78
N LYS B 223 -41.82 4.13 -24.06
CA LYS B 223 -40.90 3.80 -25.13
C LYS B 223 -40.45 5.10 -25.78
N ASP B 224 -39.21 5.50 -25.50
CA ASP B 224 -38.69 6.73 -26.07
C ASP B 224 -37.76 6.34 -27.22
N LYS B 225 -38.13 6.78 -28.43
CA LYS B 225 -37.42 6.40 -29.65
C LYS B 225 -37.03 7.66 -30.41
N SER B 226 -35.73 7.97 -30.39
CA SER B 226 -35.11 8.93 -31.28
C SER B 226 -34.25 8.17 -32.29
N LYS B 227 -33.57 8.90 -33.19
CA LYS B 227 -32.51 8.26 -33.96
C LYS B 227 -31.36 7.97 -32.99
N ASP B 228 -30.93 6.69 -32.98
CA ASP B 228 -29.75 6.22 -32.27
C ASP B 228 -29.91 6.36 -30.76
N SER B 229 -31.16 6.38 -30.28
CA SER B 229 -31.42 6.36 -28.85
C SER B 229 -32.82 5.79 -28.57
N GLU B 230 -32.88 4.48 -28.30
CA GLU B 230 -34.10 3.84 -27.84
C GLU B 230 -33.98 3.55 -26.34
N ILE B 231 -34.97 4.03 -25.58
CA ILE B 231 -35.08 3.76 -24.16
C ILE B 231 -36.43 3.14 -23.88
N VAL B 232 -36.44 2.10 -23.04
CA VAL B 232 -37.69 1.56 -22.53
C VAL B 232 -37.62 1.57 -21.02
N ALA B 233 -38.67 2.10 -20.40
CA ALA B 233 -38.71 2.28 -18.95
C ALA B 233 -40.10 1.98 -18.41
N ALA B 234 -40.16 1.58 -17.14
CA ALA B 234 -41.40 1.58 -16.39
C ALA B 234 -41.41 2.78 -15.46
N VAL B 235 -42.61 3.37 -15.33
CA VAL B 235 -42.87 4.46 -14.40
C VAL B 235 -43.97 4.00 -13.44
N MET B 236 -43.60 3.95 -12.17
CA MET B 236 -44.41 3.39 -11.12
C MET B 236 -44.86 4.54 -10.24
N GLY B 237 -46.14 4.88 -10.32
CA GLY B 237 -46.69 6.02 -9.59
C GLY B 237 -48.06 5.70 -9.02
N ASN B 238 -48.84 6.75 -8.78
CA ASN B 238 -50.13 6.64 -8.14
C ASN B 238 -51.10 7.54 -8.93
N ILE B 239 -52.38 7.14 -9.04
CA ILE B 239 -53.35 7.86 -9.86
C ILE B 239 -53.67 9.22 -9.23
N SER B 240 -53.40 9.38 -7.93
CA SER B 240 -53.57 10.66 -7.27
C SER B 240 -52.64 11.73 -7.86
N ASN B 241 -53.20 12.92 -8.12
CA ASN B 241 -52.43 14.03 -8.67
C ASN B 241 -52.22 15.11 -7.60
N ASP B 242 -52.56 14.78 -6.33
CA ASP B 242 -52.34 15.69 -5.22
C ASP B 242 -50.87 15.65 -4.81
N ASN B 243 -50.47 16.61 -3.97
CA ASN B 243 -49.07 16.77 -3.65
C ASN B 243 -48.80 16.15 -2.28
N GLU B 244 -49.33 14.95 -2.03
CA GLU B 244 -49.16 14.29 -0.74
C GLU B 244 -47.67 14.06 -0.53
N GLU B 245 -47.23 13.96 0.74
CA GLU B 245 -45.83 13.76 1.08
C GLU B 245 -45.29 12.45 0.46
N TRP B 246 -46.16 11.46 0.34
CA TRP B 246 -45.80 10.15 -0.14
C TRP B 246 -45.86 10.01 -1.67
N ASN B 247 -46.39 11.01 -2.40
CA ASN B 247 -46.65 10.79 -3.81
C ASN B 247 -45.41 11.11 -4.62
N GLY B 248 -45.38 10.56 -5.82
CA GLY B 248 -44.25 10.71 -6.73
C GLY B 248 -44.17 9.50 -7.64
N GLU B 249 -42.96 9.20 -8.13
CA GLU B 249 -42.73 8.12 -9.08
C GLU B 249 -41.35 7.50 -8.86
N TYR B 250 -41.29 6.18 -9.11
CA TYR B 250 -40.06 5.45 -9.35
C TYR B 250 -40.01 5.10 -10.84
N SER B 251 -38.80 5.05 -11.39
CA SER B 251 -38.66 4.53 -12.74
C SER B 251 -37.43 3.62 -12.84
N ILE B 252 -37.57 2.47 -13.50
CA ILE B 252 -36.44 1.66 -13.92
C ILE B 252 -36.52 1.51 -15.44
N GLY B 253 -35.36 1.36 -16.08
CA GLY B 253 -35.30 1.31 -17.54
C GLY B 253 -33.92 0.94 -18.05
N VAL B 254 -33.84 0.89 -19.38
CA VAL B 254 -32.69 0.37 -20.06
C VAL B 254 -32.58 1.10 -21.38
N LYS B 255 -31.34 1.26 -21.85
CA LYS B 255 -31.08 1.84 -23.14
C LYS B 255 -30.66 0.75 -24.13
N LYS B 256 -31.22 0.81 -25.33
CA LYS B 256 -30.95 -0.17 -26.37
C LYS B 256 -29.51 -0.01 -26.82
N VAL B 257 -28.82 -1.14 -27.00
CA VAL B 257 -27.48 -1.17 -27.58
C VAL B 257 -27.49 -2.21 -28.70
N PRO B 258 -26.56 -2.12 -29.65
CA PRO B 258 -26.50 -3.11 -30.74
C PRO B 258 -26.39 -4.54 -30.21
N GLY B 259 -27.27 -5.41 -30.70
CA GLY B 259 -27.20 -6.82 -30.37
C GLY B 259 -28.09 -7.21 -29.19
N VAL B 260 -28.84 -6.27 -28.60
CA VAL B 260 -29.74 -6.64 -27.51
C VAL B 260 -31.16 -6.28 -27.91
N ASP B 261 -32.08 -7.09 -27.40
CA ASP B 261 -33.50 -6.90 -27.53
C ASP B 261 -34.08 -6.64 -26.13
N ILE B 262 -34.99 -5.64 -26.04
CA ILE B 262 -35.61 -5.25 -24.79
C ILE B 262 -36.97 -5.90 -24.71
N SER B 263 -37.28 -6.48 -23.53
CA SER B 263 -38.64 -6.90 -23.22
C SER B 263 -39.01 -6.32 -21.86
N TYR B 264 -40.31 -6.30 -21.57
CA TYR B 264 -40.78 -5.75 -20.32
C TYR B 264 -42.06 -6.44 -19.88
N LYS B 265 -42.38 -6.24 -18.61
CA LYS B 265 -43.70 -6.50 -18.08
C LYS B 265 -44.11 -5.35 -17.16
N ALA B 266 -45.28 -4.74 -17.45
CA ALA B 266 -45.71 -3.54 -16.76
C ALA B 266 -46.11 -3.85 -15.32
N LYS B 267 -46.73 -4.99 -15.08
CA LYS B 267 -47.30 -5.23 -13.77
C LYS B 267 -47.22 -6.70 -13.40
N PHE B 268 -46.46 -7.01 -12.35
CA PHE B 268 -46.52 -8.29 -11.66
C PHE B 268 -46.85 -8.01 -10.20
N VAL B 269 -47.37 -9.05 -9.54
CA VAL B 269 -47.83 -8.88 -8.17
C VAL B 269 -46.69 -9.26 -7.24
N THR B 270 -46.30 -8.32 -6.37
CA THR B 270 -45.21 -8.52 -5.44
C THR B 270 -45.69 -9.26 -4.18
N THR B 271 -46.98 -9.16 -3.86
CA THR B 271 -47.55 -9.89 -2.74
C THR B 271 -48.22 -11.17 -3.25
N GLY B 272 -47.55 -11.87 -4.17
CA GLY B 272 -47.99 -13.16 -4.66
C GLY B 272 -46.76 -14.05 -4.85
N ASP B 273 -46.92 -15.17 -5.58
CA ASP B 273 -45.85 -16.14 -5.73
C ASP B 273 -44.84 -15.70 -6.78
N GLY B 274 -45.17 -14.68 -7.58
CA GLY B 274 -44.20 -14.13 -8.51
C GLY B 274 -44.15 -14.85 -9.86
N SER B 275 -45.03 -15.84 -10.05
CA SER B 275 -44.91 -16.73 -11.21
C SER B 275 -45.43 -16.03 -12.46
N ASP B 276 -46.35 -15.07 -12.27
CA ASP B 276 -46.84 -14.23 -13.35
C ASP B 276 -45.69 -13.68 -14.18
N LEU B 277 -44.62 -13.24 -13.49
CA LEU B 277 -43.39 -12.79 -14.14
C LEU B 277 -42.44 -13.96 -14.39
N TRP B 278 -42.20 -14.79 -13.38
CA TRP B 278 -41.08 -15.72 -13.47
C TRP B 278 -41.33 -16.83 -14.48
N HIS B 279 -42.58 -17.30 -14.62
CA HIS B 279 -42.90 -18.31 -15.63
CA HIS B 279 -42.87 -18.33 -15.61
C HIS B 279 -42.38 -17.88 -16.99
N GLU B 280 -42.42 -16.56 -17.24
CA GLU B 280 -41.98 -16.03 -18.54
C GLU B 280 -40.46 -16.00 -18.57
N PHE B 281 -39.86 -15.40 -17.55
CA PHE B 281 -38.42 -15.17 -17.54
C PHE B 281 -37.65 -16.49 -17.56
N SER B 282 -38.13 -17.53 -16.87
CA SER B 282 -37.36 -18.76 -16.73
C SER B 282 -37.49 -19.67 -17.95
N LYS B 283 -38.39 -19.35 -18.88
CA LYS B 283 -38.52 -20.18 -20.07
C LYS B 283 -37.38 -19.84 -21.02
N ASN B 284 -37.28 -18.56 -21.38
CA ASN B 284 -36.37 -18.15 -22.42
C ASN B 284 -35.81 -16.74 -22.17
N GLY B 285 -36.01 -16.20 -20.97
CA GLY B 285 -35.50 -14.89 -20.60
C GLY B 285 -36.18 -13.72 -21.33
N ILE B 286 -37.38 -13.94 -21.87
CA ILE B 286 -38.08 -12.91 -22.61
C ILE B 286 -39.45 -12.67 -21.97
N LEU B 287 -39.80 -11.41 -21.70
CA LEU B 287 -41.05 -11.09 -21.04
C LEU B 287 -42.17 -10.84 -22.06
N ASP B 288 -43.39 -10.73 -21.54
CA ASP B 288 -44.59 -10.73 -22.39
C ASP B 288 -44.84 -9.39 -23.08
N ASN B 289 -44.10 -8.32 -22.73
CA ASN B 289 -44.32 -6.98 -23.27
C ASN B 289 -45.74 -6.47 -23.01
N LYS B 290 -46.31 -6.84 -21.87
CA LYS B 290 -47.71 -6.53 -21.63
C LYS B 290 -47.84 -5.21 -20.87
N ASP B 291 -48.34 -4.19 -21.60
CA ASP B 291 -48.72 -2.92 -21.01
C ASP B 291 -49.96 -3.15 -20.17
N ASP B 292 -50.06 -2.49 -19.03
CA ASP B 292 -51.24 -2.61 -18.19
C ASP B 292 -51.21 -1.57 -17.09
N GLU B 293 -52.07 -0.55 -17.24
CA GLU B 293 -52.06 0.59 -16.33
C GLU B 293 -53.10 0.42 -15.23
N THR B 294 -53.67 -0.77 -15.06
CA THR B 294 -54.73 -0.97 -14.10
C THR B 294 -54.17 -0.71 -12.71
N PRO B 295 -54.76 0.23 -11.93
CA PRO B 295 -54.31 0.49 -10.57
C PRO B 295 -54.60 -0.69 -9.66
N THR B 296 -53.75 -0.90 -8.67
CA THR B 296 -53.97 -1.94 -7.69
C THR B 296 -54.76 -1.38 -6.52
N LYS B 297 -55.41 -2.29 -5.76
CA LYS B 297 -56.10 -1.94 -4.53
C LYS B 297 -55.24 -2.32 -3.32
N GLN B 298 -55.23 -3.60 -2.96
CA GLN B 298 -54.52 -4.05 -1.77
C GLN B 298 -53.15 -4.64 -2.16
N ASP B 299 -53.07 -5.34 -3.29
CA ASP B 299 -51.85 -6.03 -3.68
C ASP B 299 -50.72 -5.04 -4.00
N GLY B 300 -49.50 -5.40 -3.59
CA GLY B 300 -48.31 -4.75 -4.08
C GLY B 300 -48.06 -5.15 -5.53
N ILE B 301 -47.53 -4.20 -6.30
CA ILE B 301 -47.23 -4.43 -7.70
C ILE B 301 -45.83 -3.91 -8.01
N GLY B 302 -45.30 -4.39 -9.13
CA GLY B 302 -43.97 -4.04 -9.58
C GLY B 302 -43.89 -4.16 -11.09
N SER B 303 -42.77 -3.68 -11.64
CA SER B 303 -42.47 -3.73 -13.06
C SER B 303 -41.15 -4.47 -13.28
N ALA B 304 -40.97 -4.93 -14.52
CA ALA B 304 -39.74 -5.62 -14.91
C ALA B 304 -39.31 -5.12 -16.28
N ILE B 305 -38.00 -4.85 -16.41
CA ILE B 305 -37.37 -4.45 -17.68
C ILE B 305 -36.24 -5.45 -17.96
N ALA B 306 -36.22 -6.04 -19.16
CA ALA B 306 -35.24 -7.05 -19.46
C ALA B 306 -34.57 -6.81 -20.80
N VAL B 307 -33.33 -7.32 -20.91
CA VAL B 307 -32.64 -7.39 -22.18
C VAL B 307 -32.22 -8.83 -22.45
N ASN B 308 -32.35 -9.22 -23.73
CA ASN B 308 -32.01 -10.55 -24.22
C ASN B 308 -30.97 -10.39 -25.33
N PHE B 309 -29.93 -11.23 -25.30
CA PHE B 309 -28.90 -11.19 -26.33
C PHE B 309 -28.23 -12.56 -26.43
N LYS B 310 -27.65 -12.80 -27.62
CA LYS B 310 -26.86 -13.99 -27.88
C LYS B 310 -25.38 -13.59 -27.91
N LEU B 311 -24.59 -14.11 -26.97
CA LEU B 311 -23.17 -13.79 -26.94
C LEU B 311 -22.39 -14.89 -27.62
N GLN B 312 -21.58 -14.50 -28.60
CA GLN B 312 -20.73 -15.43 -29.32
C GLN B 312 -19.47 -15.69 -28.48
N PRO B 313 -18.73 -16.79 -28.75
CA PRO B 313 -17.46 -17.03 -28.07
C PRO B 313 -16.57 -15.81 -28.20
N GLY B 314 -15.93 -15.42 -27.10
CA GLY B 314 -15.05 -14.26 -27.08
C GLY B 314 -15.79 -12.93 -27.11
N GLN B 315 -17.15 -12.91 -27.14
CA GLN B 315 -17.85 -11.66 -27.32
C GLN B 315 -18.10 -10.95 -25.98
N THR B 316 -18.04 -9.62 -26.03
CA THR B 316 -18.41 -8.77 -24.91
C THR B 316 -19.54 -7.83 -25.35
N ILE B 317 -20.42 -7.53 -24.39
N ILE B 317 -20.41 -7.51 -24.40
CA ILE B 317 -21.50 -6.58 -24.58
CA ILE B 317 -21.43 -6.51 -24.62
C ILE B 317 -21.65 -5.74 -23.32
C ILE B 317 -21.62 -5.73 -23.33
N GLU B 318 -21.89 -4.44 -23.49
CA GLU B 318 -22.15 -3.54 -22.38
C GLU B 318 -23.57 -3.01 -22.53
N VAL B 319 -24.34 -3.01 -21.44
CA VAL B 319 -25.70 -2.47 -21.50
C VAL B 319 -26.03 -1.73 -20.20
N PRO B 320 -26.53 -0.48 -20.30
CA PRO B 320 -26.90 0.30 -19.12
C PRO B 320 -28.38 0.23 -18.74
N PHE B 321 -28.62 -0.03 -17.45
CA PHE B 321 -29.91 0.18 -16.81
C PHE B 321 -29.80 1.41 -15.91
N ALA B 322 -30.97 1.92 -15.47
CA ALA B 322 -30.99 3.01 -14.52
C ALA B 322 -32.24 2.89 -13.65
N LEU B 323 -32.17 3.63 -12.54
CA LEU B 323 -33.26 3.74 -11.57
C LEU B 323 -33.32 5.20 -11.15
N SER B 324 -34.54 5.74 -11.11
CA SER B 324 -34.76 7.10 -10.63
C SER B 324 -35.91 7.08 -9.64
N TRP B 325 -35.92 8.10 -8.77
CA TRP B 325 -37.06 8.30 -7.92
C TRP B 325 -37.35 9.77 -7.83
N ASP B 326 -38.59 10.14 -8.19
CA ASP B 326 -39.07 11.50 -8.08
C ASP B 326 -40.03 11.58 -6.91
N LEU B 327 -39.49 11.93 -5.74
CA LEU B 327 -40.27 12.07 -4.53
C LEU B 327 -40.03 13.50 -4.08
N PRO B 328 -40.74 14.52 -4.66
CA PRO B 328 -40.26 15.89 -4.61
C PRO B 328 -40.27 16.54 -3.22
N ILE B 329 -41.08 16.02 -2.30
CA ILE B 329 -41.31 16.74 -1.06
C ILE B 329 -40.70 15.97 0.10
N MET B 330 -40.00 16.66 0.99
CA MET B 330 -39.63 16.06 2.26
C MET B 330 -40.42 16.73 3.39
N LYS B 331 -41.02 15.90 4.23
CA LYS B 331 -41.78 16.39 5.38
C LYS B 331 -41.02 16.04 6.64
N PHE B 332 -40.88 16.99 7.58
CA PHE B 332 -40.22 16.76 8.86
C PHE B 332 -41.30 16.58 9.94
N GLY B 333 -40.94 15.96 11.06
CA GLY B 333 -41.92 15.62 12.07
C GLY B 333 -42.63 16.84 12.66
N GLY B 334 -41.97 18.01 12.65
CA GLY B 334 -42.56 19.25 13.11
C GLY B 334 -43.67 19.78 12.20
N GLY B 335 -43.81 19.23 11.00
CA GLY B 335 -44.87 19.61 10.10
C GLY B 335 -44.39 20.24 8.79
N ASP B 336 -43.16 20.80 8.76
CA ASP B 336 -42.70 21.56 7.60
C ASP B 336 -42.50 20.63 6.42
N LYS B 337 -42.90 21.10 5.24
CA LYS B 337 -42.69 20.41 3.98
C LYS B 337 -41.84 21.26 3.05
N TRP B 338 -40.79 20.65 2.48
CA TRP B 338 -39.86 21.33 1.61
C TRP B 338 -39.66 20.53 0.33
N TYR B 339 -39.35 21.23 -0.76
CA TYR B 339 -38.88 20.57 -1.96
C TYR B 339 -37.40 20.20 -1.85
N LYS B 340 -37.06 19.06 -2.43
CA LYS B 340 -35.69 18.59 -2.54
C LYS B 340 -34.96 19.31 -3.67
N MET B 341 -33.63 19.42 -3.52
CA MET B 341 -32.83 20.23 -4.41
C MET B 341 -33.00 19.87 -5.87
N TYR B 342 -33.11 18.57 -6.20
CA TYR B 342 -33.12 18.15 -7.59
C TYR B 342 -34.33 18.70 -8.34
N THR B 343 -35.39 19.09 -7.62
CA THR B 343 -36.58 19.65 -8.25
C THR B 343 -36.24 20.89 -9.07
N LYS B 344 -35.18 21.59 -8.69
CA LYS B 344 -34.75 22.77 -9.43
C LYS B 344 -34.49 22.40 -10.89
N TYR B 345 -34.03 21.16 -11.13
CA TYR B 345 -33.55 20.78 -12.45
C TYR B 345 -34.61 20.03 -13.22
N PHE B 346 -35.63 19.48 -12.54
CA PHE B 346 -36.58 18.61 -13.23
C PHE B 346 -38.04 19.00 -12.98
N GLY B 347 -38.30 19.93 -12.05
CA GLY B 347 -39.66 20.28 -11.67
C GLY B 347 -40.09 19.69 -10.33
N LYS B 348 -41.24 20.16 -9.84
CA LYS B 348 -41.69 19.91 -8.48
C LYS B 348 -42.93 19.03 -8.44
N ASN B 349 -43.48 18.63 -9.58
CA ASN B 349 -44.82 18.07 -9.52
C ASN B 349 -44.80 16.57 -9.33
N GLY B 350 -43.62 15.94 -9.28
CA GLY B 350 -43.58 14.54 -8.91
C GLY B 350 -43.94 13.60 -10.05
N LYS B 351 -43.89 14.09 -11.29
CA LYS B 351 -44.23 13.29 -12.45
C LYS B 351 -43.05 13.26 -13.42
N ASN B 352 -41.83 13.26 -12.87
CA ASN B 352 -40.65 13.53 -13.68
C ASN B 352 -39.60 12.43 -13.58
N SER B 353 -39.96 11.23 -13.09
CA SER B 353 -39.00 10.16 -12.93
C SER B 353 -38.38 9.78 -14.27
N PHE B 354 -39.23 9.70 -15.32
CA PHE B 354 -38.72 9.30 -16.62
C PHE B 354 -37.64 10.28 -17.08
N ALA B 355 -37.88 11.58 -16.92
CA ALA B 355 -36.90 12.57 -17.37
C ALA B 355 -35.56 12.35 -16.67
N ILE B 356 -35.60 12.03 -15.37
CA ILE B 356 -34.38 11.83 -14.60
C ILE B 356 -33.64 10.61 -15.11
N LEU B 357 -34.38 9.53 -15.36
CA LEU B 357 -33.80 8.29 -15.84
C LEU B 357 -33.17 8.48 -17.21
N LYS B 358 -33.84 9.22 -18.09
CA LYS B 358 -33.40 9.39 -19.45
C LYS B 358 -32.10 10.19 -19.50
N GLU B 359 -32.00 11.24 -18.69
CA GLU B 359 -30.77 11.99 -18.52
CA GLU B 359 -30.76 11.98 -18.57
C GLU B 359 -29.63 11.04 -18.14
N ALA B 360 -29.90 10.13 -17.20
CA ALA B 360 -28.88 9.22 -16.73
C ALA B 360 -28.47 8.24 -17.83
N LEU B 361 -29.46 7.65 -18.53
CA LEU B 361 -29.14 6.67 -19.55
C LEU B 361 -28.39 7.31 -20.71
N ASN B 362 -28.58 8.61 -20.96
CA ASN B 362 -27.95 9.25 -22.10
C ASN B 362 -26.61 9.84 -21.72
N ASN B 363 -26.30 9.99 -20.44
CA ASN B 363 -25.13 10.77 -20.05
C ASN B 363 -24.21 10.02 -19.09
N TYR B 364 -24.45 8.73 -18.85
CA TYR B 364 -23.75 8.07 -17.76
C TYR B 364 -22.25 7.98 -18.06
N GLN B 365 -21.87 7.81 -19.34
CA GLN B 365 -20.46 7.73 -19.70
C GLN B 365 -19.72 9.01 -19.34
N LYS B 366 -20.34 10.17 -19.56
CA LYS B 366 -19.74 11.45 -19.23
C LYS B 366 -19.53 11.55 -17.72
N TRP B 367 -20.51 11.03 -16.96
CA TRP B 367 -20.49 11.08 -15.51
C TRP B 367 -19.36 10.20 -14.95
N GLU B 368 -19.16 9.03 -15.57
CA GLU B 368 -18.06 8.14 -15.16
C GLU B 368 -16.71 8.84 -15.27
N LYS B 369 -16.51 9.54 -16.39
CA LYS B 369 -15.27 10.24 -16.65
C LYS B 369 -15.07 11.37 -15.66
N MET B 370 -16.16 12.06 -15.31
CA MET B 370 -16.10 13.13 -14.33
C MET B 370 -15.67 12.59 -12.96
N ILE B 371 -16.17 11.43 -12.57
CA ILE B 371 -15.81 10.82 -11.29
C ILE B 371 -14.34 10.37 -11.33
N ASP B 372 -13.95 9.71 -12.44
CA ASP B 372 -12.59 9.30 -12.70
C ASP B 372 -11.62 10.49 -12.62
N ASP B 373 -12.00 11.62 -13.24
CA ASP B 373 -11.16 12.79 -13.29
C ASP B 373 -10.89 13.33 -11.89
N TRP B 374 -11.88 13.14 -11.01
CA TRP B 374 -11.72 13.62 -9.64
C TRP B 374 -10.88 12.63 -8.83
N GLN B 375 -11.14 11.31 -8.99
CA GLN B 375 -10.48 10.29 -8.17
C GLN B 375 -9.00 10.06 -8.56
N LYS B 376 -8.66 10.20 -9.85
CA LYS B 376 -7.38 9.76 -10.43
C LYS B 376 -6.18 10.42 -9.76
N PRO B 377 -6.15 11.73 -9.53
CA PRO B 377 -5.02 12.34 -8.81
C PRO B 377 -4.67 11.70 -7.46
N ILE B 378 -5.68 11.22 -6.74
CA ILE B 378 -5.42 10.53 -5.50
C ILE B 378 -5.05 9.09 -5.80
N LEU B 379 -5.84 8.37 -6.60
CA LEU B 379 -5.57 6.96 -6.85
C LEU B 379 -4.20 6.72 -7.48
N SER B 380 -3.75 7.64 -8.33
CA SER B 380 -2.50 7.51 -9.07
C SER B 380 -1.27 7.79 -8.19
N ASN B 381 -1.48 8.27 -6.97
CA ASN B 381 -0.39 8.70 -6.11
C ASN B 381 0.18 7.45 -5.46
N LYS B 382 1.34 7.00 -5.96
CA LYS B 382 1.88 5.73 -5.53
C LYS B 382 2.60 5.85 -4.19
N SER B 383 2.67 7.04 -3.58
CA SER B 383 3.22 7.16 -2.23
C SER B 383 2.23 6.73 -1.13
N LYS B 384 0.95 6.61 -1.46
CA LYS B 384 -0.06 6.35 -0.46
C LYS B 384 -0.51 4.91 -0.56
N PRO B 385 -0.71 4.23 0.58
CA PRO B 385 -1.18 2.85 0.55
C PRO B 385 -2.62 2.72 0.14
N ASP B 386 -2.97 1.53 -0.35
CA ASP B 386 -4.31 1.26 -0.83
C ASP B 386 -5.33 1.48 0.28
N TRP B 387 -5.02 1.06 1.52
CA TRP B 387 -6.00 1.09 2.58
C TRP B 387 -6.46 2.52 2.82
N TYR B 388 -5.55 3.49 2.68
CA TYR B 388 -5.82 4.88 2.95
C TYR B 388 -6.79 5.38 1.89
N LYS B 389 -6.55 4.95 0.64
CA LYS B 389 -7.44 5.30 -0.44
C LYS B 389 -8.83 4.71 -0.21
N THR B 390 -8.90 3.48 0.32
CA THR B 390 -10.16 2.80 0.54
C THR B 390 -11.02 3.59 1.52
N ALA B 391 -10.43 4.00 2.65
CA ALA B 391 -11.08 4.78 3.67
C ALA B 391 -11.43 6.18 3.14
N LEU B 392 -10.47 6.86 2.53
CA LEU B 392 -10.68 8.21 2.07
C LEU B 392 -11.96 8.33 1.23
N PHE B 393 -12.07 7.54 0.16
CA PHE B 393 -13.26 7.62 -0.68
C PHE B 393 -14.50 7.03 0.00
N ASN B 394 -14.38 5.86 0.64
CA ASN B 394 -15.57 5.21 1.15
C ASN B 394 -16.18 5.93 2.35
N GLU B 395 -15.39 6.68 3.13
CA GLU B 395 -15.98 7.49 4.19
C GLU B 395 -16.99 8.50 3.67
N LEU B 396 -16.76 9.01 2.45
CA LEU B 396 -17.64 10.00 1.84
C LEU B 396 -19.06 9.48 1.65
N TYR B 397 -19.29 8.17 1.78
CA TYR B 397 -20.64 7.64 1.72
C TYR B 397 -21.57 8.51 2.58
N TYR B 398 -21.09 9.03 3.71
CA TYR B 398 -21.97 9.64 4.71
C TYR B 398 -22.53 10.97 4.18
N LEU B 399 -21.85 11.62 3.23
CA LEU B 399 -22.31 12.90 2.72
C LEU B 399 -23.70 12.79 2.12
N ALA B 400 -23.96 11.69 1.41
CA ALA B 400 -25.26 11.43 0.84
C ALA B 400 -26.14 10.67 1.82
N ASP B 401 -25.56 9.80 2.63
CA ASP B 401 -26.31 8.84 3.40
C ASP B 401 -26.69 9.38 4.78
N GLY B 402 -26.18 10.55 5.16
CA GLY B 402 -26.38 11.09 6.49
C GLY B 402 -27.66 11.91 6.65
N GLY B 403 -28.75 11.48 6.02
CA GLY B 403 -30.05 12.11 6.23
C GLY B 403 -30.10 13.50 5.62
N THR B 404 -29.38 13.64 4.50
CA THR B 404 -28.99 14.92 3.95
C THR B 404 -30.21 15.66 3.40
N ALA B 405 -30.32 16.91 3.83
CA ALA B 405 -31.45 17.76 3.51
C ALA B 405 -30.96 18.98 2.76
N TRP B 406 -31.55 19.22 1.58
CA TRP B 406 -31.12 20.30 0.72
C TRP B 406 -32.33 20.89 0.02
N GLU B 407 -32.78 22.07 0.45
CA GLU B 407 -34.13 22.50 0.11
C GLU B 407 -34.13 23.41 -1.11
N ASN B 408 -35.18 23.26 -1.93
CA ASN B 408 -35.45 24.16 -3.05
C ASN B 408 -36.84 24.77 -2.86
N GLY B 409 -37.09 25.26 -1.64
CA GLY B 409 -38.31 26.02 -1.33
C GLY B 409 -39.22 25.25 -0.38
N LYS B 410 -39.91 26.00 0.48
CA LYS B 410 -40.98 25.46 1.32
C LYS B 410 -42.24 25.23 0.47
N VAL B 411 -42.96 24.15 0.74
CA VAL B 411 -44.20 23.89 0.05
C VAL B 411 -45.19 24.99 0.42
N GLY B 412 -45.79 25.60 -0.62
CA GLY B 412 -46.74 26.71 -0.50
C GLY B 412 -46.05 28.03 -0.15
N GLU B 413 -44.82 28.23 -0.65
CA GLU B 413 -44.04 29.42 -0.36
C GLU B 413 -44.45 30.53 -1.33
N LYS B 414 -44.51 31.77 -0.83
CA LYS B 414 -44.84 32.93 -1.64
C LYS B 414 -43.65 33.28 -2.53
N ASP B 415 -42.60 33.85 -1.90
CA ASP B 415 -41.40 34.26 -2.60
C ASP B 415 -40.42 33.09 -2.67
N LYS B 416 -39.81 32.85 -3.84
CA LYS B 416 -38.67 31.95 -3.98
C LYS B 416 -37.41 32.68 -3.51
N ARG B 417 -36.48 31.95 -2.87
CA ARG B 417 -35.28 32.54 -2.27
C ARG B 417 -34.04 32.35 -3.14
N THR B 418 -32.98 33.10 -2.81
CA THR B 418 -31.68 32.99 -3.46
C THR B 418 -30.99 31.68 -3.04
N ASN B 419 -31.12 31.35 -1.75
CA ASN B 419 -30.30 30.32 -1.14
C ASN B 419 -31.07 29.01 -1.08
N ASN B 420 -30.30 27.91 -0.98
CA ASN B 420 -30.80 26.56 -0.72
C ASN B 420 -30.16 26.06 0.56
N MET B 421 -30.95 25.99 1.62
CA MET B 421 -30.44 25.56 2.91
C MET B 421 -30.08 24.07 2.84
N PHE B 422 -29.04 23.73 3.61
CA PHE B 422 -28.46 22.40 3.62
C PHE B 422 -28.29 21.89 5.05
N GLY B 423 -28.38 20.56 5.21
CA GLY B 423 -28.02 20.00 6.49
C GLY B 423 -27.68 18.51 6.39
N LEU B 424 -26.67 18.12 7.17
CA LEU B 424 -26.22 16.75 7.36
C LEU B 424 -26.42 16.37 8.83
N LEU B 425 -26.95 15.17 9.10
CA LEU B 425 -27.14 14.71 10.47
C LEU B 425 -25.81 14.39 11.17
N GLU B 426 -25.78 14.63 12.50
CA GLU B 426 -24.78 14.09 13.41
C GLU B 426 -24.74 12.58 13.21
N CYS B 427 -25.93 11.99 13.23
CA CYS B 427 -26.19 10.57 12.98
C CYS B 427 -27.70 10.37 13.08
N PHE B 428 -28.17 9.11 13.04
CA PHE B 428 -29.60 8.83 13.12
C PHE B 428 -30.06 8.63 14.55
N ASP B 429 -29.18 8.07 15.40
CA ASP B 429 -29.44 7.92 16.81
C ASP B 429 -29.54 9.28 17.48
N TYR B 430 -28.66 10.21 17.08
CA TYR B 430 -28.64 11.55 17.60
C TYR B 430 -29.07 12.49 16.47
N ASN B 431 -30.40 12.66 16.32
CA ASN B 431 -30.96 13.10 15.05
C ASN B 431 -30.92 14.63 15.00
N TYR B 432 -29.73 15.21 14.79
CA TYR B 432 -29.54 16.65 14.81
C TYR B 432 -28.79 17.09 13.56
N TYR B 433 -29.29 18.13 12.89
CA TYR B 433 -28.67 18.64 11.69
C TYR B 433 -27.52 19.58 12.04
N GLU B 434 -26.37 19.36 11.39
CA GLU B 434 -25.24 20.28 11.39
C GLU B 434 -24.72 20.56 12.79
N THR B 435 -24.68 19.54 13.64
CA THR B 435 -24.06 19.65 14.95
CA THR B 435 -24.08 19.69 14.95
C THR B 435 -22.69 20.31 14.81
N LEU B 436 -22.56 21.58 15.23
CA LEU B 436 -21.38 22.36 14.86
C LEU B 436 -20.13 21.81 15.52
N ASP B 437 -20.25 21.36 16.78
CA ASP B 437 -19.11 20.81 17.50
C ASP B 437 -18.56 19.58 16.79
N VAL B 438 -19.43 18.87 16.02
CA VAL B 438 -19.01 17.71 15.26
C VAL B 438 -18.52 18.10 13.86
N ARG B 439 -19.19 19.08 13.25
CA ARG B 439 -18.90 19.47 11.88
C ARG B 439 -17.51 20.13 11.79
N PHE B 440 -17.04 20.64 12.93
CA PHE B 440 -15.66 21.10 13.04
C PHE B 440 -14.68 20.03 12.54
N TYR B 441 -15.01 18.76 12.84
CA TYR B 441 -14.32 17.59 12.32
C TYR B 441 -14.90 17.17 10.96
N GLY B 442 -16.22 17.06 10.86
CA GLY B 442 -16.87 16.32 9.78
C GLY B 442 -17.08 17.08 8.47
N SER B 443 -16.81 18.39 8.44
CA SER B 443 -17.16 19.19 7.27
C SER B 443 -16.03 19.33 6.25
N PHE B 444 -14.88 18.66 6.47
CA PHE B 444 -13.75 18.78 5.56
C PHE B 444 -14.12 18.46 4.12
N PRO B 445 -14.84 17.35 3.81
CA PRO B 445 -15.21 17.08 2.43
C PRO B 445 -16.03 18.20 1.80
N LEU B 446 -16.89 18.86 2.58
CA LEU B 446 -17.72 19.91 2.02
C LEU B 446 -16.86 21.11 1.62
N VAL B 447 -15.97 21.56 2.50
CA VAL B 447 -15.22 22.76 2.17
C VAL B 447 -14.25 22.47 1.03
N MET B 448 -13.75 21.23 0.96
CA MET B 448 -12.70 20.84 0.02
C MET B 448 -13.27 20.54 -1.38
N LEU B 449 -14.49 19.99 -1.42
CA LEU B 449 -15.07 19.43 -2.64
C LEU B 449 -16.39 20.09 -3.03
N TRP B 450 -17.18 20.61 -2.06
CA TRP B 450 -18.43 21.30 -2.39
C TRP B 450 -18.51 22.63 -1.64
N PRO B 451 -17.53 23.53 -1.85
CA PRO B 451 -17.42 24.73 -1.01
C PRO B 451 -18.61 25.69 -0.96
N ASP B 452 -19.40 25.76 -2.02
CA ASP B 452 -20.56 26.63 -2.04
C ASP B 452 -21.60 26.18 -1.01
N ILE B 453 -21.71 24.85 -0.78
CA ILE B 453 -22.58 24.32 0.25
C ILE B 453 -22.00 24.65 1.62
N GLU B 454 -20.72 24.42 1.78
CA GLU B 454 -20.07 24.69 3.06
C GLU B 454 -20.34 26.15 3.47
N LYS B 455 -20.17 27.08 2.54
CA LYS B 455 -20.31 28.48 2.89
C LYS B 455 -21.77 28.80 3.24
N GLN B 456 -22.72 28.21 2.50
CA GLN B 456 -24.13 28.34 2.81
C GLN B 456 -24.39 27.87 4.25
N VAL B 457 -23.81 26.73 4.66
CA VAL B 457 -24.05 26.23 6.01
C VAL B 457 -23.47 27.19 7.05
N MET B 458 -22.29 27.75 6.81
CA MET B 458 -21.73 28.67 7.80
C MET B 458 -22.55 29.96 7.84
N ARG B 459 -23.15 30.37 6.71
CA ARG B 459 -24.07 31.50 6.70
C ARG B 459 -25.32 31.20 7.53
N GLN B 460 -25.82 29.95 7.50
CA GLN B 460 -26.93 29.54 8.35
C GLN B 460 -26.56 29.78 9.81
N PHE B 461 -25.34 29.42 10.20
CA PHE B 461 -24.92 29.60 11.59
C PHE B 461 -24.76 31.09 11.90
N ALA B 462 -24.18 31.87 10.99
CA ALA B 462 -24.02 33.30 11.24
C ALA B 462 -25.38 33.96 11.54
N ASP B 463 -26.41 33.53 10.82
CA ASP B 463 -27.73 34.11 10.95
C ASP B 463 -28.35 33.75 12.30
N THR B 464 -27.85 32.74 13.01
CA THR B 464 -28.44 32.35 14.28
C THR B 464 -27.74 33.00 15.45
N ILE B 465 -26.62 33.70 15.24
CA ILE B 465 -25.80 34.08 16.39
C ILE B 465 -26.68 34.86 17.37
N ASN B 466 -27.44 35.82 16.83
CA ASN B 466 -28.19 36.72 17.69
C ASN B 466 -29.64 36.32 17.91
N VAL B 467 -30.07 35.17 17.39
CA VAL B 467 -31.42 34.69 17.67
C VAL B 467 -31.51 34.47 19.18
N GLN B 468 -32.63 34.89 19.75
CA GLN B 468 -32.95 34.70 21.17
C GLN B 468 -34.27 33.93 21.21
N ASP B 469 -34.31 32.85 21.97
CA ASP B 469 -35.53 32.13 22.23
C ASP B 469 -35.55 31.85 23.73
N SER B 470 -36.44 32.55 24.44
CA SER B 470 -36.49 32.56 25.89
C SER B 470 -37.29 31.38 26.44
N SER B 471 -37.94 30.60 25.56
CA SER B 471 -38.59 29.38 26.00
C SER B 471 -37.56 28.49 26.72
N GLU B 472 -38.06 27.65 27.64
CA GLU B 472 -37.18 26.87 28.49
C GLU B 472 -37.35 25.39 28.19
N PHE B 473 -36.28 24.64 28.50
CA PHE B 473 -36.24 23.21 28.27
C PHE B 473 -35.56 22.59 29.48
N LYS B 474 -35.85 21.30 29.69
CA LYS B 474 -35.23 20.49 30.72
C LYS B 474 -33.95 19.87 30.15
N VAL B 475 -32.81 20.21 30.74
CA VAL B 475 -31.53 19.60 30.42
C VAL B 475 -31.60 18.12 30.82
N GLY B 476 -31.28 17.22 29.88
CA GLY B 476 -31.45 15.80 30.12
C GLY B 476 -30.44 15.26 31.14
N SER B 477 -29.23 15.84 31.17
CA SER B 477 -28.15 15.33 32.01
C SER B 477 -28.45 15.52 33.50
N ASN B 478 -29.07 16.66 33.87
CA ASN B 478 -29.16 17.04 35.27
C ASN B 478 -30.55 17.56 35.64
N GLY B 479 -31.51 17.54 34.69
CA GLY B 479 -32.89 17.91 34.98
C GLY B 479 -33.12 19.41 35.18
N ALA B 480 -32.07 20.24 35.19
CA ALA B 480 -32.23 21.68 35.36
C ALA B 480 -33.00 22.27 34.16
N MET B 481 -33.54 23.48 34.33
CA MET B 481 -34.25 24.16 33.26
C MET B 481 -33.35 25.26 32.71
N ALA B 482 -33.49 25.55 31.41
CA ALA B 482 -32.57 26.43 30.73
C ALA B 482 -33.24 27.04 29.51
N VAL B 483 -32.77 28.25 29.17
CA VAL B 483 -33.19 28.98 28.00
C VAL B 483 -32.70 28.23 26.75
N LYS B 484 -33.61 28.06 25.77
CA LYS B 484 -33.34 27.35 24.52
C LYS B 484 -32.18 27.97 23.74
N LYS B 485 -32.20 29.30 23.51
CA LYS B 485 -31.17 29.92 22.72
C LYS B 485 -30.85 31.33 23.23
N VAL B 486 -29.57 31.53 23.62
CA VAL B 486 -29.09 32.80 24.15
C VAL B 486 -28.44 33.62 23.03
N GLN B 487 -28.82 34.90 22.94
CA GLN B 487 -28.21 35.88 22.05
C GLN B 487 -26.68 35.81 22.19
N GLY B 488 -25.98 35.68 21.07
CA GLY B 488 -24.51 35.70 21.07
C GLY B 488 -23.85 34.33 21.21
N MET B 489 -24.62 33.28 21.50
CA MET B 489 -24.08 31.93 21.58
C MET B 489 -24.47 31.15 20.34
N ILE B 490 -23.49 30.51 19.71
CA ILE B 490 -23.72 29.69 18.53
C ILE B 490 -24.51 28.45 18.96
N PRO B 491 -25.52 28.02 18.18
CA PRO B 491 -26.31 26.82 18.50
C PRO B 491 -25.53 25.53 18.30
N HIS B 492 -25.90 24.51 19.07
CA HIS B 492 -25.39 23.16 18.92
C HIS B 492 -25.77 22.61 17.55
N ASP B 493 -26.98 22.90 17.08
CA ASP B 493 -27.49 22.29 15.86
C ASP B 493 -28.58 23.18 15.25
N LEU B 494 -29.01 22.82 14.03
CA LEU B 494 -30.03 23.57 13.33
C LEU B 494 -31.31 22.74 13.22
N GLY B 495 -31.61 21.93 14.25
CA GLY B 495 -32.88 21.25 14.38
C GLY B 495 -32.76 19.75 14.15
N SER B 496 -33.90 19.08 14.24
CA SER B 496 -34.04 17.64 14.11
C SER B 496 -35.02 17.32 12.99
N SER B 497 -34.78 16.25 12.26
CA SER B 497 -35.73 15.80 11.26
C SER B 497 -37.07 15.45 11.93
N TYR B 498 -37.07 15.13 13.22
CA TYR B 498 -38.31 14.87 13.96
C TYR B 498 -39.10 16.15 14.27
N ALA B 499 -38.48 17.31 14.10
CA ALA B 499 -39.06 18.59 14.43
C ALA B 499 -38.95 19.52 13.22
N LEU B 500 -38.19 20.63 13.35
CA LEU B 500 -38.18 21.66 12.31
C LEU B 500 -36.77 22.10 11.93
N PRO B 501 -36.10 21.37 10.99
CA PRO B 501 -34.78 21.75 10.50
C PRO B 501 -34.79 23.19 10.01
N TRP B 502 -33.71 23.89 10.36
CA TRP B 502 -33.43 25.26 9.98
C TRP B 502 -34.36 26.26 10.67
N ILE B 503 -35.47 25.82 11.27
CA ILE B 503 -36.44 26.76 11.84
C ILE B 503 -36.32 26.73 13.37
N LYS B 504 -36.26 25.54 13.97
CA LYS B 504 -36.11 25.43 15.41
C LYS B 504 -34.75 24.80 15.69
N ILE B 505 -33.80 25.68 16.03
CA ILE B 505 -32.44 25.29 16.33
C ILE B 505 -32.39 24.75 17.75
N ASN B 506 -31.21 24.21 18.11
CA ASN B 506 -30.96 23.59 19.40
C ASN B 506 -32.03 22.56 19.76
N ALA B 507 -32.27 21.58 18.88
CA ALA B 507 -33.10 20.42 19.23
C ALA B 507 -32.43 19.59 20.32
N TYR B 508 -31.11 19.62 20.40
CA TYR B 508 -30.35 18.87 21.39
C TYR B 508 -30.61 19.46 22.76
N ASP B 509 -30.83 18.58 23.74
CA ASP B 509 -31.20 18.98 25.08
C ASP B 509 -30.37 18.26 26.15
N TRP B 510 -29.49 17.30 25.78
CA TRP B 510 -28.75 16.52 26.77
C TRP B 510 -27.91 17.40 27.68
N GLN B 511 -27.27 18.41 27.09
CA GLN B 511 -26.61 19.47 27.82
C GLN B 511 -27.15 20.80 27.33
N ASN B 512 -26.83 21.87 28.06
CA ASN B 512 -27.20 23.19 27.62
C ASN B 512 -26.12 23.78 26.73
N PRO B 513 -26.32 23.85 25.40
CA PRO B 513 -25.25 24.33 24.52
C PRO B 513 -24.93 25.81 24.69
N ASN B 514 -25.83 26.56 25.35
CA ASN B 514 -25.66 27.99 25.48
C ASN B 514 -24.50 28.32 26.43
N ILE B 515 -24.04 27.32 27.19
CA ILE B 515 -22.85 27.50 28.01
C ILE B 515 -21.69 26.61 27.55
N TRP B 516 -21.72 26.08 26.32
CA TRP B 516 -20.57 25.33 25.85
C TRP B 516 -19.43 26.29 25.57
N LYS B 517 -18.21 25.82 25.83
CA LYS B 517 -17.01 26.63 25.66
C LYS B 517 -16.31 26.37 24.32
N ASP B 518 -16.80 25.41 23.50
CA ASP B 518 -16.16 25.08 22.23
C ASP B 518 -16.93 25.62 21.02
N LEU B 519 -18.25 25.81 21.12
CA LEU B 519 -19.05 26.13 19.95
C LEU B 519 -18.66 27.47 19.33
N ASN B 520 -18.52 28.52 20.15
CA ASN B 520 -18.23 29.83 19.60
C ASN B 520 -16.85 29.83 18.97
N SER B 521 -15.88 29.18 19.64
CA SER B 521 -14.52 29.10 19.15
CA SER B 521 -14.52 29.12 19.14
C SER B 521 -14.47 28.34 17.81
N LYS B 522 -15.08 27.14 17.80
CA LYS B 522 -15.15 26.32 16.58
C LYS B 522 -15.80 27.07 15.41
N TYR B 523 -16.84 27.86 15.72
CA TYR B 523 -17.56 28.60 14.70
C TYR B 523 -16.59 29.57 14.03
N VAL B 524 -15.80 30.30 14.82
CA VAL B 524 -14.82 31.21 14.27
C VAL B 524 -13.79 30.47 13.43
N LEU B 525 -13.27 29.35 13.93
CA LEU B 525 -12.25 28.59 13.20
C LEU B 525 -12.81 28.04 11.89
N LEU B 526 -14.09 27.63 11.89
CA LEU B 526 -14.75 27.14 10.70
C LEU B 526 -14.85 28.26 9.66
N VAL B 527 -15.27 29.44 10.12
CA VAL B 527 -15.33 30.56 9.21
C VAL B 527 -13.95 30.81 8.58
N TYR B 528 -12.89 30.87 9.38
CA TYR B 528 -11.61 31.27 8.79
C TYR B 528 -11.06 30.13 7.93
N ARG B 529 -11.23 28.88 8.38
CA ARG B 529 -10.88 27.72 7.58
C ARG B 529 -11.49 27.85 6.18
N ASP B 530 -12.77 28.21 6.14
CA ASP B 530 -13.52 28.22 4.89
C ASP B 530 -13.01 29.31 3.95
N TYR B 531 -12.50 30.39 4.53
CA TYR B 531 -11.86 31.43 3.74
C TYR B 531 -10.55 30.89 3.15
N VAL B 532 -9.72 30.29 4.01
CA VAL B 532 -8.38 29.84 3.64
C VAL B 532 -8.42 28.68 2.65
N LEU B 533 -9.28 27.70 2.92
CA LEU B 533 -9.28 26.52 2.08
C LEU B 533 -10.03 26.76 0.76
N THR B 534 -10.51 28.00 0.47
CA THR B 534 -11.11 28.30 -0.84
C THR B 534 -10.33 29.43 -1.54
N GLY B 535 -9.06 29.61 -1.15
CA GLY B 535 -8.12 30.42 -1.92
C GLY B 535 -7.80 31.78 -1.29
N LYS B 536 -8.25 32.01 -0.06
CA LYS B 536 -8.15 33.33 0.54
C LYS B 536 -8.62 34.44 -0.41
N THR B 537 -9.72 34.24 -1.14
CA THR B 537 -10.24 35.28 -2.02
C THR B 537 -11.60 35.81 -1.55
N ASP B 538 -12.32 35.09 -0.68
CA ASP B 538 -13.74 35.36 -0.46
C ASP B 538 -13.92 36.34 0.69
N LYS B 539 -13.57 37.60 0.42
N LYS B 539 -13.58 37.60 0.40
CA LYS B 539 -13.73 38.70 1.37
CA LYS B 539 -13.73 38.72 1.30
C LYS B 539 -15.21 38.93 1.66
C LYS B 539 -15.21 38.92 1.66
N GLU B 540 -16.08 38.72 0.66
CA GLU B 540 -17.52 38.84 0.89
C GLU B 540 -17.95 37.93 2.04
N PHE B 541 -17.40 36.71 2.11
CA PHE B 541 -17.78 35.73 3.12
C PHE B 541 -17.28 36.21 4.48
N LEU B 542 -16.04 36.71 4.51
CA LEU B 542 -15.53 37.27 5.76
C LEU B 542 -16.39 38.45 6.21
N LYS B 543 -16.83 39.29 5.27
CA LYS B 543 -17.67 40.45 5.60
C LYS B 543 -19.00 39.98 6.16
N TYR B 544 -19.57 38.94 5.52
CA TYR B 544 -20.89 38.47 5.93
C TYR B 544 -20.82 38.03 7.39
N THR B 545 -19.71 37.40 7.78
CA THR B 545 -19.66 36.64 9.04
C THR B 545 -18.98 37.45 10.15
N TRP B 546 -18.36 38.59 9.81
CA TRP B 546 -17.43 39.26 10.71
C TRP B 546 -18.09 39.66 12.04
N LYS B 547 -19.29 40.26 11.95
CA LYS B 547 -20.02 40.69 13.14
C LYS B 547 -20.27 39.49 14.05
N SER B 548 -20.66 38.33 13.48
CA SER B 548 -20.96 37.16 14.30
C SER B 548 -19.69 36.57 14.93
N VAL B 549 -18.55 36.69 14.26
CA VAL B 549 -17.28 36.24 14.81
C VAL B 549 -16.92 37.04 16.07
N LYS B 550 -17.00 38.37 15.93
CA LYS B 550 -16.69 39.26 17.06
C LYS B 550 -17.66 39.00 18.21
N THR B 551 -18.96 38.92 17.91
CA THR B 551 -19.93 38.65 18.97
C THR B 551 -19.56 37.35 19.70
N ALA B 552 -19.28 36.29 18.91
CA ALA B 552 -19.03 34.96 19.44
C ALA B 552 -17.84 34.97 20.41
N LEU B 553 -16.74 35.63 20.01
CA LEU B 553 -15.53 35.65 20.82
C LEU B 553 -15.75 36.53 22.05
N ASP B 554 -16.49 37.64 21.88
CA ASP B 554 -16.81 38.53 23.00
C ASP B 554 -17.68 37.82 24.04
N LYS B 555 -18.66 37.02 23.61
CA LYS B 555 -19.49 36.30 24.56
C LYS B 555 -18.69 35.25 25.31
N LEU B 556 -17.74 34.61 24.62
CA LEU B 556 -16.97 33.57 25.27
C LEU B 556 -16.06 34.20 26.32
N LYS B 557 -15.52 35.39 26.03
CA LYS B 557 -14.65 36.08 26.96
C LYS B 557 -15.36 36.25 28.31
N GLU B 558 -16.67 36.51 28.27
CA GLU B 558 -17.43 36.80 29.48
C GLU B 558 -17.39 35.60 30.43
N MET B 559 -17.13 34.41 29.89
CA MET B 559 -17.19 33.17 30.66
C MET B 559 -15.86 32.88 31.33
N ASP B 560 -14.91 33.81 31.19
CA ASP B 560 -13.66 33.74 31.95
C ASP B 560 -13.91 34.38 33.30
N LYS B 561 -14.19 33.54 34.31
CA LYS B 561 -14.59 34.01 35.63
C LYS B 561 -13.35 34.24 36.52
N ASP B 562 -12.25 33.51 36.30
CA ASP B 562 -11.08 33.60 37.16
C ASP B 562 -10.06 34.58 36.58
N ASN B 563 -10.43 35.27 35.49
CA ASN B 563 -9.61 36.34 34.95
C ASN B 563 -8.20 35.82 34.64
N ASP B 564 -8.10 34.73 33.86
CA ASP B 564 -6.84 34.34 33.24
C ASP B 564 -6.87 34.52 31.73
N GLY B 565 -7.93 35.15 31.21
CA GLY B 565 -8.05 35.46 29.79
C GLY B 565 -8.63 34.32 28.96
N ILE B 566 -9.01 33.24 29.66
CA ILE B 566 -9.46 32.00 29.04
C ILE B 566 -10.81 31.62 29.64
N PRO B 567 -11.83 31.29 28.81
CA PRO B 567 -13.14 30.86 29.33
C PRO B 567 -12.94 29.63 30.18
N ASP B 568 -13.65 29.58 31.31
CA ASP B 568 -13.49 28.51 32.30
C ASP B 568 -14.53 27.44 32.04
N ASN B 569 -14.11 26.18 31.85
CA ASN B 569 -15.06 25.07 31.83
C ASN B 569 -15.65 24.92 33.22
N GLU B 570 -16.93 24.52 33.34
CA GLU B 570 -17.69 24.71 34.56
C GLU B 570 -17.86 23.44 35.37
N GLY B 571 -16.97 22.46 35.19
CA GLY B 571 -17.04 21.23 35.96
C GLY B 571 -18.20 20.33 35.49
N ILE B 572 -18.64 20.55 34.26
CA ILE B 572 -19.67 19.74 33.64
C ILE B 572 -19.22 19.47 32.21
N PRO B 573 -19.88 18.56 31.49
CA PRO B 573 -19.59 18.41 30.06
C PRO B 573 -20.13 19.57 29.24
N ASP B 574 -19.34 20.67 29.12
CA ASP B 574 -19.75 21.86 28.40
C ASP B 574 -18.99 22.00 27.08
N GLN B 575 -19.03 20.94 26.28
CA GLN B 575 -18.30 20.88 25.01
C GLN B 575 -18.62 19.52 24.38
N THR B 576 -18.07 19.25 23.18
CA THR B 576 -18.43 18.09 22.36
C THR B 576 -18.30 16.77 23.13
N TYR B 577 -17.33 16.66 24.04
CA TYR B 577 -17.24 15.47 24.87
C TYR B 577 -18.29 15.61 25.98
N ASP B 578 -19.55 15.34 25.59
CA ASP B 578 -20.73 15.83 26.32
C ASP B 578 -21.16 14.91 27.48
N THR B 579 -20.34 13.91 27.86
CA THR B 579 -20.45 13.31 29.19
C THR B 579 -19.12 13.38 29.94
N TRP B 580 -18.10 14.02 29.39
CA TRP B 580 -16.79 14.11 30.02
C TRP B 580 -16.58 15.51 30.58
N SER B 581 -16.53 15.62 31.90
N SER B 581 -16.55 15.64 31.91
CA SER B 581 -16.43 16.91 32.59
CA SER B 581 -16.48 16.94 32.55
C SER B 581 -15.05 17.54 32.40
C SER B 581 -15.08 17.54 32.42
N MET B 582 -15.06 18.85 32.17
CA MET B 582 -13.86 19.67 32.20
C MET B 582 -14.11 20.77 33.24
N LYS B 583 -13.03 21.28 33.86
CA LYS B 583 -13.14 22.32 34.87
C LYS B 583 -11.88 23.18 34.85
N GLY B 584 -12.07 24.49 34.79
CA GLY B 584 -10.96 25.41 34.74
C GLY B 584 -10.57 25.67 33.29
N THR B 585 -9.28 25.89 33.06
CA THR B 585 -8.78 25.95 31.69
C THR B 585 -8.56 24.50 31.26
N SER B 586 -9.14 24.11 30.10
CA SER B 586 -8.92 22.81 29.51
C SER B 586 -7.97 22.99 28.31
N ALA B 587 -7.17 21.96 28.05
CA ALA B 587 -6.31 21.97 26.88
C ALA B 587 -7.19 22.11 25.64
N TYR B 588 -8.30 21.38 25.63
CA TYR B 588 -9.18 21.30 24.46
C TYR B 588 -9.82 22.66 24.20
N CYS B 589 -10.57 23.20 25.16
CA CYS B 589 -11.27 24.45 24.88
C CYS B 589 -10.33 25.63 24.90
N GLY B 590 -9.23 25.52 25.65
CA GLY B 590 -8.24 26.59 25.74
C GLY B 590 -7.50 26.75 24.43
N SER B 591 -7.08 25.64 23.81
CA SER B 591 -6.35 25.72 22.56
C SER B 591 -7.27 26.22 21.45
N LEU B 592 -8.53 25.80 21.47
CA LEU B 592 -9.49 26.27 20.48
C LEU B 592 -9.68 27.78 20.61
N TRP B 593 -9.70 28.26 21.86
CA TRP B 593 -9.83 29.67 22.16
C TRP B 593 -8.66 30.45 21.57
N LEU B 594 -7.44 29.94 21.82
CA LEU B 594 -6.23 30.60 21.33
C LEU B 594 -6.30 30.76 19.81
N ALA B 595 -6.70 29.68 19.12
CA ALA B 595 -6.65 29.65 17.68
C ALA B 595 -7.71 30.59 17.12
N ALA B 596 -8.88 30.57 17.76
CA ALA B 596 -9.97 31.40 17.29
C ALA B 596 -9.58 32.88 17.38
N LEU B 597 -8.89 33.27 18.46
CA LEU B 597 -8.38 34.64 18.61
C LEU B 597 -7.38 34.97 17.50
N LYS B 598 -6.49 34.01 17.20
CA LYS B 598 -5.51 34.21 16.17
C LYS B 598 -6.23 34.41 14.83
N ALA B 599 -7.27 33.61 14.56
CA ALA B 599 -7.98 33.74 13.28
C ALA B 599 -8.67 35.11 13.17
N ALA B 600 -9.29 35.54 14.26
CA ALA B 600 -10.01 36.81 14.32
C ALA B 600 -9.05 37.99 14.17
N GLN B 601 -7.86 37.92 14.77
CA GLN B 601 -6.83 38.94 14.53
C GLN B 601 -6.56 39.04 13.04
N GLU B 602 -6.52 37.86 12.38
CA GLU B 602 -6.19 37.78 10.99
C GLU B 602 -7.32 38.37 10.15
N ILE B 603 -8.56 38.05 10.49
CA ILE B 603 -9.68 38.59 9.73
C ILE B 603 -9.73 40.11 9.93
N GLY B 604 -9.50 40.55 11.18
CA GLY B 604 -9.33 41.97 11.49
C GLY B 604 -8.42 42.67 10.49
N LYS B 605 -7.24 42.09 10.22
CA LYS B 605 -6.28 42.71 9.33
C LYS B 605 -6.87 42.77 7.91
N VAL B 606 -7.49 41.67 7.45
CA VAL B 606 -8.02 41.62 6.10
C VAL B 606 -9.10 42.68 5.91
N LEU B 607 -9.97 42.85 6.93
CA LEU B 607 -11.11 43.75 6.84
C LEU B 607 -10.78 45.16 7.35
N LYS B 608 -9.50 45.42 7.67
CA LYS B 608 -9.06 46.75 8.07
C LYS B 608 -9.82 47.20 9.33
N ASP B 609 -9.90 46.30 10.31
CA ASP B 609 -10.57 46.58 11.57
C ASP B 609 -9.52 46.51 12.68
N ASN B 610 -8.84 47.65 12.91
CA ASN B 610 -7.68 47.72 13.79
C ASN B 610 -8.13 47.61 15.25
N GLU B 611 -9.30 48.17 15.62
CA GLU B 611 -9.80 48.00 16.98
C GLU B 611 -9.88 46.51 17.34
N ALA B 612 -10.45 45.69 16.42
CA ALA B 612 -10.60 44.25 16.62
C ALA B 612 -9.23 43.58 16.68
N TYR B 613 -8.36 43.94 15.73
CA TYR B 613 -7.01 43.40 15.67
C TYR B 613 -6.32 43.61 17.02
N ILE B 614 -6.31 44.85 17.51
CA ILE B 614 -5.61 45.19 18.73
C ILE B 614 -6.19 44.36 19.87
N LYS B 615 -7.51 44.40 20.00
CA LYS B 615 -8.23 43.71 21.07
C LYS B 615 -7.91 42.22 21.10
N TYR B 616 -8.14 41.52 19.98
CA TYR B 616 -7.95 40.07 19.96
C TYR B 616 -6.47 39.73 20.13
N ASN B 617 -5.58 40.57 19.61
CA ASN B 617 -4.14 40.42 19.86
C ASN B 617 -3.84 40.51 21.37
N GLU B 618 -4.45 41.47 22.08
CA GLU B 618 -4.21 41.60 23.51
C GLU B 618 -4.70 40.34 24.23
N TRP B 619 -5.93 39.92 23.92
CA TRP B 619 -6.53 38.76 24.56
C TRP B 619 -5.67 37.51 24.33
N TYR B 620 -5.16 37.37 23.10
CA TYR B 620 -4.37 36.21 22.71
C TYR B 620 -3.08 36.10 23.51
N LYS B 621 -2.32 37.20 23.55
CA LYS B 621 -1.05 37.28 24.26
C LYS B 621 -1.20 36.80 25.71
N ILE B 622 -2.25 37.27 26.42
CA ILE B 622 -2.46 36.92 27.81
C ILE B 622 -2.89 35.45 27.94
N ALA B 623 -3.90 35.05 27.16
CA ALA B 623 -4.39 33.68 27.27
C ALA B 623 -3.27 32.67 26.98
N GLN B 624 -2.49 32.96 25.95
CA GLN B 624 -1.41 32.08 25.54
C GLN B 624 -0.42 31.87 26.68
N GLN B 625 0.02 32.97 27.33
CA GLN B 625 0.96 32.90 28.44
C GLN B 625 0.37 32.01 29.52
N ASN B 626 -0.90 32.25 29.84
CA ASN B 626 -1.56 31.57 30.94
C ASN B 626 -1.86 30.11 30.61
N PHE B 627 -2.23 29.80 29.37
CA PHE B 627 -2.50 28.41 29.00
C PHE B 627 -1.23 27.59 29.17
N GLU B 628 -0.14 28.13 28.64
CA GLU B 628 1.18 27.53 28.73
C GLU B 628 1.55 27.35 30.20
N LYS B 629 1.44 28.40 31.02
CA LYS B 629 1.85 28.30 32.41
C LYS B 629 0.99 27.28 33.16
N GLU B 630 -0.31 27.23 32.86
CA GLU B 630 -1.25 26.42 33.65
C GLU B 630 -1.17 24.93 33.27
N LEU B 631 -0.88 24.60 32.00
CA LEU B 631 -1.18 23.27 31.48
C LEU B 631 0.04 22.50 30.98
N TRP B 632 1.10 23.19 30.55
CA TRP B 632 2.31 22.50 30.11
C TRP B 632 2.95 21.78 31.29
N ASN B 633 3.20 20.47 31.19
CA ASN B 633 3.77 19.74 32.31
C ASN B 633 5.20 19.30 32.02
N GLY B 634 5.76 19.68 30.86
CA GLY B 634 7.09 19.26 30.44
C GLY B 634 7.07 18.13 29.40
N GLU B 635 5.95 17.40 29.34
CA GLU B 635 5.78 16.29 28.40
C GLU B 635 4.59 16.51 27.46
N TYR B 636 3.44 16.91 28.01
CA TYR B 636 2.21 17.14 27.24
C TYR B 636 1.40 18.25 27.92
N TYR B 637 0.24 18.60 27.34
CA TYR B 637 -0.65 19.56 27.99
C TYR B 637 -1.66 18.78 28.84
N ASN B 638 -1.76 19.17 30.12
CA ASN B 638 -2.74 18.57 31.03
C ASN B 638 -4.14 18.78 30.46
N PHE B 639 -5.04 17.86 30.81
CA PHE B 639 -6.40 17.83 30.32
C PHE B 639 -7.12 19.11 30.72
N ASP B 640 -7.00 19.49 32.01
CA ASP B 640 -7.47 20.78 32.48
C ASP B 640 -6.76 21.14 33.80
N THR B 641 -7.21 22.22 34.47
CA THR B 641 -6.51 22.70 35.67
C THR B 641 -7.20 22.27 36.96
N GLU B 642 -8.40 21.65 36.91
CA GLU B 642 -9.17 21.52 38.15
C GLU B 642 -9.91 20.19 38.35
N SER B 643 -9.93 19.25 37.38
CA SER B 643 -10.61 17.96 37.57
C SER B 643 -9.77 17.02 38.45
N ASP B 644 -10.41 15.95 38.94
CA ASP B 644 -9.73 14.82 39.56
C ASP B 644 -8.74 14.23 38.55
N HIS B 645 -9.14 14.25 37.27
CA HIS B 645 -8.43 13.65 36.15
C HIS B 645 -7.58 14.67 35.37
N LYS B 646 -7.10 15.73 36.03
CA LYS B 646 -6.52 16.85 35.30
C LYS B 646 -5.26 16.45 34.53
N ASP B 647 -4.57 15.38 34.95
CA ASP B 647 -3.29 15.02 34.35
C ASP B 647 -3.47 13.95 33.26
N SER B 648 -4.71 13.64 32.88
CA SER B 648 -4.91 12.65 31.83
C SER B 648 -4.32 13.18 30.53
N ILE B 649 -3.79 12.24 29.73
CA ILE B 649 -3.37 12.56 28.37
C ILE B 649 -4.59 12.45 27.46
N MET B 650 -5.00 13.59 26.89
CA MET B 650 -6.16 13.66 26.00
C MET B 650 -5.71 13.67 24.55
N ALA B 651 -6.34 12.81 23.74
CA ALA B 651 -5.92 12.65 22.35
C ALA B 651 -6.07 13.97 21.61
N ASP B 652 -7.10 14.74 22.01
CA ASP B 652 -7.54 15.92 21.27
C ASP B 652 -7.05 17.19 21.98
N GLN B 653 -6.04 17.05 22.84
CA GLN B 653 -5.59 18.14 23.71
C GLN B 653 -5.18 19.39 22.95
N LEU B 654 -4.66 19.25 21.72
CA LEU B 654 -4.13 20.37 20.97
C LEU B 654 -4.96 20.65 19.72
N ALA B 655 -6.28 20.44 19.79
CA ALA B 655 -7.17 20.66 18.65
C ALA B 655 -7.06 22.08 18.07
N GLY B 656 -6.82 23.09 18.92
CA GLY B 656 -6.63 24.45 18.41
C GLY B 656 -5.45 24.57 17.47
N GLN B 657 -4.32 23.94 17.85
CA GLN B 657 -3.13 23.98 17.02
C GLN B 657 -3.32 23.18 15.73
N TRP B 658 -4.05 22.06 15.81
CA TRP B 658 -4.40 21.30 14.61
C TRP B 658 -5.01 22.24 13.57
N TYR B 659 -6.07 22.97 13.98
CA TYR B 659 -6.74 23.88 13.06
C TYR B 659 -5.85 25.06 12.69
N ALA B 660 -5.02 25.56 13.60
CA ALA B 660 -4.12 26.67 13.24
C ALA B 660 -3.17 26.28 12.12
N ASP B 661 -2.68 25.03 12.12
CA ASP B 661 -1.82 24.57 11.04
C ASP B 661 -2.58 24.65 9.72
N ILE B 662 -3.83 24.17 9.71
CA ILE B 662 -4.67 24.17 8.52
C ILE B 662 -4.95 25.59 8.05
N LEU B 663 -5.13 26.50 9.00
CA LEU B 663 -5.51 27.86 8.67
C LEU B 663 -4.28 28.74 8.44
N ARG B 664 -3.09 28.12 8.55
CA ARG B 664 -1.82 28.77 8.30
C ARG B 664 -1.66 29.96 9.25
N LEU B 665 -1.90 29.71 10.54
CA LEU B 665 -1.90 30.73 11.57
C LEU B 665 -0.64 30.64 12.44
N GLY B 666 0.34 29.81 12.06
CA GLY B 666 1.58 29.72 12.80
C GLY B 666 1.44 28.97 14.13
N ASP B 667 2.36 29.27 15.05
CA ASP B 667 2.49 28.53 16.28
C ASP B 667 1.68 29.25 17.34
N ILE B 668 0.58 28.65 17.77
CA ILE B 668 -0.10 29.21 18.92
C ILE B 668 0.56 28.61 20.17
N LEU B 669 1.21 27.47 20.00
CA LEU B 669 1.99 26.86 21.06
C LEU B 669 3.37 26.55 20.48
N PRO B 670 4.41 26.39 21.32
CA PRO B 670 5.78 26.20 20.81
C PRO B 670 5.94 24.88 20.04
N LYS B 671 6.64 24.94 18.90
CA LYS B 671 6.86 23.78 18.05
C LYS B 671 7.30 22.59 18.90
N ASP B 672 8.21 22.85 19.83
CA ASP B 672 8.85 21.82 20.63
C ASP B 672 7.81 21.07 21.49
N HIS B 673 6.84 21.81 22.02
CA HIS B 673 5.85 21.28 22.93
C HIS B 673 4.82 20.46 22.16
N VAL B 674 4.44 20.94 20.97
CA VAL B 674 3.46 20.24 20.14
C VAL B 674 4.01 18.85 19.79
N GLN B 675 5.25 18.86 19.29
CA GLN B 675 5.99 17.66 18.91
C GLN B 675 6.01 16.70 20.08
N LYS B 676 6.39 17.19 21.27
CA LYS B 676 6.42 16.33 22.44
C LYS B 676 5.05 15.77 22.77
N ALA B 677 4.02 16.61 22.71
CA ALA B 677 2.66 16.19 23.06
C ALA B 677 2.14 15.13 22.09
N LEU B 678 2.35 15.36 20.79
CA LEU B 678 1.88 14.41 19.78
C LEU B 678 2.59 13.08 19.97
N LYS B 679 3.90 13.12 20.27
CA LYS B 679 4.69 11.91 20.46
C LYS B 679 4.15 11.14 21.68
N LYS B 680 3.75 11.88 22.72
CA LYS B 680 3.21 11.28 23.92
C LYS B 680 1.87 10.63 23.58
N ILE B 681 1.06 11.33 22.78
CA ILE B 681 -0.26 10.82 22.44
C ILE B 681 -0.06 9.53 21.65
N TYR B 682 0.92 9.51 20.74
CA TYR B 682 1.16 8.32 19.93
C TYR B 682 1.64 7.18 20.83
N GLU B 683 2.62 7.45 21.69
CA GLU B 683 3.17 6.43 22.59
C GLU B 683 2.13 5.88 23.57
N PHE B 684 1.16 6.72 24.02
CA PHE B 684 0.22 6.32 25.05
C PHE B 684 -1.17 6.01 24.47
N ASN B 685 -1.92 7.04 24.08
CA ASN B 685 -3.30 6.86 23.70
C ASN B 685 -3.44 5.89 22.52
N VAL B 686 -2.41 5.82 21.66
CA VAL B 686 -2.41 4.90 20.55
C VAL B 686 -1.74 3.58 20.94
N MET B 687 -0.41 3.59 21.15
CA MET B 687 0.36 2.36 21.22
C MET B 687 0.05 1.54 22.47
N LYS B 688 -0.37 2.15 23.57
CA LYS B 688 -0.73 1.38 24.75
C LYS B 688 -2.22 1.03 24.76
N PHE B 689 -2.97 1.40 23.71
CA PHE B 689 -4.36 1.01 23.59
C PHE B 689 -4.50 -0.11 22.57
N GLU B 690 -4.62 -1.35 23.06
CA GLU B 690 -4.73 -2.53 22.23
C GLU B 690 -3.64 -2.54 21.16
N ASN B 691 -2.42 -2.19 21.58
CA ASN B 691 -1.24 -2.28 20.74
C ASN B 691 -1.35 -1.40 19.49
N GLY B 692 -2.08 -0.27 19.60
CA GLY B 692 -2.13 0.72 18.55
C GLY B 692 -2.88 0.24 17.30
N LYS B 693 -3.76 -0.76 17.44
CA LYS B 693 -4.42 -1.34 16.27
C LYS B 693 -5.87 -0.89 16.14
N MET B 694 -6.31 0.09 16.96
CA MET B 694 -7.71 0.48 16.97
C MET B 694 -7.90 2.00 17.14
N GLY B 695 -6.88 2.82 16.85
CA GLY B 695 -6.96 4.27 16.91
C GLY B 695 -6.46 4.84 18.25
N ALA B 696 -6.76 6.12 18.49
CA ALA B 696 -6.36 6.82 19.69
C ALA B 696 -7.49 6.84 20.74
N VAL B 697 -7.30 6.15 21.87
CA VAL B 697 -8.26 6.28 22.96
C VAL B 697 -8.21 7.72 23.47
N ASN B 698 -9.35 8.25 23.94
CA ASN B 698 -9.48 9.67 24.19
C ASN B 698 -8.67 10.12 25.40
N GLY B 699 -8.69 9.32 26.47
CA GLY B 699 -8.01 9.68 27.70
C GLY B 699 -7.21 8.52 28.28
N MET B 700 -5.91 8.78 28.50
CA MET B 700 -5.05 7.84 29.18
C MET B 700 -4.29 8.52 30.33
N ARG B 701 -4.28 7.85 31.47
CA ARG B 701 -3.55 8.30 32.66
CA ARG B 701 -3.55 8.30 32.65
C ARG B 701 -2.05 8.22 32.38
N PRO B 702 -1.21 9.05 33.05
CA PRO B 702 0.23 9.01 32.83
C PRO B 702 0.90 7.70 33.23
N ASP B 703 0.20 6.82 33.93
CA ASP B 703 0.73 5.51 34.27
C ASP B 703 0.44 4.47 33.16
N GLY B 704 -0.23 4.87 32.07
CA GLY B 704 -0.41 4.01 30.92
C GLY B 704 -1.69 3.18 30.98
N ILE B 705 -2.61 3.58 31.85
CA ILE B 705 -3.90 2.91 32.00
C ILE B 705 -4.97 3.92 31.57
N VAL B 706 -5.99 3.40 30.86
CA VAL B 706 -7.06 4.21 30.30
C VAL B 706 -7.82 4.89 31.44
N ASP B 707 -8.05 6.18 31.26
CA ASP B 707 -8.79 7.00 32.22
C ASP B 707 -10.24 6.51 32.27
N GLU B 708 -10.73 6.29 33.50
CA GLU B 708 -12.08 5.76 33.74
C GLU B 708 -13.02 6.85 34.28
N SER B 709 -12.60 8.11 34.23
CA SER B 709 -13.43 9.20 34.73
C SER B 709 -14.76 9.30 33.97
N ASP B 710 -14.80 8.89 32.70
CA ASP B 710 -16.07 8.80 31.97
C ASP B 710 -15.94 7.83 30.78
N ILE B 711 -17.07 7.25 30.33
CA ILE B 711 -17.09 6.34 29.18
C ILE B 711 -16.41 6.99 27.98
N GLN B 712 -16.58 8.29 27.78
CA GLN B 712 -16.00 8.92 26.62
C GLN B 712 -14.46 8.89 26.68
N ALA B 713 -13.90 8.88 27.89
CA ALA B 713 -12.46 8.81 28.05
C ALA B 713 -11.93 7.46 27.56
N GLN B 714 -12.75 6.41 27.65
CA GLN B 714 -12.37 5.04 27.36
C GLN B 714 -12.74 4.64 25.94
N GLU B 715 -13.18 5.63 25.17
CA GLU B 715 -13.62 5.42 23.80
C GLU B 715 -12.55 5.96 22.85
N VAL B 716 -12.43 5.29 21.70
CA VAL B 716 -11.81 5.87 20.51
C VAL B 716 -12.91 6.56 19.73
N TRP B 717 -12.65 7.81 19.33
CA TRP B 717 -13.57 8.53 18.47
C TRP B 717 -12.94 8.57 17.09
N THR B 718 -13.67 7.94 16.15
CA THR B 718 -13.16 7.71 14.81
C THR B 718 -12.72 9.03 14.22
N GLY B 719 -13.51 10.07 14.41
CA GLY B 719 -13.27 11.34 13.74
C GLY B 719 -12.17 12.17 14.41
N VAL B 720 -12.02 12.00 15.72
CA VAL B 720 -10.94 12.62 16.43
C VAL B 720 -9.61 11.99 16.03
N THR B 721 -9.64 10.67 15.83
CA THR B 721 -8.43 9.92 15.49
C THR B 721 -7.98 10.31 14.09
N TYR B 722 -8.90 10.35 13.11
CA TYR B 722 -8.53 10.74 11.76
C TYR B 722 -7.98 12.18 11.75
N ALA B 723 -8.59 13.11 12.49
CA ALA B 723 -8.08 14.48 12.56
C ALA B 723 -6.71 14.51 13.22
N LEU B 724 -6.51 13.74 14.30
CA LEU B 724 -5.23 13.61 14.96
C LEU B 724 -4.15 13.11 13.99
N ALA B 725 -4.52 12.12 13.14
CA ALA B 725 -3.59 11.63 12.13
C ALA B 725 -3.20 12.76 11.18
N SER B 726 -4.18 13.58 10.77
CA SER B 726 -3.85 14.68 9.88
C SER B 726 -2.89 15.64 10.58
N PHE B 727 -3.08 15.91 11.87
CA PHE B 727 -2.20 16.79 12.62
C PHE B 727 -0.78 16.21 12.69
N MET B 728 -0.65 14.92 13.02
CA MET B 728 0.63 14.23 13.00
C MET B 728 1.31 14.36 11.64
N LYS B 729 0.54 14.18 10.57
CA LYS B 729 1.05 14.28 9.21
C LYS B 729 1.62 15.68 8.97
N TYR B 730 0.89 16.74 9.35
CA TYR B 730 1.33 18.11 9.07
C TYR B 730 2.63 18.39 9.84
N ARG B 731 2.76 17.80 11.04
CA ARG B 731 3.93 18.02 11.88
C ARG B 731 5.07 17.05 11.57
N GLY B 732 5.04 16.43 10.39
CA GLY B 732 6.11 15.59 9.88
C GLY B 732 6.19 14.21 10.53
N MET B 733 5.22 13.81 11.36
CA MET B 733 5.22 12.48 11.96
C MET B 733 4.43 11.52 11.06
N THR B 734 5.01 11.17 9.91
CA THR B 734 4.28 10.46 8.87
C THR B 734 3.94 9.03 9.32
N GLU B 735 4.94 8.30 9.84
CA GLU B 735 4.71 6.94 10.30
C GLU B 735 3.55 6.92 11.30
N GLU B 736 3.64 7.77 12.32
CA GLU B 736 2.68 7.86 13.40
C GLU B 736 1.28 8.20 12.88
N ALA B 737 1.21 9.18 11.98
CA ALA B 737 -0.05 9.61 11.39
C ALA B 737 -0.78 8.42 10.77
N TYR B 738 -0.11 7.66 9.89
CA TYR B 738 -0.80 6.62 9.15
C TYR B 738 -1.07 5.42 10.06
N ASN B 739 -0.18 5.16 11.03
CA ASN B 739 -0.37 4.03 11.93
C ASN B 739 -1.60 4.31 12.80
N THR B 740 -1.73 5.57 13.23
CA THR B 740 -2.87 6.00 14.01
C THR B 740 -4.16 5.81 13.20
N ALA B 741 -4.19 6.32 11.97
CA ALA B 741 -5.39 6.22 11.13
C ALA B 741 -5.70 4.77 10.77
N TYR B 742 -4.65 3.96 10.63
CA TYR B 742 -4.82 2.62 10.11
C TYR B 742 -5.76 1.82 11.02
N GLY B 743 -5.67 2.04 12.33
CA GLY B 743 -6.51 1.35 13.30
C GLY B 743 -8.00 1.55 13.03
N VAL B 744 -8.36 2.78 12.58
CA VAL B 744 -9.74 3.09 12.32
C VAL B 744 -10.20 2.39 11.04
N TYR B 745 -9.36 2.48 10.00
CA TYR B 745 -9.54 1.77 8.75
C TYR B 745 -9.77 0.28 9.08
N LYS B 746 -8.88 -0.30 9.89
CA LYS B 746 -8.89 -1.75 10.10
C LYS B 746 -10.18 -2.18 10.78
N MET B 747 -10.55 -1.47 11.84
CA MET B 747 -11.78 -1.74 12.57
C MET B 747 -13.00 -1.58 11.66
N THR B 748 -12.94 -0.62 10.74
CA THR B 748 -14.08 -0.30 9.90
C THR B 748 -14.22 -1.32 8.77
N TYR B 749 -13.11 -1.63 8.07
CA TYR B 749 -13.16 -2.27 6.76
C TYR B 749 -12.57 -3.68 6.70
N ASP B 750 -11.60 -3.97 7.58
CA ASP B 750 -10.77 -5.15 7.40
C ASP B 750 -11.56 -6.37 7.88
N LYS B 751 -11.27 -7.56 7.32
CA LYS B 751 -11.91 -8.79 7.76
C LYS B 751 -11.62 -9.10 9.24
N SER B 752 -10.56 -8.51 9.83
CA SER B 752 -10.26 -8.70 11.24
C SER B 752 -10.89 -7.60 12.09
N GLY B 753 -11.67 -6.69 11.48
CA GLY B 753 -12.30 -5.61 12.22
C GLY B 753 -13.64 -6.02 12.82
N LYS B 754 -14.54 -5.04 12.96
CA LYS B 754 -15.81 -5.24 13.63
C LYS B 754 -16.99 -5.03 12.71
N GLY B 755 -16.75 -4.82 11.40
CA GLY B 755 -17.80 -4.86 10.40
C GLY B 755 -18.61 -3.57 10.30
N TYR B 756 -17.95 -2.40 10.21
CA TYR B 756 -18.64 -1.11 10.27
C TYR B 756 -18.59 -0.39 8.93
N TRP B 757 -18.24 -1.09 7.86
CA TRP B 757 -18.24 -0.52 6.52
C TRP B 757 -19.62 0.06 6.20
N PHE B 758 -19.58 1.28 5.63
CA PHE B 758 -20.72 2.13 5.34
C PHE B 758 -21.61 2.38 6.56
N ARG B 759 -21.04 2.36 7.76
CA ARG B 759 -21.76 2.83 8.93
C ARG B 759 -20.79 3.23 10.02
N THR B 760 -19.69 3.90 9.62
CA THR B 760 -18.63 4.22 10.57
C THR B 760 -19.24 4.87 11.80
N PRO B 761 -18.97 4.36 13.02
CA PRO B 761 -19.55 4.94 14.23
C PRO B 761 -18.73 6.08 14.83
N GLU B 762 -19.37 6.82 15.74
CA GLU B 762 -18.65 7.80 16.53
C GLU B 762 -17.44 7.11 17.19
N ALA B 763 -17.74 6.01 17.90
CA ALA B 763 -16.86 5.51 18.95
C ALA B 763 -16.86 4.00 19.03
N TRP B 764 -15.72 3.45 19.45
CA TRP B 764 -15.72 2.11 20.00
C TRP B 764 -14.89 2.07 21.29
N THR B 765 -15.14 1.01 22.07
CA THR B 765 -14.36 0.72 23.28
C THR B 765 -13.31 -0.37 22.98
N LYS B 766 -12.54 -0.73 24.01
CA LYS B 766 -11.46 -1.70 23.90
C LYS B 766 -11.94 -3.00 23.24
N ASP B 767 -13.20 -3.39 23.48
CA ASP B 767 -13.71 -4.66 23.03
C ASP B 767 -14.23 -4.59 21.58
N GLY B 768 -14.14 -3.42 20.93
CA GLY B 768 -14.56 -3.30 19.54
C GLY B 768 -16.03 -2.91 19.40
N ASN B 769 -16.81 -2.95 20.49
CA ASN B 769 -18.22 -2.62 20.39
C ASN B 769 -18.36 -1.11 20.26
N TYR B 770 -19.49 -0.64 19.70
CA TYR B 770 -19.60 0.72 19.17
C TYR B 770 -20.69 1.55 19.85
N ARG B 771 -20.60 2.86 19.64
CA ARG B 771 -21.69 3.77 19.88
C ARG B 771 -21.90 4.66 18.64
N ALA B 772 -23.18 4.74 18.21
CA ALA B 772 -23.67 5.62 17.16
C ALA B 772 -23.03 5.29 15.80
N SER B 773 -23.57 4.26 15.15
CA SER B 773 -23.21 3.92 13.78
C SER B 773 -23.72 5.01 12.85
N MET B 774 -23.13 5.13 11.66
CA MET B 774 -23.53 6.08 10.63
C MET B 774 -23.33 7.51 11.13
N TYR B 775 -22.05 7.90 11.32
CA TYR B 775 -21.72 9.10 12.08
C TYR B 775 -20.95 10.12 11.24
N MET B 776 -21.19 11.42 11.50
CA MET B 776 -20.65 12.50 10.70
C MET B 776 -19.15 12.66 10.93
N ARG B 777 -18.67 12.43 12.16
CA ARG B 777 -17.36 12.91 12.57
C ARG B 777 -16.22 12.33 11.71
N PRO B 778 -16.21 11.02 11.34
CA PRO B 778 -15.11 10.41 10.59
C PRO B 778 -14.88 10.88 9.16
N LEU B 779 -15.77 11.73 8.68
CA LEU B 779 -15.53 12.51 7.48
C LEU B 779 -14.26 13.35 7.63
N SER B 780 -13.79 13.53 8.88
CA SER B 780 -12.55 14.25 9.12
C SER B 780 -11.33 13.63 8.43
N ILE B 781 -11.44 12.40 7.91
CA ILE B 781 -10.33 11.79 7.20
C ILE B 781 -9.89 12.70 6.04
N TRP B 782 -10.80 13.47 5.45
CA TRP B 782 -10.43 14.37 4.36
C TRP B 782 -9.47 15.47 4.83
N SER B 783 -9.35 15.73 6.14
CA SER B 783 -8.35 16.71 6.56
C SER B 783 -6.94 16.20 6.24
N MET B 784 -6.78 14.87 6.09
CA MET B 784 -5.50 14.27 5.76
C MET B 784 -5.08 14.64 4.33
N GLU B 785 -6.01 15.15 3.51
CA GLU B 785 -5.70 15.57 2.15
C GLU B 785 -5.41 17.07 2.06
N VAL B 786 -5.40 17.79 3.18
CA VAL B 786 -5.21 19.22 3.12
C VAL B 786 -3.88 19.57 2.47
N ASN B 787 -3.97 20.56 1.56
CA ASN B 787 -2.86 21.08 0.76
C ASN B 787 -2.32 22.37 1.43
CA CA C . 37.53 22.85 -15.87
CL CL D . 39.07 -27.70 10.57
CL CL E . -0.60 -0.78 -0.45
S SO4 F . 8.51 -47.20 -8.40
O1 SO4 F . 7.35 -47.03 -7.55
O2 SO4 F . 8.16 -47.01 -9.79
O3 SO4 F . 9.50 -46.24 -8.06
O4 SO4 F . 9.04 -48.52 -8.22
S SO4 G . -0.41 0.87 -12.56
O1 SO4 G . -0.10 1.93 -11.62
O2 SO4 G . -1.84 0.66 -12.54
O3 SO4 G . 0.01 1.26 -13.88
O4 SO4 G . 0.27 -0.34 -12.19
C4 XHR H . 31.28 -4.60 -22.38
C14 XHR H . 27.53 0.69 -17.29
C5 XHR H . 32.30 -3.83 -21.54
C6 XHR H . 31.98 -3.62 -20.04
C11 XHR H . 30.26 0.12 -14.67
C7 XHR H . 31.13 -2.38 -19.74
C8 XHR H . 30.70 -2.29 -18.27
C9 XHR H . 29.29 -1.17 -16.54
C10 XHR H . 30.17 -1.31 -15.27
C12 XHR H . 29.48 1.02 -15.63
C13 XHR H . 28.41 0.08 -16.21
C3 XHR H . 31.63 -4.74 -23.86
N4 XHR H . 29.87 -1.13 -17.90
O1 XHR H . 31.53 0.71 -14.43
O2 XHR H . 28.87 2.13 -14.97
O3 XHR H . 26.42 -0.12 -17.65
H1 XHR H . 30.41 -4.14 -22.31
H2 XHR H . 31.17 -5.50 -22.00
H3 XHR H . 28.08 0.85 -18.10
H4 XHR H . 27.20 1.56 -16.97
H5 XHR H . 32.42 -2.94 -21.94
H6 XHR H . 33.15 -4.30 -21.60
H7 XHR H . 32.84 -3.54 -19.56
H8 XHR H . 31.51 -4.42 -19.71
H9 XHR H . 29.77 0.11 -13.82
H10 XHR H . 30.32 -2.39 -20.31
H11 XHR H . 31.64 -1.58 -19.96
H12 XHR H . 31.51 -2.28 -17.73
H13 XHR H . 30.20 -3.10 -18.06
H14 XHR H . 28.69 -1.96 -16.53
H16 XHR H . 31.07 -1.65 -15.50
H17 XHR H . 30.08 1.36 -16.35
H18 XHR H . 27.83 -0.17 -15.45
H19 XHR H . 32.51 -4.32 -24.01
H20 XHR H . 31.72 -5.69 -24.07
H22 XHR H . 29.26 -0.85 -18.47
H24 XHR H . 31.42 1.48 -14.10
C2 XHR H . 30.62 -4.12 -24.82
H25 XHR H . 28.46 2.60 -15.53
H26 XHR H . 25.97 0.27 -18.25
H21 XHR H . 29.76 -4.02 -24.36
H23 XHR H . 31.07 -3.95 -25.68
CA CA I . -10.43 31.48 32.93
CL CL J . -1.38 7.92 36.86
C4 XHR K . -28.49 10.64 24.34
C14 XHR K . -21.02 12.72 21.66
C5 XHR K . -28.31 12.16 24.20
C6 XHR K . -27.61 12.61 22.92
C11 XHR K . -22.45 15.65 19.73
C7 XHR K . -26.09 12.69 23.03
C8 XHR K . -25.41 13.01 21.71
C9 XHR K . -23.26 13.47 20.53
C10 XHR K . -23.61 14.65 19.59
C12 XHR K . -21.54 15.08 20.82
C13 XHR K . -21.72 13.57 20.62
C3 XHR K . -28.98 10.14 25.69
N4 XHR K . -23.98 13.31 21.82
O1 XHR K . -22.78 17.00 20.04
O2 XHR K . -20.19 15.52 20.68
O3 XHR K . -20.83 11.38 21.24
H1 XHR K . -27.62 10.22 24.16
H2 XHR K . -29.12 10.35 23.65
H3 XHR K . -21.54 12.72 22.49
H4 XHR K . -20.14 13.11 21.86
H5 XHR K . -27.80 12.49 24.97
H6 XHR K . -29.20 12.57 24.24
H7 XHR K . -27.95 13.48 22.67
H8 XHR K . -27.83 11.98 22.20
H9 XHR K . -21.94 15.65 18.88
H10 XHR K . -25.74 11.84 23.37
H11 XHR K . -25.85 13.40 23.68
H12 XHR K . -25.87 13.79 21.31
H13 XHR K . -25.53 12.24 21.11
H14 XHR K . -23.47 12.65 20.01
H16 XHR K . -24.47 15.06 19.83
H17 XHR K . -21.88 15.35 21.72
H18 XHR K . -21.34 13.35 19.73
H19 XHR K . -28.21 9.95 26.26
H20 XHR K . -29.97 10.12 25.68
H22 XHR K . -23.49 12.83 22.36
H24 XHR K . -22.06 17.44 20.09
H25 XHR K . -19.73 15.18 21.30
H26 XHR K . -20.44 10.95 21.84
S SO4 L . -7.22 1.88 39.48
O1 SO4 L . -8.01 1.06 38.60
O2 SO4 L . -7.73 3.23 39.48
O3 SO4 L . -5.86 1.88 39.03
O4 SO4 L . -7.29 1.33 40.82
#